data_5ZE2
#
_entry.id   5ZE2
#
_cell.length_a   132.770
_cell.length_b   108.120
_cell.length_c   155.740
_cell.angle_alpha   90.00
_cell.angle_beta   114.45
_cell.angle_gamma   90.00
#
_symmetry.space_group_name_H-M   'P 1 21 1'
#
loop_
_entity.id
_entity.type
_entity.pdbx_description
1 polymer 'mouse RAG1'
2 polymer 'mouse RAG2'
3 polymer 'HMGB1 A-B box'
4 polymer 'DNA (31-MER)'
5 polymer 'DNA (31-MER)'
6 polymer 'DNA (40-MER)'
7 polymer 'DNA (30-MER)'
8 polymer 'DNA (40-MER)'
9 polymer 'DNA (30-MER)'
10 non-polymer 'ZINC ION'
11 non-polymer 'MANGANESE (II) ION'
12 non-polymer 1,2-ETHANEDIOL
13 non-polymer 'POTASSIUM ION'
14 water water
#
loop_
_entity_poly.entity_id
_entity_poly.type
_entity_poly.pdbx_seq_one_letter_code
_entity_poly.pdbx_strand_id
1 'polypeptide(L)'
;GPVHINKGGRPRQHLLSLTRRAQKHRLRELKIQVKEFADKEEGGDVKAVCLTLFLLALRARNEHRQADELEAIMQGRGSG
LQPAVCLAIRVNTFLSCSQYHKMYRTVKAITGRQIFQPLHALRNAEKVLLPGYHPFEWQPPLKNVSSRTDVGIIDGLSGL
ASSVDEYPVDTIAKRFRYDSALVSALMDMEEDILEGMRSQDLDDYLNGPFTVVVKESCDGMGDVSEKHGSGPAVPEKAVR
FSFTVMRITIEHGSQNVKVFEEPKPNSELCCKPLCLMLADESDHETLTAILSPLIAEREAMKSSELTLEMGGIPRTFKFI
FRGTGYDEKLVREVEGLEASGSVYICTLCDTTRLEASQNLVFHSITRSHAENLQRYEVWRSNPYHESVEELRDRVKGVSA
KPFIETVPSIDALHCDIGNAAEFYKIFQLEIGEVYKHPNASKEERKRWQATLDKHLRKRMNLKPIMRMNGNFARKLMTQE
TVDAVCELIPSEERHEALRELMDLYLKMKPVWRSSCPAKECPESLCQYSFNSQRFAELLSTKFKYRYEGKITNYFHKTLA
HVPEIIERDGSIGAWASEGNESGNKLFRRFRKMNARQSKCYEMEDVLKHHWLYTSKYLQKFMNAHNA
;
A,C
2 'polypeptide(L)'
;GPVSLQMVTVGHNIALIQPGFSLMNFDGQVFFFGQKGWPKRSCPTGVFHFDIKQNHLKLKPAIFSKDSCYLPPLRYPATC
SYKGSIDSDKHQYIIHGGKTPNNELSDKIYIMSVACKNNKKVTFRCTEKDLVGDVPEPRYGHSIDVVYSRGKSMGVLFGG
RSYMPSTQRTTEKWNSVADCLPHVFLIDFEFGCATSYILPELQDGLSFHVSIARNDTVYILGGHSLASNIRPANLYRIRV
DLPLGTPAVNCTVLPGGISVSSAILTQTNNDEFVIVGGYQLENQKRMVCSLVSLGDNTIEISEMETPDWTSDIKHSKIWF
GSNMGNGTIFLGIPGDNKQAMSEAFYFYTLRCSEEDLSEDQKIVSNSQTSTEDPGDSTPFEDSEEFCFS
;
B,D
3 'polypeptide(L)'
;MGKGDPKKPRGKMSSYAFFVQTCREEHKKKHPDASVNFSEFSKKCSERWKTMSAKEKGKFEDMAKADKARYEREMKTYIP
PKGETKKKFKDPNAPKRPPSAFFLFCSEYRPKIKGEHPGLSIGDVAKKLGEMWNNTAADDKQPYEKKAAKLKEKYEKDIA
AYR
;
N
4 'polydeoxyribonucleotide'
;(DA)(DA)(DT)(DC)(DT)(DG)(DG)(DC)(DC)(DT)(DG)(DT)(DC)(DT)(DT)(DA)(DT)(DA)(DA)(DG)
(DA)(DC)(DA)(DG)(DG)(DC)(DC)(DA)(DG)(DA)(DT)
;
I
5 'polydeoxyribonucleotide'
;(DT)(DA)(DT)(DC)(DT)(DG)(DG)(DC)(DC)(DT)(DG)(DT)(DC)(DT)(DT)(DA)(DT)(DA)(DA)(DG)
(DA)(DC)(DA)(DG)(DG)(DC)(DC)(DA)(DG)(DA)(DT)
;
J
6 'polydeoxyribonucleotide'
;(DC)(DG)(DG)(DT)(DT)(DT)(DT)(DT)(DG)(DT)(DC)(DT)(DG)(DG)(DC)(DT)(DT)(DC)(DA)(DC)
(DA)(DC)(DT)(DT)(DG)(DA)(DT)(DT)(DT)(DG)(DC)(DA)(DT)(DC)(DA)(DC)(DT)(DG)(DT)(DG)
;
G
7 'polydeoxyribonucleotide'
;(DC)(DA)(DC)(DA)(DG)(DT)(DG)(DA)(DT)(DA)(DC)(DA)(DG)(DC)(DC)(DC)(DT)(DT)(DA)(DA)
(DC)(DA)(DA)(DA)(DA)(DA)(DC)(DC)(DC)(DG)
;
L
8 'polydeoxyribonucleotide'
;(DC)(DA)(DC)(DA)(DG)(DT)(DG)(DA)(DT)(DG)(DC)(DA)(DA)(DA)(DT)(DC)(DA)(DA)(DG)(DT)
(DG)(DT)(DG)(DA)(DA)(DG)(DC)(DC)(DA)(DG)(DA)(DC)(DA)(DA)(DA)(DA)(DA)(DC)(DC)(DC)
;
M
9 'polydeoxyribonucleotide'
;(DC)(DG)(DG)(DG)(DT)(DT)(DT)(DT)(DT)(DG)(DT)(DT)(DA)(DA)(DG)(DG)(DG)(DC)(DT)(DG)
(DT)(DA)(DT)(DC)(DA)(DC)(DT)(DG)(DT)(DG)
;
F
#
# COMPACT_ATOMS: atom_id res chain seq x y z
N ARG A 10 8.01 -64.89 -13.95
CA ARG A 10 8.33 -63.58 -13.39
C ARG A 10 8.55 -62.59 -14.54
N PRO A 11 7.55 -61.75 -14.80
CA PRO A 11 7.70 -60.74 -15.85
C PRO A 11 8.92 -59.86 -15.58
N ARG A 12 9.66 -59.56 -16.64
CA ARG A 12 10.88 -58.76 -16.49
C ARG A 12 10.56 -57.37 -15.97
N GLN A 13 11.14 -57.03 -14.80
CA GLN A 13 11.00 -55.69 -14.23
C GLN A 13 11.60 -54.65 -15.17
N HIS A 14 11.48 -53.38 -14.82
CA HIS A 14 12.18 -52.34 -15.57
C HIS A 14 13.65 -52.33 -15.17
N LEU A 15 14.51 -52.03 -16.14
CA LEU A 15 15.94 -52.21 -15.93
C LEU A 15 16.47 -51.30 -14.83
N LEU A 16 15.81 -50.17 -14.58
CA LEU A 16 16.31 -49.22 -13.59
C LEU A 16 16.00 -49.64 -12.16
N SER A 17 15.01 -50.52 -11.97
CA SER A 17 14.63 -50.93 -10.62
C SER A 17 15.60 -51.95 -10.03
N LEU A 18 16.27 -52.71 -10.87
CA LEU A 18 17.03 -53.85 -10.41
C LEU A 18 18.26 -53.41 -9.63
N THR A 19 18.72 -54.27 -8.73
CA THR A 19 19.98 -54.00 -8.04
C THR A 19 21.13 -54.07 -9.03
N ARG A 20 22.28 -53.51 -8.62
CA ARG A 20 23.48 -53.57 -9.44
C ARG A 20 23.71 -54.96 -9.98
N ARG A 21 23.75 -55.96 -9.07
CA ARG A 21 23.96 -57.33 -9.50
C ARG A 21 22.94 -57.77 -10.54
N ALA A 22 21.72 -57.21 -10.49
CA ALA A 22 20.68 -57.68 -11.39
C ALA A 22 20.75 -57.00 -12.74
N GLN A 23 21.08 -55.70 -12.77
CA GLN A 23 21.25 -55.04 -14.07
C GLN A 23 22.51 -55.53 -14.77
N LYS A 24 23.51 -55.98 -14.01
CA LYS A 24 24.67 -56.62 -14.61
C LYS A 24 24.28 -57.85 -15.41
N HIS A 25 23.40 -58.70 -14.85
CA HIS A 25 23.03 -59.92 -15.56
C HIS A 25 22.29 -59.62 -16.85
N ARG A 26 21.51 -58.54 -16.90
CA ARG A 26 20.71 -58.27 -18.09
C ARG A 26 21.53 -57.64 -19.21
N LEU A 27 22.57 -56.90 -18.86
CA LEU A 27 23.41 -56.22 -19.84
C LEU A 27 24.73 -56.94 -20.09
N ARG A 28 25.02 -58.01 -19.34
CA ARG A 28 26.27 -58.76 -19.56
C ARG A 28 26.40 -59.26 -20.98
N GLU A 29 25.28 -59.39 -21.71
CA GLU A 29 25.34 -59.72 -23.13
C GLU A 29 25.73 -58.51 -23.98
N LEU A 30 25.24 -57.31 -23.62
CA LEU A 30 25.62 -56.09 -24.33
C LEU A 30 26.92 -55.51 -23.78
N LYS A 31 27.27 -55.81 -22.54
CA LYS A 31 28.52 -55.34 -21.97
C LYS A 31 29.72 -55.97 -22.68
N ILE A 32 29.70 -57.29 -22.87
CA ILE A 32 30.77 -57.98 -23.58
C ILE A 32 30.81 -57.54 -25.03
N GLN A 33 29.67 -57.13 -25.58
CA GLN A 33 29.65 -56.60 -26.94
C GLN A 33 30.34 -55.25 -27.03
N VAL A 34 30.30 -54.46 -25.97
CA VAL A 34 30.90 -53.13 -25.99
C VAL A 34 32.41 -53.19 -25.76
N LYS A 35 32.87 -54.07 -24.85
CA LYS A 35 34.30 -54.26 -24.66
C LYS A 35 35.01 -54.55 -25.98
N GLU A 36 34.38 -55.35 -26.86
CA GLU A 36 34.91 -55.57 -28.19
C GLU A 36 35.07 -54.26 -28.95
N PHE A 37 33.96 -53.52 -29.13
CA PHE A 37 34.02 -52.24 -29.84
C PHE A 37 35.11 -51.34 -29.27
N ALA A 38 35.42 -51.47 -27.99
CA ALA A 38 36.39 -50.57 -27.38
C ALA A 38 37.81 -50.94 -27.78
N ASP A 39 38.17 -52.22 -27.68
CA ASP A 39 39.52 -52.63 -28.02
C ASP A 39 39.79 -52.47 -29.50
N LYS A 40 38.79 -52.77 -30.34
CA LYS A 40 38.96 -52.67 -31.79
C LYS A 40 39.03 -51.23 -32.25
N GLU A 41 38.17 -50.36 -31.72
CA GLU A 41 38.08 -49.01 -32.23
C GLU A 41 38.77 -47.99 -31.34
N GLU A 42 38.58 -48.05 -30.01
CA GLU A 42 39.07 -47.01 -29.12
C GLU A 42 40.17 -47.48 -28.16
N GLY A 43 40.78 -48.63 -28.40
CA GLY A 43 41.90 -49.01 -27.57
C GLY A 43 41.47 -49.36 -26.16
N GLY A 44 40.27 -49.91 -26.01
CA GLY A 44 39.83 -50.46 -24.74
C GLY A 44 39.39 -49.46 -23.70
N ASP A 45 39.25 -48.17 -24.06
CA ASP A 45 38.76 -47.13 -23.17
C ASP A 45 37.24 -47.22 -23.20
N VAL A 46 36.71 -48.08 -22.33
CA VAL A 46 35.26 -48.27 -22.24
C VAL A 46 34.64 -47.06 -21.53
N LYS A 47 35.31 -46.55 -20.50
CA LYS A 47 34.83 -45.36 -19.82
C LYS A 47 34.50 -44.26 -20.82
N ALA A 48 35.44 -43.91 -21.71
CA ALA A 48 35.18 -42.85 -22.67
C ALA A 48 34.10 -43.23 -23.69
N VAL A 49 33.98 -44.52 -24.08
CA VAL A 49 33.04 -44.80 -25.15
C VAL A 49 31.61 -44.87 -24.59
N CYS A 50 31.44 -45.32 -23.36
CA CYS A 50 30.11 -45.26 -22.75
C CYS A 50 29.71 -43.83 -22.40
N LEU A 51 30.61 -43.05 -21.78
CA LEU A 51 30.33 -41.64 -21.50
C LEU A 51 29.85 -40.90 -22.73
N THR A 52 30.49 -41.15 -23.88
CA THR A 52 30.06 -40.51 -25.12
C THR A 52 28.81 -41.13 -25.70
N LEU A 53 28.60 -42.43 -25.49
CA LEU A 53 27.39 -43.03 -26.02
C LEU A 53 26.16 -42.56 -25.25
N PHE A 54 26.32 -42.33 -23.94
CA PHE A 54 25.23 -41.81 -23.11
C PHE A 54 24.95 -40.35 -23.43
N LEU A 55 25.95 -39.47 -23.23
CA LEU A 55 25.80 -38.05 -23.57
C LEU A 55 25.14 -37.84 -24.92
N LEU A 56 25.47 -38.69 -25.89
CA LEU A 56 24.87 -38.53 -27.21
C LEU A 56 23.45 -39.07 -27.22
N ALA A 57 23.21 -40.15 -26.49
CA ALA A 57 21.86 -40.66 -26.37
C ALA A 57 20.93 -39.59 -25.82
N LEU A 58 21.40 -38.84 -24.80
CA LEU A 58 20.61 -37.78 -24.18
C LEU A 58 20.25 -36.73 -25.22
N ARG A 59 21.24 -35.98 -25.71
CA ARG A 59 20.95 -34.94 -26.69
C ARG A 59 20.12 -35.45 -27.86
N ALA A 60 20.17 -36.75 -28.14
CA ALA A 60 19.30 -37.32 -29.15
C ALA A 60 17.83 -37.17 -28.77
N ARG A 61 17.53 -37.23 -27.47
CA ARG A 61 16.16 -37.09 -26.99
C ARG A 61 15.85 -35.68 -26.50
N ASN A 62 16.47 -34.67 -27.11
CA ASN A 62 16.50 -33.28 -26.67
C ASN A 62 16.53 -33.18 -25.14
N GLU A 63 17.61 -33.71 -24.56
CA GLU A 63 17.85 -33.69 -23.12
C GLU A 63 19.22 -33.09 -22.84
N HIS A 64 19.40 -31.87 -23.34
CA HIS A 64 20.70 -31.23 -23.26
C HIS A 64 21.11 -30.92 -21.82
N ARG A 65 20.14 -30.64 -20.93
CA ARG A 65 20.53 -30.20 -19.59
C ARG A 65 21.28 -31.30 -18.85
N GLN A 66 20.74 -32.52 -18.86
CA GLN A 66 21.41 -33.63 -18.18
C GLN A 66 22.82 -33.83 -18.72
N ALA A 67 22.94 -33.89 -20.05
CA ALA A 67 24.24 -34.09 -20.70
C ALA A 67 25.21 -32.97 -20.33
N ASP A 68 24.74 -31.72 -20.33
CA ASP A 68 25.60 -30.59 -20.00
C ASP A 68 26.08 -30.64 -18.56
N GLU A 69 25.19 -31.06 -17.64
CA GLU A 69 25.60 -31.18 -16.23
C GLU A 69 26.60 -32.32 -16.07
N LEU A 70 26.28 -33.49 -16.62
CA LEU A 70 27.22 -34.63 -16.59
C LEU A 70 28.58 -34.23 -17.16
N GLU A 71 28.59 -33.43 -18.22
CA GLU A 71 29.84 -32.87 -18.68
C GLU A 71 30.54 -32.07 -17.59
N ALA A 72 29.80 -31.18 -16.91
CA ALA A 72 30.41 -30.37 -15.88
C ALA A 72 30.85 -31.18 -14.66
N ILE A 73 30.31 -32.40 -14.48
CA ILE A 73 30.69 -33.22 -13.34
C ILE A 73 31.79 -34.23 -13.67
N MET A 74 32.01 -34.55 -14.96
CA MET A 74 33.23 -35.24 -15.37
C MET A 74 34.41 -34.28 -15.33
N GLN A 75 34.22 -33.05 -15.81
CA GLN A 75 35.21 -32.01 -15.58
C GLN A 75 35.36 -31.70 -14.10
N GLY A 76 34.27 -31.83 -13.33
CA GLY A 76 34.33 -31.78 -11.88
C GLY A 76 34.42 -30.40 -11.26
N ARG A 77 34.27 -29.33 -12.05
CA ARG A 77 34.36 -27.98 -11.51
C ARG A 77 33.19 -27.71 -10.56
N GLY A 78 33.52 -27.17 -9.38
CA GLY A 78 32.48 -26.88 -8.40
C GLY A 78 31.65 -25.67 -8.79
N SER A 79 30.40 -25.68 -8.36
CA SER A 79 29.44 -24.62 -8.66
C SER A 79 29.13 -23.83 -7.39
N GLY A 80 29.22 -22.51 -7.49
CA GLY A 80 29.02 -21.64 -6.35
C GLY A 80 29.18 -20.19 -6.71
N LEU A 81 28.37 -19.34 -6.07
CA LEU A 81 28.35 -17.92 -6.41
C LEU A 81 29.18 -17.16 -5.39
N GLN A 82 30.01 -16.25 -5.88
CA GLN A 82 30.76 -15.40 -4.97
C GLN A 82 29.79 -14.54 -4.16
N PRO A 83 30.08 -14.28 -2.87
CA PRO A 83 29.15 -13.44 -2.10
C PRO A 83 28.75 -12.15 -2.80
N ALA A 84 29.70 -11.37 -3.30
CA ALA A 84 29.32 -10.14 -4.00
C ALA A 84 28.35 -10.40 -5.15
N VAL A 85 28.40 -11.59 -5.78
CA VAL A 85 27.38 -11.98 -6.75
C VAL A 85 26.03 -12.14 -6.06
N CYS A 86 26.02 -12.91 -4.95
CA CYS A 86 24.80 -13.13 -4.20
C CYS A 86 24.18 -11.81 -3.75
N LEU A 87 25.00 -10.87 -3.31
CA LEU A 87 24.50 -9.57 -2.90
C LEU A 87 23.75 -8.89 -4.04
N ALA A 88 24.34 -8.87 -5.23
CA ALA A 88 23.70 -8.24 -6.37
C ALA A 88 22.35 -8.88 -6.67
N ILE A 89 22.25 -10.20 -6.53
CA ILE A 89 20.97 -10.86 -6.77
C ILE A 89 19.96 -10.47 -5.69
N ARG A 90 20.39 -10.47 -4.43
CA ARG A 90 19.54 -9.98 -3.34
C ARG A 90 19.13 -8.53 -3.59
N VAL A 91 20.09 -7.61 -3.64
CA VAL A 91 19.75 -6.20 -3.80
C VAL A 91 18.89 -5.96 -5.03
N ASN A 92 19.22 -6.58 -6.16
CA ASN A 92 18.57 -6.11 -7.37
C ASN A 92 17.27 -6.82 -7.73
N THR A 93 17.06 -8.04 -7.23
CA THR A 93 15.75 -8.69 -7.35
C THR A 93 14.80 -8.33 -6.20
N PHE A 94 15.18 -7.37 -5.37
CA PHE A 94 14.36 -6.87 -4.27
C PHE A 94 14.17 -7.86 -3.13
N LEU A 95 14.84 -9.01 -3.16
CA LEU A 95 14.68 -9.96 -2.06
C LEU A 95 15.11 -9.35 -0.74
N SER A 96 14.38 -9.70 0.31
CA SER A 96 14.80 -9.36 1.66
C SER A 96 15.76 -10.41 2.15
N CYS A 97 16.60 -10.04 3.12
CA CYS A 97 17.42 -11.07 3.73
C CYS A 97 16.57 -12.24 4.19
N SER A 98 15.43 -11.96 4.82
CA SER A 98 14.65 -13.06 5.39
C SER A 98 14.01 -13.92 4.32
N GLN A 99 13.72 -13.36 3.14
CA GLN A 99 13.29 -14.15 1.99
C GLN A 99 14.47 -14.84 1.33
N TYR A 100 15.54 -14.08 1.09
CA TYR A 100 16.76 -14.66 0.55
C TYR A 100 17.24 -15.84 1.40
N HIS A 101 17.25 -15.69 2.72
CA HIS A 101 17.63 -16.80 3.58
C HIS A 101 16.79 -18.05 3.32
N LYS A 102 15.52 -17.87 2.93
CA LYS A 102 14.68 -19.04 2.67
C LYS A 102 15.10 -19.73 1.40
N MET A 103 15.42 -18.94 0.37
CA MET A 103 15.95 -19.47 -0.87
C MET A 103 17.25 -20.22 -0.63
N TYR A 104 18.28 -19.50 -0.15
CA TYR A 104 19.54 -20.11 0.25
C TYR A 104 19.36 -21.43 0.99
N ARG A 105 18.62 -21.40 2.10
CA ARG A 105 18.42 -22.62 2.88
C ARG A 105 17.90 -23.78 2.03
N THR A 106 16.87 -23.50 1.22
CA THR A 106 16.20 -24.57 0.47
C THR A 106 17.08 -25.08 -0.66
N VAL A 107 17.88 -24.19 -1.26
CA VAL A 107 18.79 -24.61 -2.32
C VAL A 107 19.85 -25.56 -1.74
N LYS A 108 20.48 -25.16 -0.63
CA LYS A 108 21.50 -26.01 -0.02
C LYS A 108 20.94 -27.36 0.43
N ALA A 109 19.65 -27.46 0.74
CA ALA A 109 19.18 -28.72 1.27
C ALA A 109 18.71 -29.70 0.20
N ILE A 110 18.37 -29.22 -0.98
CA ILE A 110 17.92 -30.08 -2.07
C ILE A 110 19.07 -30.48 -2.99
N THR A 111 19.99 -29.55 -3.25
CA THR A 111 21.17 -29.87 -4.02
C THR A 111 22.36 -30.30 -3.18
N GLY A 112 22.26 -30.23 -1.85
CA GLY A 112 23.37 -30.59 -0.98
C GLY A 112 24.52 -29.60 -1.06
N ARG A 113 24.47 -28.71 -2.05
CA ARG A 113 25.54 -27.77 -2.35
C ARG A 113 25.11 -26.34 -2.00
N GLN A 114 26.09 -25.57 -1.54
CA GLN A 114 25.86 -24.22 -1.03
C GLN A 114 26.03 -23.20 -2.17
N ILE A 115 25.13 -23.31 -3.16
CA ILE A 115 25.19 -22.44 -4.35
C ILE A 115 25.25 -20.98 -3.95
N PHE A 116 24.23 -20.55 -3.20
CA PHE A 116 24.17 -19.22 -2.60
C PHE A 116 24.92 -19.20 -1.27
N GLN A 117 25.50 -18.06 -0.96
CA GLN A 117 26.21 -17.94 0.30
C GLN A 117 25.25 -17.53 1.44
N PRO A 118 25.53 -17.95 2.67
CA PRO A 118 24.68 -17.52 3.78
C PRO A 118 24.87 -16.04 4.03
N LEU A 119 23.98 -15.52 4.89
CA LEU A 119 23.76 -14.07 4.93
C LEU A 119 24.94 -13.32 5.51
N HIS A 120 25.61 -13.90 6.52
CA HIS A 120 26.72 -13.22 7.17
C HIS A 120 27.81 -12.80 6.18
N ALA A 121 27.94 -13.54 5.07
CA ALA A 121 28.97 -13.25 4.08
C ALA A 121 28.53 -12.15 3.11
N LEU A 122 27.27 -12.23 2.63
CA LEU A 122 26.69 -11.09 1.91
C LEU A 122 26.83 -9.82 2.73
N ARG A 123 26.54 -9.92 4.03
CA ARG A 123 26.67 -8.77 4.91
C ARG A 123 28.11 -8.33 5.05
N ASN A 124 29.06 -9.20 4.70
CA ASN A 124 30.47 -8.80 4.66
C ASN A 124 30.84 -8.17 3.33
N ALA A 125 30.28 -8.70 2.24
CA ALA A 125 30.48 -8.08 0.93
C ALA A 125 29.98 -6.65 0.91
N GLU A 126 28.87 -6.38 1.63
CA GLU A 126 28.30 -5.03 1.69
C GLU A 126 29.35 -4.01 2.08
N LYS A 127 30.29 -4.41 2.94
CA LYS A 127 31.15 -3.43 3.61
C LYS A 127 31.95 -2.59 2.63
N VAL A 128 32.32 -3.17 1.49
CA VAL A 128 33.12 -2.43 0.51
C VAL A 128 32.31 -1.31 -0.11
N LEU A 129 31.03 -1.56 -0.39
CA LEU A 129 30.21 -0.73 -1.26
C LEU A 129 29.64 0.50 -0.56
N LEU A 130 29.67 0.55 0.84
CA LEU A 130 29.11 1.54 1.73
C LEU A 130 30.16 2.52 2.20
N PRO A 131 29.77 3.78 2.44
CA PRO A 131 30.74 4.79 2.86
C PRO A 131 31.49 4.39 4.12
N GLY A 132 32.68 4.99 4.27
CA GLY A 132 33.56 4.72 5.39
C GLY A 132 34.61 3.65 5.15
N TYR A 133 34.62 2.98 3.99
CA TYR A 133 35.52 1.85 3.83
C TYR A 133 36.83 2.22 3.16
N HIS A 134 36.76 3.02 2.10
CA HIS A 134 37.97 3.36 1.38
C HIS A 134 38.62 4.61 1.96
N PRO A 135 39.95 4.65 2.03
CA PRO A 135 40.64 5.83 2.56
C PRO A 135 40.88 6.87 1.48
N PHE A 136 40.96 8.11 1.93
CA PHE A 136 41.06 9.25 1.03
C PHE A 136 41.71 10.39 1.82
N GLU A 137 41.88 11.54 1.16
CA GLU A 137 42.24 12.75 1.91
C GLU A 137 41.98 13.98 1.04
N TRP A 138 41.87 15.11 1.71
CA TRP A 138 41.49 16.37 1.10
C TRP A 138 42.65 17.34 1.24
N GLN A 139 43.12 17.87 0.12
CA GLN A 139 44.15 18.89 0.13
C GLN A 139 43.59 20.16 -0.51
N PRO A 140 43.40 21.25 0.24
CA PRO A 140 43.61 21.40 1.68
C PRO A 140 42.57 20.63 2.46
N PRO A 141 42.78 20.40 3.75
CA PRO A 141 41.76 19.72 4.55
C PRO A 141 40.47 20.53 4.56
N LEU A 142 39.36 19.80 4.73
CA LEU A 142 38.04 20.42 4.66
C LEU A 142 37.77 21.25 5.92
N LYS A 143 37.18 22.42 5.73
CA LYS A 143 36.85 23.30 6.85
C LYS A 143 35.69 22.73 7.65
N ASN A 144 35.89 22.59 8.96
CA ASN A 144 34.88 22.20 9.94
C ASN A 144 34.38 20.76 9.74
N VAL A 145 35.07 19.96 8.97
CA VAL A 145 34.71 18.58 8.74
C VAL A 145 35.73 17.70 9.44
N SER A 146 35.30 16.56 9.95
CA SER A 146 36.27 15.63 10.52
C SER A 146 36.99 14.88 9.41
N SER A 147 38.24 14.52 9.67
CA SER A 147 39.05 13.86 8.64
C SER A 147 39.11 12.35 8.82
N ARG A 148 38.39 11.79 9.80
CA ARG A 148 38.19 10.35 9.86
C ARG A 148 37.69 9.85 8.51
N THR A 149 38.12 8.65 8.11
CA THR A 149 37.60 8.11 6.86
C THR A 149 36.76 6.85 7.07
N ASP A 150 36.53 6.42 8.31
CA ASP A 150 35.66 5.29 8.57
C ASP A 150 34.32 5.73 9.16
N VAL A 151 33.64 6.69 8.52
CA VAL A 151 32.41 7.28 9.03
C VAL A 151 31.27 6.87 8.09
N GLY A 152 30.50 5.88 8.51
CA GLY A 152 29.44 5.36 7.66
C GLY A 152 28.16 6.13 7.86
N ILE A 153 27.22 5.49 8.56
CA ILE A 153 25.91 6.09 8.85
C ILE A 153 25.98 6.89 10.14
N ILE A 154 25.63 8.15 10.06
CA ILE A 154 25.77 9.12 11.13
C ILE A 154 24.39 9.53 11.58
N ASP A 155 24.25 9.93 12.85
CA ASP A 155 22.95 10.40 13.28
C ASP A 155 22.62 11.77 12.68
N GLY A 156 21.46 11.85 12.02
CA GLY A 156 21.04 12.99 11.21
C GLY A 156 20.68 14.23 11.99
N LEU A 157 20.42 14.07 13.28
CA LEU A 157 20.25 15.22 14.17
C LEU A 157 21.59 15.92 14.43
N SER A 158 22.70 15.23 14.20
CA SER A 158 24.05 15.78 14.38
C SER A 158 24.13 16.52 15.72
N GLY A 159 24.01 15.74 16.79
CA GLY A 159 24.13 16.25 18.14
C GLY A 159 23.14 17.33 18.50
N LEU A 160 21.98 17.35 17.86
CA LEU A 160 20.95 18.33 18.20
C LEU A 160 20.55 18.20 19.66
N ALA A 161 20.41 19.33 20.33
CA ALA A 161 20.10 19.31 21.75
C ALA A 161 18.65 18.91 21.99
N SER A 162 18.45 17.95 22.89
CA SER A 162 17.14 17.36 23.12
C SER A 162 16.68 17.40 24.58
N SER A 163 17.43 18.05 25.47
CA SER A 163 16.96 18.18 26.84
C SER A 163 15.62 18.91 26.86
N VAL A 164 14.87 18.71 27.94
CA VAL A 164 13.48 19.15 28.00
C VAL A 164 13.37 20.67 27.99
N ASP A 165 14.45 21.38 28.35
CA ASP A 165 14.45 22.83 28.29
C ASP A 165 14.48 23.35 26.88
N GLU A 166 15.08 22.60 25.96
CA GLU A 166 15.38 23.03 24.60
C GLU A 166 14.11 23.02 23.74
N TYR A 167 14.27 23.36 22.46
CA TYR A 167 13.19 23.20 21.50
C TYR A 167 12.90 21.72 21.29
N PRO A 168 11.63 21.35 21.14
CA PRO A 168 11.28 19.92 21.10
C PRO A 168 11.78 19.26 19.83
N VAL A 169 12.38 18.08 19.99
CA VAL A 169 12.91 17.28 18.89
C VAL A 169 11.86 16.25 18.48
N ASP A 170 11.29 16.42 17.31
CA ASP A 170 10.20 15.57 16.91
C ASP A 170 10.50 14.77 15.66
N THR A 171 11.79 14.58 15.32
CA THR A 171 12.15 13.89 14.08
C THR A 171 13.22 12.84 14.33
N ILE A 172 13.27 11.86 13.44
CA ILE A 172 14.38 10.93 13.38
C ILE A 172 15.02 11.07 12.02
N ALA A 173 16.34 10.98 11.99
CA ALA A 173 17.10 11.15 10.75
C ALA A 173 18.40 10.38 10.85
N LYS A 174 18.85 9.90 9.69
CA LYS A 174 20.19 9.34 9.52
C LYS A 174 20.73 9.78 8.16
N ARG A 175 22.05 9.78 8.04
CA ARG A 175 22.68 10.26 6.81
C ARG A 175 24.10 9.71 6.71
N PHE A 176 24.69 9.91 5.53
CA PHE A 176 26.11 9.73 5.29
C PHE A 176 26.81 11.08 5.29
N ARG A 177 28.09 11.08 5.67
CA ARG A 177 28.88 12.31 5.58
C ARG A 177 29.21 12.59 4.12
N TYR A 178 28.98 13.83 3.68
CA TYR A 178 28.87 14.11 2.25
C TYR A 178 30.08 13.60 1.47
N ASP A 179 31.28 14.03 1.86
CA ASP A 179 32.48 13.52 1.20
C ASP A 179 32.49 12.00 1.24
N SER A 180 32.52 11.40 2.45
CA SER A 180 32.65 9.95 2.57
C SER A 180 31.65 9.20 1.68
N ALA A 181 30.48 9.81 1.47
CA ALA A 181 29.55 9.31 0.46
C ALA A 181 30.15 9.39 -0.94
N LEU A 182 30.61 10.60 -1.34
CA LEU A 182 31.11 10.82 -2.70
C LEU A 182 32.23 9.85 -3.04
N VAL A 183 33.22 9.77 -2.17
CA VAL A 183 34.25 8.73 -2.21
C VAL A 183 33.64 7.39 -2.56
N SER A 184 32.70 6.91 -1.74
CA SER A 184 32.17 5.58 -2.04
C SER A 184 31.37 5.58 -3.33
N ALA A 185 30.89 6.74 -3.76
CA ALA A 185 30.28 6.83 -5.08
C ALA A 185 31.31 6.57 -6.16
N LEU A 186 32.40 7.37 -6.16
CA LEU A 186 33.46 7.22 -7.15
C LEU A 186 33.97 5.78 -7.20
N MET A 187 34.31 5.21 -6.05
CA MET A 187 34.86 3.86 -6.04
C MET A 187 33.90 2.85 -6.64
N ASP A 188 32.60 3.11 -6.54
CA ASP A 188 31.65 2.26 -7.26
C ASP A 188 31.86 2.38 -8.77
N MET A 189 32.08 3.59 -9.26
CA MET A 189 32.16 3.89 -10.67
C MET A 189 33.50 3.55 -11.27
N GLU A 190 34.42 3.03 -10.45
CA GLU A 190 35.83 2.93 -10.79
C GLU A 190 35.98 2.16 -12.09
N GLU A 191 35.44 0.93 -12.17
CA GLU A 191 35.52 0.13 -13.38
C GLU A 191 34.94 0.88 -14.58
N ASP A 192 33.83 1.61 -14.39
CA ASP A 192 33.20 2.34 -15.48
C ASP A 192 34.03 3.55 -15.89
N ILE A 193 34.80 4.12 -14.94
CA ILE A 193 35.64 5.28 -15.21
C ILE A 193 36.87 4.88 -16.02
N LEU A 194 37.53 3.79 -15.61
CA LEU A 194 38.62 3.24 -16.40
C LEU A 194 38.21 3.09 -17.87
N GLU A 195 37.14 2.35 -18.14
CA GLU A 195 36.73 2.14 -19.53
C GLU A 195 36.42 3.45 -20.24
N GLY A 196 36.05 4.49 -19.51
CA GLY A 196 35.70 5.74 -20.16
C GLY A 196 36.91 6.45 -20.72
N MET A 197 38.03 6.35 -20.02
CA MET A 197 39.30 6.76 -20.59
C MET A 197 39.71 5.88 -21.76
N ARG A 198 39.72 4.55 -21.58
CA ARG A 198 40.09 3.64 -22.65
C ARG A 198 39.33 3.92 -23.95
N SER A 199 38.00 3.94 -23.90
CA SER A 199 37.29 4.25 -25.14
C SER A 199 37.44 5.71 -25.58
N GLN A 200 38.13 6.56 -24.83
CA GLN A 200 38.54 7.88 -25.29
C GLN A 200 40.00 7.91 -25.73
N ASP A 201 40.64 6.75 -25.81
CA ASP A 201 42.06 6.61 -26.13
C ASP A 201 42.91 7.51 -25.24
N LEU A 202 42.92 7.11 -23.95
CA LEU A 202 43.70 7.75 -22.90
C LEU A 202 44.35 6.66 -22.06
N ASP A 203 45.25 7.09 -21.18
CA ASP A 203 45.99 6.16 -20.36
C ASP A 203 45.16 5.81 -19.12
N ASP A 204 44.84 4.53 -18.98
CA ASP A 204 44.21 3.95 -17.79
C ASP A 204 44.78 4.51 -16.50
N TYR A 205 46.10 4.63 -16.43
CA TYR A 205 46.85 5.05 -15.26
C TYR A 205 46.94 6.56 -15.16
N LEU A 206 46.55 7.27 -16.22
CA LEU A 206 46.51 8.73 -16.21
C LEU A 206 45.67 9.22 -15.02
N ASN A 207 46.17 10.23 -14.32
CA ASN A 207 45.59 10.56 -13.01
C ASN A 207 45.30 12.05 -12.86
N GLY A 208 45.12 12.78 -13.96
CA GLY A 208 45.05 14.21 -13.93
C GLY A 208 43.86 14.70 -13.13
N PRO A 209 43.66 16.01 -13.12
CA PRO A 209 42.54 16.57 -12.33
C PRO A 209 41.16 16.30 -12.95
N PHE A 210 40.55 15.19 -12.55
CA PHE A 210 39.18 14.88 -12.94
C PHE A 210 38.21 15.90 -12.35
N THR A 211 37.07 16.07 -13.00
CA THR A 211 35.99 16.89 -12.44
C THR A 211 34.69 16.09 -12.39
N VAL A 212 34.05 16.08 -11.23
CA VAL A 212 32.81 15.34 -11.00
C VAL A 212 31.68 16.36 -10.82
N VAL A 213 30.78 16.41 -11.79
CA VAL A 213 29.56 17.21 -11.70
C VAL A 213 28.48 16.33 -11.08
N VAL A 214 27.89 16.83 -10.00
CA VAL A 214 26.95 16.09 -9.16
C VAL A 214 25.61 16.84 -9.18
N LYS A 215 24.54 16.12 -9.51
CA LYS A 215 23.18 16.62 -9.41
C LYS A 215 22.67 16.40 -7.99
N GLU A 216 22.14 17.45 -7.38
CA GLU A 216 21.61 17.41 -6.03
C GLU A 216 20.09 17.51 -6.06
N SER A 217 19.41 16.69 -5.25
CA SER A 217 17.97 16.60 -5.25
C SER A 217 17.44 16.45 -3.84
N CYS A 218 16.27 17.02 -3.61
CA CYS A 218 15.64 17.00 -2.30
C CYS A 218 14.13 17.12 -2.43
N ASP A 219 13.41 16.16 -1.87
CA ASP A 219 11.96 16.25 -1.87
C ASP A 219 11.42 15.93 -0.48
N GLY A 220 10.17 16.37 -0.28
CA GLY A 220 9.37 15.95 0.85
C GLY A 220 8.31 14.95 0.42
N MET A 221 8.08 13.96 1.27
CA MET A 221 7.03 12.99 1.07
C MET A 221 5.92 13.13 2.12
N GLY A 222 4.68 12.99 1.68
CA GLY A 222 3.56 12.80 2.57
C GLY A 222 3.20 11.34 2.77
N ASP A 223 2.36 11.10 3.77
CA ASP A 223 1.73 9.79 4.00
C ASP A 223 2.75 8.72 4.35
N VAL A 224 3.68 9.07 5.23
CA VAL A 224 4.62 8.11 5.78
C VAL A 224 4.12 7.73 7.16
N SER A 225 3.46 6.57 7.25
CA SER A 225 2.81 6.15 8.48
C SER A 225 3.79 6.13 9.63
N GLU A 226 3.32 6.49 10.81
CA GLU A 226 4.18 6.44 11.98
C GLU A 226 4.09 5.08 12.64
N LYS A 227 5.24 4.50 12.95
CA LYS A 227 5.25 3.22 13.65
C LYS A 227 4.78 3.38 15.08
N HIS A 228 4.22 2.31 15.63
CA HIS A 228 3.94 2.27 17.06
C HIS A 228 5.28 2.25 17.79
N GLY A 229 5.22 2.11 19.10
CA GLY A 229 6.44 1.84 19.83
C GLY A 229 7.12 3.10 20.32
N SER A 230 8.03 2.92 21.26
CA SER A 230 8.64 4.03 21.95
C SER A 230 9.56 4.80 21.03
N GLY A 231 9.53 6.11 21.17
CA GLY A 231 10.33 6.96 20.33
C GLY A 231 9.74 8.34 20.30
N PRO A 232 10.46 9.25 19.64
CA PRO A 232 9.87 10.55 19.30
C PRO A 232 8.53 10.38 18.57
N ALA A 233 7.58 11.27 18.90
CA ALA A 233 6.31 11.32 18.18
C ALA A 233 6.52 12.11 16.87
N VAL A 234 7.19 11.45 15.91
CA VAL A 234 7.55 12.01 14.62
C VAL A 234 6.31 12.37 13.80
N PRO A 235 6.42 13.24 12.80
CA PRO A 235 5.28 13.50 11.93
C PRO A 235 5.20 12.42 10.87
N GLU A 236 4.10 12.47 10.12
CA GLU A 236 3.82 11.44 9.13
C GLU A 236 4.28 11.85 7.76
N LYS A 237 5.42 12.55 7.71
CA LYS A 237 6.07 12.98 6.48
C LYS A 237 7.56 12.66 6.56
N ALA A 238 8.19 12.49 5.38
CA ALA A 238 9.64 12.31 5.30
C ALA A 238 10.23 13.31 4.31
N VAL A 239 11.54 13.55 4.46
CA VAL A 239 12.34 14.37 3.54
C VAL A 239 13.51 13.53 3.05
N ARG A 240 13.86 13.68 1.76
CA ARG A 240 15.02 12.99 1.20
C ARG A 240 15.97 13.96 0.50
N PHE A 241 17.27 13.79 0.73
CA PHE A 241 18.34 14.51 0.03
C PHE A 241 19.20 13.50 -0.72
N SER A 242 19.27 13.62 -2.04
CA SER A 242 19.96 12.63 -2.86
C SER A 242 20.90 13.34 -3.81
N PHE A 243 21.94 12.62 -4.25
CA PHE A 243 22.85 13.14 -5.28
C PHE A 243 23.00 12.10 -6.38
N THR A 244 23.07 12.57 -7.63
CA THR A 244 23.40 11.72 -8.77
C THR A 244 24.72 12.15 -9.37
N VAL A 245 25.59 11.19 -9.68
CA VAL A 245 26.82 11.54 -10.38
C VAL A 245 26.50 11.65 -11.86
N MET A 246 26.69 12.85 -12.42
CA MET A 246 26.22 13.18 -13.76
C MET A 246 27.26 12.98 -14.86
N ARG A 247 28.46 13.58 -14.74
CA ARG A 247 29.55 13.42 -15.71
C ARG A 247 30.88 13.62 -15.00
N ILE A 248 31.90 12.89 -15.46
CA ILE A 248 33.29 13.09 -15.03
C ILE A 248 34.15 13.40 -16.26
N THR A 249 34.71 14.61 -16.31
CA THR A 249 35.64 14.98 -17.36
C THR A 249 37.06 15.02 -16.79
N ILE A 250 38.04 14.77 -17.67
CA ILE A 250 39.45 14.85 -17.31
C ILE A 250 40.11 15.89 -18.19
N GLU A 251 41.09 16.58 -17.64
CA GLU A 251 41.80 17.62 -18.39
C GLU A 251 43.09 17.04 -18.95
N HIS A 252 43.11 16.81 -20.27
CA HIS A 252 44.22 16.16 -20.97
C HIS A 252 44.67 17.10 -22.08
N GLY A 253 45.63 17.96 -21.75
CA GLY A 253 46.00 19.05 -22.65
C GLY A 253 45.19 20.29 -22.34
N SER A 254 44.65 20.92 -23.39
CA SER A 254 43.69 22.01 -23.29
C SER A 254 42.32 21.55 -23.78
N GLN A 255 41.98 20.31 -23.44
CA GLN A 255 40.69 19.72 -23.73
C GLN A 255 40.09 19.19 -22.45
N ASN A 256 38.76 19.16 -22.38
CA ASN A 256 38.04 18.52 -21.27
C ASN A 256 37.39 17.26 -21.85
N VAL A 257 37.90 16.09 -21.46
CA VAL A 257 37.55 14.83 -22.11
C VAL A 257 36.47 14.13 -21.29
N LYS A 258 35.30 13.93 -21.92
CA LYS A 258 34.19 13.30 -21.25
C LYS A 258 34.52 11.84 -20.97
N VAL A 259 35.12 11.57 -19.82
CA VAL A 259 35.36 10.19 -19.41
C VAL A 259 34.05 9.44 -19.14
N PHE A 260 33.08 10.10 -18.49
CA PHE A 260 31.84 9.44 -18.08
C PHE A 260 30.67 10.40 -18.12
N GLU A 261 29.52 9.86 -18.47
CA GLU A 261 28.28 10.63 -18.50
C GLU A 261 27.15 9.65 -18.26
N GLU A 262 26.25 10.00 -17.35
CA GLU A 262 25.23 9.05 -16.91
C GLU A 262 24.29 8.74 -18.06
N PRO A 263 24.12 7.47 -18.43
CA PRO A 263 23.23 7.16 -19.57
C PRO A 263 21.79 7.44 -19.26
N LYS A 264 21.38 7.13 -18.03
CA LYS A 264 20.02 7.26 -17.51
C LYS A 264 20.08 8.21 -16.32
N PRO A 265 19.99 9.53 -16.57
CA PRO A 265 20.16 10.50 -15.48
C PRO A 265 18.96 10.60 -14.53
N ASN A 266 17.81 10.08 -14.92
CA ASN A 266 16.63 10.20 -14.08
C ASN A 266 16.21 8.86 -13.48
N SER A 267 17.10 7.87 -13.49
CA SER A 267 16.72 6.54 -13.04
C SER A 267 16.93 6.39 -11.54
N GLU A 268 15.99 5.71 -10.88
CA GLU A 268 16.09 5.34 -9.47
C GLU A 268 17.41 4.68 -9.18
N LEU A 269 17.99 4.09 -10.24
CA LEU A 269 19.14 3.23 -10.10
C LEU A 269 20.36 4.01 -9.68
N CYS A 270 20.52 5.23 -10.21
CA CYS A 270 21.75 5.96 -9.99
C CYS A 270 21.58 7.14 -9.05
N CYS A 271 20.35 7.45 -8.67
CA CYS A 271 20.07 8.41 -7.59
C CYS A 271 20.57 7.90 -6.25
N LYS A 272 21.38 8.69 -5.57
CA LYS A 272 21.95 8.08 -4.40
C LYS A 272 21.38 8.68 -3.09
N PRO A 273 20.93 7.84 -2.16
CA PRO A 273 20.34 8.35 -0.94
C PRO A 273 21.44 8.93 -0.09
N LEU A 274 21.28 10.18 0.31
CA LEU A 274 22.25 10.75 1.22
C LEU A 274 21.69 11.09 2.61
N CYS A 275 20.41 11.43 2.70
CA CYS A 275 19.83 11.81 3.99
C CYS A 275 18.34 11.46 4.02
N LEU A 276 17.95 10.61 4.96
CA LEU A 276 16.54 10.31 5.21
C LEU A 276 16.15 10.89 6.56
N MET A 277 15.11 11.69 6.58
CA MET A 277 14.56 12.15 7.84
C MET A 277 13.06 11.97 7.81
N LEU A 278 12.48 11.75 8.99
CA LEU A 278 11.04 11.83 9.17
C LEU A 278 10.81 13.24 9.70
N ALA A 279 10.26 14.11 8.84
CA ALA A 279 10.09 15.52 9.16
C ALA A 279 9.32 16.15 8.03
N ASP A 280 8.84 17.36 8.26
CA ASP A 280 7.98 18.00 7.27
C ASP A 280 8.73 19.14 6.61
N GLU A 281 8.89 19.05 5.29
CA GLU A 281 9.62 20.07 4.53
C GLU A 281 9.11 21.48 4.84
N SER A 282 7.85 21.61 5.22
CA SER A 282 7.36 22.93 5.55
C SER A 282 7.79 23.39 6.95
N ASP A 283 8.40 22.52 7.74
CA ASP A 283 8.82 22.88 9.09
C ASP A 283 10.25 23.38 9.03
N HIS A 284 10.40 24.66 8.69
CA HIS A 284 11.72 25.23 8.43
C HIS A 284 12.71 24.93 9.55
N GLU A 285 12.29 25.18 10.79
CA GLU A 285 13.15 24.97 11.95
C GLU A 285 13.80 23.59 11.92
N THR A 286 13.01 22.53 11.76
CA THR A 286 13.64 21.21 11.74
C THR A 286 14.37 20.94 10.41
N LEU A 287 13.88 21.49 9.29
CA LEU A 287 14.55 21.27 8.01
C LEU A 287 15.97 21.80 8.06
N THR A 288 16.15 23.07 8.44
CA THR A 288 17.49 23.64 8.50
C THR A 288 18.35 22.92 9.53
N ALA A 289 17.76 22.54 10.66
CA ALA A 289 18.56 21.85 11.68
C ALA A 289 19.21 20.59 11.14
N ILE A 290 18.49 19.84 10.31
CA ILE A 290 18.99 18.54 9.85
C ILE A 290 19.92 18.67 8.64
N LEU A 291 19.57 19.57 7.71
CA LEU A 291 20.28 19.73 6.46
C LEU A 291 21.48 20.65 6.56
N SER A 292 21.51 21.58 7.52
CA SER A 292 22.65 22.49 7.61
C SER A 292 23.99 21.77 7.76
N PRO A 293 24.14 20.72 8.56
CA PRO A 293 25.40 19.95 8.51
C PRO A 293 25.71 19.41 7.11
N LEU A 294 24.68 19.10 6.31
CA LEU A 294 24.94 18.64 4.96
C LEU A 294 25.42 19.78 4.06
N ILE A 295 24.90 20.99 4.26
CA ILE A 295 25.32 22.07 3.38
C ILE A 295 26.71 22.56 3.73
N ALA A 296 27.13 22.38 4.99
CA ALA A 296 28.48 22.79 5.37
C ALA A 296 29.51 21.85 4.78
N GLU A 297 29.33 20.54 4.98
CA GLU A 297 30.18 19.57 4.30
C GLU A 297 30.28 19.82 2.79
N ARG A 298 29.18 20.21 2.16
CA ARG A 298 29.23 20.49 0.73
C ARG A 298 29.99 21.78 0.44
N GLU A 299 29.75 22.81 1.24
CA GLU A 299 30.51 24.05 1.09
C GLU A 299 32.01 23.78 1.15
N ALA A 300 32.43 22.95 2.11
CA ALA A 300 33.84 22.65 2.27
C ALA A 300 34.42 22.05 1.01
N MET A 301 33.70 21.15 0.36
CA MET A 301 34.26 20.44 -0.78
C MET A 301 34.37 21.31 -2.02
N LYS A 302 33.83 22.52 -2.00
CA LYS A 302 33.96 23.37 -3.18
C LYS A 302 35.40 23.83 -3.35
N SER A 303 36.13 23.98 -2.24
CA SER A 303 37.50 24.47 -2.18
C SER A 303 38.47 23.39 -1.72
N SER A 304 38.33 22.17 -2.22
CA SER A 304 39.37 21.22 -1.98
C SER A 304 39.36 20.22 -3.12
N GLU A 305 40.46 19.50 -3.26
CA GLU A 305 40.59 18.44 -4.25
C GLU A 305 40.74 17.13 -3.51
N LEU A 306 39.94 16.16 -3.92
CA LEU A 306 39.93 14.86 -3.27
C LEU A 306 40.99 14.00 -3.94
N THR A 307 42.04 13.66 -3.21
CA THR A 307 43.01 12.69 -3.71
C THR A 307 42.53 11.31 -3.26
N LEU A 308 42.38 10.40 -4.21
CA LEU A 308 41.86 9.07 -3.96
C LEU A 308 42.56 8.06 -4.85
N GLU A 309 42.67 6.83 -4.37
CA GLU A 309 43.50 5.82 -4.98
C GLU A 309 42.65 4.75 -5.65
N MET A 310 42.74 4.67 -6.97
CA MET A 310 41.97 3.78 -7.82
C MET A 310 42.92 2.87 -8.57
N GLY A 311 42.81 1.57 -8.32
CA GLY A 311 43.61 0.58 -9.02
C GLY A 311 45.10 0.72 -8.84
N GLY A 312 45.54 1.04 -7.62
CA GLY A 312 46.93 1.30 -7.31
C GLY A 312 47.47 2.66 -7.70
N ILE A 313 46.69 3.54 -8.32
CA ILE A 313 47.18 4.85 -8.76
C ILE A 313 46.36 5.97 -8.13
N PRO A 314 46.99 6.85 -7.35
CA PRO A 314 46.26 8.00 -6.81
C PRO A 314 45.81 8.95 -7.91
N ARG A 315 44.55 9.38 -7.84
CA ARG A 315 43.96 10.36 -8.75
C ARG A 315 43.40 11.54 -7.94
N THR A 316 43.18 12.66 -8.61
CA THR A 316 42.53 13.78 -7.97
C THR A 316 41.20 14.07 -8.64
N PHE A 317 40.21 14.49 -7.83
CA PHE A 317 38.87 14.87 -8.27
C PHE A 317 38.51 16.25 -7.73
N LYS A 318 37.93 17.07 -8.59
CA LYS A 318 37.33 18.35 -8.22
C LYS A 318 35.82 18.22 -8.42
N PHE A 319 35.05 18.90 -7.58
CA PHE A 319 33.61 18.68 -7.51
C PHE A 319 32.84 19.95 -7.88
N ILE A 320 31.85 19.79 -8.76
CA ILE A 320 30.84 20.81 -9.04
C ILE A 320 29.49 20.28 -8.62
N PHE A 321 28.80 21.05 -7.79
CA PHE A 321 27.51 20.67 -7.22
C PHE A 321 26.40 21.51 -7.82
N ARG A 322 25.40 20.85 -8.38
CA ARG A 322 24.26 21.50 -9.02
C ARG A 322 22.95 21.05 -8.39
N GLY A 323 22.36 21.90 -7.55
CA GLY A 323 21.05 21.58 -7.03
C GLY A 323 19.94 21.88 -8.03
N THR A 324 19.48 20.85 -8.73
CA THR A 324 18.41 21.02 -9.69
C THR A 324 17.27 20.05 -9.55
N GLY A 325 17.36 19.08 -8.65
CA GLY A 325 16.23 18.20 -8.36
C GLY A 325 15.40 18.76 -7.23
N TYR A 326 14.88 19.95 -7.41
CA TYR A 326 13.99 20.59 -6.45
C TYR A 326 12.75 21.00 -7.19
N ASP A 327 11.60 20.85 -6.55
CA ASP A 327 10.42 21.44 -7.13
C ASP A 327 10.31 22.89 -6.68
N GLU A 328 9.45 23.64 -7.37
CA GLU A 328 9.42 25.08 -7.15
C GLU A 328 9.12 25.41 -5.71
N LYS A 329 8.28 24.61 -5.06
CA LYS A 329 7.91 24.97 -3.70
C LYS A 329 9.09 24.80 -2.77
N LEU A 330 9.92 23.78 -3.00
CA LEU A 330 11.11 23.60 -2.16
C LEU A 330 12.15 24.66 -2.45
N VAL A 331 12.42 24.90 -3.73
CA VAL A 331 13.33 25.99 -4.11
C VAL A 331 12.96 27.27 -3.37
N ARG A 332 11.71 27.70 -3.52
CA ARG A 332 11.30 28.95 -2.90
C ARG A 332 11.49 28.93 -1.39
N GLU A 333 11.52 27.73 -0.78
CA GLU A 333 11.64 27.65 0.67
C GLU A 333 13.08 27.85 1.10
N VAL A 334 14.01 27.18 0.40
CA VAL A 334 15.42 27.17 0.78
C VAL A 334 16.21 28.37 0.23
N GLU A 335 15.65 29.13 -0.70
CA GLU A 335 16.28 30.34 -1.19
C GLU A 335 15.55 31.59 -0.72
N GLY A 336 14.86 31.53 0.41
CA GLY A 336 14.25 32.71 0.96
C GLY A 336 13.19 33.45 0.15
N LEU A 337 12.80 32.94 -1.02
CA LEU A 337 11.73 33.59 -1.76
C LEU A 337 10.36 33.34 -1.13
N GLU A 338 9.39 34.16 -1.57
CA GLU A 338 8.02 34.02 -1.13
C GLU A 338 7.39 32.75 -1.71
N ALA A 339 6.21 32.40 -1.22
CA ALA A 339 5.56 31.24 -1.76
C ALA A 339 4.92 31.61 -3.10
N SER A 340 4.35 30.65 -3.77
CA SER A 340 4.21 30.81 -5.22
C SER A 340 2.89 31.45 -5.63
N GLY A 341 2.04 31.83 -4.65
CA GLY A 341 0.97 32.72 -5.02
C GLY A 341 1.49 34.07 -5.39
N SER A 342 2.72 34.39 -4.97
CA SER A 342 3.22 35.75 -4.93
C SER A 342 3.12 36.38 -6.30
N VAL A 343 3.24 37.70 -6.33
CA VAL A 343 3.40 38.37 -7.61
C VAL A 343 4.79 38.17 -8.17
N TYR A 344 5.74 37.69 -7.37
CA TYR A 344 7.10 37.47 -7.85
C TYR A 344 7.20 36.02 -8.33
N ILE A 345 6.77 35.83 -9.57
CA ILE A 345 6.38 34.48 -9.96
C ILE A 345 7.59 33.64 -10.32
N CYS A 346 8.67 34.26 -10.78
CA CYS A 346 9.82 33.47 -11.17
C CYS A 346 10.75 33.30 -9.98
N THR A 347 11.43 32.16 -9.95
CA THR A 347 12.60 31.99 -9.10
C THR A 347 13.88 32.20 -9.88
N LEU A 348 13.75 32.51 -11.17
CA LEU A 348 14.87 32.79 -12.05
C LEU A 348 15.01 34.26 -12.39
N CYS A 349 13.94 35.05 -12.30
CA CYS A 349 14.02 36.48 -12.63
C CYS A 349 13.24 37.30 -11.59
N ASP A 350 13.25 38.62 -11.76
CA ASP A 350 12.56 39.54 -10.86
C ASP A 350 11.19 39.94 -11.39
N THR A 351 10.75 39.35 -12.48
CA THR A 351 9.51 39.80 -13.11
C THR A 351 8.34 39.67 -12.12
N THR A 352 7.29 40.43 -12.40
CA THR A 352 6.05 40.33 -11.64
C THR A 352 4.97 39.67 -12.49
N ARG A 353 4.13 38.85 -11.84
CA ARG A 353 3.01 38.16 -12.48
C ARG A 353 2.31 38.94 -13.58
N LEU A 354 1.86 40.17 -13.29
CA LEU A 354 1.27 41.00 -14.34
C LEU A 354 2.25 41.20 -15.50
N GLU A 355 3.48 41.64 -15.19
CA GLU A 355 4.47 41.88 -16.24
C GLU A 355 4.66 40.66 -17.13
N ALA A 356 4.73 39.47 -16.53
CA ALA A 356 4.94 38.24 -17.31
C ALA A 356 3.80 37.98 -18.28
N SER A 357 2.62 38.56 -18.00
CA SER A 357 1.46 38.38 -18.88
C SER A 357 1.47 39.34 -20.05
N GLN A 358 2.13 40.50 -19.91
CA GLN A 358 2.21 41.52 -20.94
C GLN A 358 3.37 41.30 -21.91
N ASN A 359 4.53 40.89 -21.41
CA ASN A 359 5.72 40.74 -22.23
C ASN A 359 5.96 39.29 -22.65
N LEU A 360 5.79 38.36 -21.71
CA LEU A 360 5.72 36.92 -21.94
C LEU A 360 7.08 36.25 -22.15
N VAL A 361 7.93 36.78 -23.04
CA VAL A 361 9.05 36.01 -23.59
C VAL A 361 10.42 36.62 -23.24
N PHE A 362 10.55 37.95 -23.22
CA PHE A 362 11.86 38.61 -23.12
C PHE A 362 12.21 38.94 -21.67
N HIS A 363 12.83 37.96 -21.00
CA HIS A 363 13.24 38.06 -19.60
C HIS A 363 14.48 37.19 -19.44
N SER A 364 15.51 37.73 -18.77
CA SER A 364 16.71 36.94 -18.60
C SER A 364 16.88 36.56 -17.15
N ILE A 365 17.67 35.52 -16.94
CA ILE A 365 17.91 34.93 -15.62
C ILE A 365 18.72 35.89 -14.76
N THR A 366 18.11 36.43 -13.69
CA THR A 366 18.78 37.37 -12.82
C THR A 366 18.92 36.91 -11.38
N ARG A 367 18.11 35.98 -10.90
CA ARG A 367 18.26 35.58 -9.52
C ARG A 367 19.35 34.53 -9.39
N SER A 368 19.87 34.40 -8.17
CA SER A 368 20.99 33.51 -7.85
C SER A 368 21.06 33.40 -6.34
N HIS A 369 21.63 32.28 -5.88
CA HIS A 369 21.76 32.11 -4.43
C HIS A 369 22.53 33.26 -3.81
N ALA A 370 23.50 33.79 -4.55
CA ALA A 370 24.27 34.93 -4.06
C ALA A 370 23.38 36.16 -3.89
N GLU A 371 22.64 36.51 -4.94
CA GLU A 371 21.86 37.74 -4.88
C GLU A 371 20.83 37.69 -3.76
N ASN A 372 20.11 36.58 -3.65
CA ASN A 372 19.09 36.49 -2.62
C ASN A 372 19.70 36.74 -1.26
N LEU A 373 20.83 36.09 -0.96
CA LEU A 373 21.51 36.30 0.31
C LEU A 373 21.80 37.78 0.55
N GLN A 374 22.23 38.51 -0.48
CA GLN A 374 22.34 39.96 -0.35
C GLN A 374 20.99 40.57 -0.02
N ARG A 375 19.96 40.18 -0.77
CA ARG A 375 18.67 40.85 -0.67
C ARG A 375 18.05 40.61 0.70
N TYR A 376 18.24 39.42 1.26
CA TYR A 376 17.71 39.19 2.60
C TYR A 376 18.32 40.18 3.55
N GLU A 377 19.65 40.33 3.50
CA GLU A 377 20.30 41.27 4.40
C GLU A 377 19.82 42.70 4.15
N VAL A 378 19.48 43.02 2.90
CA VAL A 378 18.82 44.29 2.61
C VAL A 378 17.45 44.35 3.28
N TRP A 379 16.69 43.26 3.13
CA TRP A 379 15.40 43.17 3.79
C TRP A 379 15.56 43.45 5.29
N ARG A 380 16.41 42.65 5.94
CA ARG A 380 16.50 42.71 7.39
C ARG A 380 17.06 44.04 7.88
N SER A 381 17.91 44.70 7.10
CA SER A 381 18.54 45.91 7.62
C SER A 381 17.80 47.18 7.24
N ASN A 382 17.17 47.20 6.06
CA ASN A 382 16.32 48.28 5.56
C ASN A 382 17.14 49.56 5.41
N PRO A 383 18.19 49.56 4.56
CA PRO A 383 19.14 50.68 4.59
C PRO A 383 18.58 52.00 4.08
N TYR A 384 17.57 52.01 3.22
CA TYR A 384 17.02 53.29 2.76
C TYR A 384 15.82 53.72 3.59
N HIS A 385 15.71 53.19 4.81
CA HIS A 385 14.59 53.46 5.73
C HIS A 385 13.29 53.62 4.96
N GLU A 386 12.95 52.59 4.18
CA GLU A 386 11.79 52.51 3.29
C GLU A 386 10.58 51.96 4.04
N SER A 387 9.40 52.11 3.41
CA SER A 387 8.19 51.42 3.81
C SER A 387 8.24 49.95 3.39
N VAL A 388 7.35 49.14 3.99
CA VAL A 388 7.40 47.69 3.77
C VAL A 388 6.95 47.30 2.37
N GLU A 389 6.04 48.05 1.76
CA GLU A 389 5.77 47.84 0.35
C GLU A 389 7.02 48.16 -0.47
N GLU A 390 7.58 49.35 -0.25
CA GLU A 390 8.80 49.76 -0.94
C GLU A 390 9.96 48.82 -0.64
N LEU A 391 10.13 48.45 0.63
CA LEU A 391 11.18 47.51 0.97
C LEU A 391 11.03 46.22 0.16
N ARG A 392 9.83 45.63 0.17
CA ARG A 392 9.58 44.37 -0.53
C ARG A 392 9.79 44.51 -2.03
N ASP A 393 9.28 45.58 -2.63
CA ASP A 393 9.62 45.90 -4.01
C ASP A 393 11.14 45.84 -4.22
N ARG A 394 11.87 46.60 -3.40
CA ARG A 394 13.31 46.72 -3.55
C ARG A 394 14.01 45.37 -3.47
N VAL A 395 13.61 44.52 -2.53
CA VAL A 395 14.26 43.22 -2.45
C VAL A 395 13.51 42.19 -3.30
N LYS A 396 12.59 42.64 -4.15
CA LYS A 396 11.86 41.76 -5.07
C LYS A 396 11.30 40.52 -4.37
N GLY A 397 10.82 40.68 -3.15
CA GLY A 397 10.21 39.56 -2.47
C GLY A 397 11.14 38.65 -1.71
N VAL A 398 12.45 38.84 -1.78
CA VAL A 398 13.37 37.98 -1.04
C VAL A 398 13.35 38.41 0.42
N SER A 399 12.57 37.75 1.24
CA SER A 399 12.29 38.28 2.55
C SER A 399 12.62 37.27 3.66
N ALA A 400 13.33 36.20 3.33
CA ALA A 400 13.92 35.32 4.34
C ALA A 400 15.33 34.98 3.90
N LYS A 401 16.11 34.37 4.81
CA LYS A 401 17.53 34.10 4.57
C LYS A 401 17.69 32.76 3.88
N PRO A 402 18.16 32.71 2.65
CA PRO A 402 18.42 31.42 2.00
C PRO A 402 19.40 30.59 2.80
N PHE A 403 19.25 29.28 2.70
CA PHE A 403 20.21 28.42 3.37
C PHE A 403 20.67 27.26 2.49
N ILE A 404 20.21 27.14 1.25
CA ILE A 404 20.71 26.14 0.31
C ILE A 404 20.86 26.78 -1.07
N GLU A 405 21.95 26.45 -1.74
CA GLU A 405 22.31 27.01 -3.04
C GLU A 405 21.78 26.09 -4.14
N THR A 406 20.88 26.61 -4.96
CA THR A 406 20.38 25.88 -6.12
C THR A 406 20.79 26.61 -7.39
N VAL A 407 20.85 25.83 -8.47
CA VAL A 407 20.90 26.33 -9.85
C VAL A 407 19.59 27.03 -10.17
N PRO A 408 19.60 28.17 -10.84
CA PRO A 408 18.32 28.73 -11.30
C PRO A 408 17.84 28.02 -12.54
N SER A 409 16.98 27.03 -12.39
CA SER A 409 16.64 26.20 -13.53
C SER A 409 15.16 25.87 -13.52
N ILE A 410 14.81 24.86 -14.32
CA ILE A 410 13.44 24.43 -14.50
C ILE A 410 13.39 22.93 -14.30
N ASP A 411 12.55 22.48 -13.37
CA ASP A 411 12.31 21.05 -13.25
C ASP A 411 11.38 20.64 -14.37
N ALA A 412 11.80 19.66 -15.16
CA ALA A 412 10.98 19.24 -16.30
C ALA A 412 9.71 18.52 -15.84
N LEU A 413 9.84 17.51 -14.98
CA LEU A 413 8.67 16.77 -14.52
C LEU A 413 7.60 17.73 -14.01
N HIS A 414 7.91 18.48 -12.97
CA HIS A 414 6.97 19.49 -12.47
C HIS A 414 6.61 20.51 -13.54
N CYS A 415 7.49 20.77 -14.50
CA CYS A 415 7.08 21.64 -15.58
C CYS A 415 6.05 20.96 -16.47
N ASP A 416 6.30 19.69 -16.82
CA ASP A 416 5.36 18.95 -17.65
C ASP A 416 4.01 18.83 -16.96
N ILE A 417 4.01 18.63 -15.63
CA ILE A 417 2.79 18.43 -14.86
C ILE A 417 1.96 19.70 -14.81
N GLY A 418 2.52 20.77 -14.26
CA GLY A 418 1.74 21.99 -14.11
C GLY A 418 1.29 22.57 -15.43
N ASN A 419 1.96 22.21 -16.52
CA ASN A 419 1.52 22.71 -17.81
C ASN A 419 0.28 21.96 -18.29
N ALA A 420 0.31 20.63 -18.19
CA ALA A 420 -0.83 19.82 -18.62
C ALA A 420 -2.07 20.18 -17.80
N ALA A 421 -1.91 20.39 -16.50
CA ALA A 421 -3.03 20.77 -15.65
C ALA A 421 -3.61 22.10 -16.09
N GLU A 422 -2.76 23.03 -16.57
CA GLU A 422 -3.29 24.25 -17.18
C GLU A 422 -4.12 23.93 -18.43
N PHE A 423 -3.61 23.06 -19.27
CA PHE A 423 -4.35 22.73 -20.47
C PHE A 423 -5.66 22.06 -20.10
N TYR A 424 -5.62 21.16 -19.12
CA TYR A 424 -6.84 20.54 -18.62
C TYR A 424 -7.88 21.59 -18.26
N LYS A 425 -7.42 22.72 -17.72
CA LYS A 425 -8.33 23.80 -17.39
C LYS A 425 -8.83 24.50 -18.66
N ILE A 426 -7.92 24.84 -19.59
CA ILE A 426 -8.37 25.49 -20.82
C ILE A 426 -9.39 24.63 -21.52
N PHE A 427 -9.14 23.32 -21.55
CA PHE A 427 -10.09 22.39 -22.15
C PHE A 427 -11.49 22.59 -21.56
N GLN A 428 -11.60 22.59 -20.23
CA GLN A 428 -12.87 22.89 -19.56
C GLN A 428 -13.44 24.23 -20.01
N LEU A 429 -12.65 25.29 -19.90
CA LEU A 429 -13.18 26.62 -20.20
C LEU A 429 -13.48 26.79 -21.67
N GLU A 430 -12.99 25.91 -22.53
CA GLU A 430 -13.38 25.91 -23.93
C GLU A 430 -14.66 25.14 -24.17
N ILE A 431 -14.95 24.16 -23.32
CA ILE A 431 -16.21 23.43 -23.40
C ILE A 431 -17.38 24.32 -23.02
N GLY A 432 -17.22 25.09 -21.94
CA GLY A 432 -18.20 26.05 -21.49
C GLY A 432 -18.25 27.32 -22.30
N GLU A 433 -17.49 27.40 -23.39
CA GLU A 433 -17.48 28.58 -24.25
C GLU A 433 -17.28 29.86 -23.43
N VAL A 434 -16.35 29.80 -22.46
CA VAL A 434 -16.05 30.98 -21.65
C VAL A 434 -15.50 32.12 -22.51
N TYR A 435 -14.94 31.79 -23.68
CA TYR A 435 -14.44 32.81 -24.58
C TYR A 435 -15.54 33.74 -25.08
N LYS A 436 -16.80 33.33 -24.95
CA LYS A 436 -17.97 34.09 -25.37
C LYS A 436 -18.84 34.51 -24.19
N HIS A 437 -19.03 33.64 -23.18
CA HIS A 437 -19.90 33.88 -22.04
C HIS A 437 -19.08 34.09 -20.78
N PRO A 438 -19.00 35.30 -20.25
CA PRO A 438 -18.04 35.55 -19.16
C PRO A 438 -18.38 34.85 -17.86
N ASN A 439 -19.63 34.92 -17.39
CA ASN A 439 -19.98 34.45 -16.05
C ASN A 439 -20.61 33.05 -16.10
N ALA A 440 -20.32 32.26 -15.08
CA ALA A 440 -20.86 30.90 -15.02
C ALA A 440 -20.84 30.40 -13.58
N SER A 441 -21.93 29.74 -13.18
CA SER A 441 -22.09 29.28 -11.82
C SER A 441 -21.18 28.10 -11.52
N LYS A 442 -20.80 27.95 -10.25
CA LYS A 442 -19.98 26.80 -9.85
C LYS A 442 -20.61 25.50 -10.35
N GLU A 443 -21.94 25.37 -10.27
CA GLU A 443 -22.58 24.16 -10.81
C GLU A 443 -22.43 24.06 -12.32
N GLU A 444 -22.34 25.19 -13.01
CA GLU A 444 -22.14 25.16 -14.45
C GLU A 444 -20.72 24.69 -14.79
N ARG A 445 -19.75 25.09 -13.97
CA ARG A 445 -18.38 24.67 -14.18
C ARG A 445 -18.21 23.19 -13.88
N LYS A 446 -18.78 22.71 -12.77
CA LYS A 446 -18.68 21.30 -12.41
C LYS A 446 -19.08 20.38 -13.55
N ARG A 447 -20.00 20.81 -14.41
CA ARG A 447 -20.45 19.90 -15.45
C ARG A 447 -19.56 19.95 -16.68
N TRP A 448 -18.92 21.10 -16.94
CA TRP A 448 -17.86 21.15 -17.93
C TRP A 448 -16.77 20.14 -17.62
N GLN A 449 -16.29 20.13 -16.38
CA GLN A 449 -15.27 19.16 -15.97
C GLN A 449 -15.79 17.74 -16.12
N ALA A 450 -17.03 17.47 -15.69
CA ALA A 450 -17.61 16.14 -15.86
C ALA A 450 -17.65 15.72 -17.33
N THR A 451 -18.19 16.58 -18.19
CA THR A 451 -18.17 16.31 -19.63
C THR A 451 -16.78 15.86 -20.06
N LEU A 452 -15.80 16.77 -19.91
CA LEU A 452 -14.45 16.51 -20.38
C LEU A 452 -13.89 15.25 -19.75
N ASP A 453 -14.19 14.99 -18.48
CA ASP A 453 -13.68 13.79 -17.83
C ASP A 453 -14.24 12.55 -18.48
N LYS A 454 -15.56 12.48 -18.64
CA LYS A 454 -16.17 11.32 -19.29
C LYS A 454 -15.59 11.13 -20.68
N HIS A 455 -15.31 12.22 -21.37
CA HIS A 455 -14.87 12.10 -22.75
C HIS A 455 -13.43 11.61 -22.84
N LEU A 456 -12.55 12.11 -21.97
CA LEU A 456 -11.17 11.61 -21.96
C LEU A 456 -11.10 10.12 -21.61
N ARG A 457 -12.19 9.59 -21.06
CA ARG A 457 -12.27 8.16 -20.81
C ARG A 457 -12.69 7.41 -22.07
N LYS A 458 -13.71 7.91 -22.77
CA LYS A 458 -14.17 7.27 -23.99
C LYS A 458 -13.09 7.27 -25.06
N ARG A 459 -12.46 8.43 -25.28
CA ARG A 459 -11.57 8.59 -26.42
C ARG A 459 -10.11 8.29 -26.11
N MET A 460 -9.67 8.52 -24.86
CA MET A 460 -8.25 8.40 -24.50
C MET A 460 -7.96 7.41 -23.39
N ASN A 461 -8.96 6.66 -22.91
CA ASN A 461 -8.77 5.66 -21.85
C ASN A 461 -8.12 6.24 -20.60
N LEU A 462 -8.45 7.48 -20.27
CA LEU A 462 -7.95 8.12 -19.07
C LEU A 462 -9.06 8.20 -18.02
N LYS A 463 -8.87 7.49 -16.90
CA LYS A 463 -9.72 7.66 -15.73
C LYS A 463 -9.35 8.96 -15.03
N PRO A 464 -10.32 9.67 -14.45
CA PRO A 464 -9.98 10.91 -13.75
C PRO A 464 -9.19 10.66 -12.46
N ILE A 465 -8.21 11.53 -12.21
CA ILE A 465 -7.38 11.43 -11.01
C ILE A 465 -7.42 12.73 -10.24
N MET A 466 -7.16 12.64 -8.93
CA MET A 466 -7.43 13.75 -8.02
C MET A 466 -6.40 14.86 -8.17
N ARG A 467 -5.12 14.50 -8.32
CA ARG A 467 -3.99 15.40 -8.55
C ARG A 467 -3.30 15.03 -9.85
N MET A 468 -2.75 16.02 -10.53
CA MET A 468 -2.20 15.82 -11.86
C MET A 468 -0.87 15.03 -11.89
N ASN A 469 -0.79 14.10 -12.85
CA ASN A 469 0.17 13.02 -12.90
C ASN A 469 1.26 13.32 -13.90
N GLY A 470 2.39 12.62 -13.75
CA GLY A 470 3.37 12.61 -14.82
C GLY A 470 2.83 11.93 -16.06
N ASN A 471 2.33 10.71 -15.89
CA ASN A 471 1.88 9.98 -17.05
C ASN A 471 0.62 10.59 -17.61
N PHE A 472 -0.27 11.07 -16.75
CA PHE A 472 -1.46 11.73 -17.26
C PHE A 472 -1.06 12.88 -18.17
N ALA A 473 -0.18 13.76 -17.66
CA ALA A 473 0.31 14.85 -18.47
C ALA A 473 0.94 14.32 -19.75
N ARG A 474 1.75 13.26 -19.63
CA ARG A 474 2.40 12.70 -20.82
C ARG A 474 1.39 12.38 -21.90
N LYS A 475 0.25 11.80 -21.50
CA LYS A 475 -0.74 11.27 -22.43
C LYS A 475 -1.84 12.28 -22.74
N LEU A 476 -2.04 13.29 -21.88
CA LEU A 476 -3.02 14.32 -22.21
C LEU A 476 -2.48 15.29 -23.26
N MET A 477 -1.21 15.68 -23.15
CA MET A 477 -0.60 16.70 -24.03
C MET A 477 -0.18 16.11 -25.38
N THR A 478 -1.15 15.50 -26.06
CA THR A 478 -0.97 15.06 -27.44
C THR A 478 -1.99 15.77 -28.31
N GLN A 479 -1.85 15.58 -29.62
CA GLN A 479 -2.76 16.20 -30.57
C GLN A 479 -3.98 15.33 -30.80
N GLU A 480 -3.84 14.02 -30.60
CA GLU A 480 -5.01 13.15 -30.57
C GLU A 480 -5.99 13.57 -29.49
N THR A 481 -5.49 13.97 -28.31
CA THR A 481 -6.38 14.41 -27.26
C THR A 481 -7.11 15.68 -27.65
N VAL A 482 -6.48 16.55 -28.43
CA VAL A 482 -7.14 17.77 -28.83
C VAL A 482 -8.27 17.46 -29.80
N ASP A 483 -8.04 16.48 -30.68
CA ASP A 483 -9.10 15.92 -31.51
C ASP A 483 -10.27 15.47 -30.65
N ALA A 484 -9.98 14.65 -29.63
CA ALA A 484 -10.99 14.26 -28.65
C ALA A 484 -11.72 15.49 -28.13
N VAL A 485 -10.99 16.41 -27.49
CA VAL A 485 -11.62 17.57 -26.87
C VAL A 485 -12.37 18.42 -27.89
N CYS A 486 -11.98 18.35 -29.16
CA CYS A 486 -12.67 19.19 -30.14
C CYS A 486 -14.10 18.72 -30.38
N GLU A 487 -14.33 17.41 -30.35
CA GLU A 487 -15.69 16.90 -30.50
C GLU A 487 -16.68 17.57 -29.55
N LEU A 488 -16.20 18.17 -28.45
CA LEU A 488 -17.11 18.72 -27.49
C LEU A 488 -17.39 20.21 -27.74
N ILE A 489 -16.50 20.90 -28.48
CA ILE A 489 -16.60 22.35 -28.63
C ILE A 489 -17.36 22.66 -29.93
N PRO A 490 -18.29 23.62 -29.90
CA PRO A 490 -19.13 23.86 -31.09
C PRO A 490 -18.42 24.57 -32.22
N SER A 491 -17.56 25.54 -31.92
CA SER A 491 -17.00 26.45 -32.90
C SER A 491 -15.66 25.94 -33.41
N GLU A 492 -15.51 25.88 -34.73
CA GLU A 492 -14.24 25.44 -35.30
C GLU A 492 -13.24 26.58 -35.45
N GLU A 493 -13.65 27.84 -35.28
CA GLU A 493 -12.65 28.88 -35.13
C GLU A 493 -11.77 28.59 -33.93
N ARG A 494 -12.29 27.86 -32.95
CA ARG A 494 -11.54 27.53 -31.75
C ARG A 494 -10.96 26.14 -31.77
N HIS A 495 -11.45 25.26 -32.66
CA HIS A 495 -10.70 24.04 -32.93
C HIS A 495 -9.33 24.40 -33.48
N GLU A 496 -9.26 25.47 -34.27
CA GLU A 496 -7.99 25.91 -34.84
C GLU A 496 -7.06 26.46 -33.76
N ALA A 497 -7.59 27.32 -32.88
CA ALA A 497 -6.79 27.89 -31.80
C ALA A 497 -6.21 26.81 -30.90
N LEU A 498 -7.05 25.87 -30.45
CA LEU A 498 -6.56 24.74 -29.69
C LEU A 498 -5.47 23.97 -30.45
N ARG A 499 -5.75 23.59 -31.69
CA ARG A 499 -4.78 22.79 -32.44
C ARG A 499 -3.42 23.47 -32.50
N GLU A 500 -3.40 24.77 -32.79
CA GLU A 500 -2.14 25.51 -32.91
C GLU A 500 -1.44 25.60 -31.56
N LEU A 501 -2.17 26.02 -30.52
CA LEU A 501 -1.60 26.06 -29.17
C LEU A 501 -0.92 24.73 -28.82
N MET A 502 -1.51 23.61 -29.19
CA MET A 502 -0.88 22.34 -28.85
C MET A 502 0.26 22.00 -29.79
N ASP A 503 0.20 22.47 -31.04
CA ASP A 503 1.31 22.27 -31.96
C ASP A 503 2.56 23.03 -31.48
N LEU A 504 2.39 24.31 -31.13
CA LEU A 504 3.50 25.07 -30.57
C LEU A 504 4.06 24.41 -29.33
N TYR A 505 3.19 23.98 -28.41
CA TYR A 505 3.68 23.33 -27.21
C TYR A 505 4.43 22.03 -27.54
N LEU A 506 3.96 21.24 -28.51
CA LEU A 506 4.66 19.99 -28.78
C LEU A 506 5.91 20.17 -29.64
N LYS A 507 6.08 21.33 -30.27
CA LYS A 507 7.36 21.69 -30.84
C LYS A 507 8.33 22.17 -29.75
N MET A 508 7.82 22.87 -28.73
CA MET A 508 8.69 23.35 -27.66
C MET A 508 9.10 22.22 -26.72
N LYS A 509 8.13 21.47 -26.20
CA LYS A 509 8.41 20.45 -25.16
C LYS A 509 9.73 19.71 -25.34
N PRO A 510 10.11 19.17 -26.51
CA PRO A 510 11.32 18.32 -26.53
C PRO A 510 12.58 19.05 -26.14
N VAL A 511 12.64 20.37 -26.30
CA VAL A 511 13.80 21.14 -25.84
C VAL A 511 14.03 20.92 -24.36
N TRP A 512 13.01 21.16 -23.55
CA TRP A 512 13.21 21.15 -22.10
C TRP A 512 13.00 19.78 -21.47
N ARG A 513 12.93 18.70 -22.26
CA ARG A 513 12.78 17.37 -21.70
C ARG A 513 13.85 16.38 -22.15
N SER A 514 14.43 16.57 -23.33
CA SER A 514 15.41 15.62 -23.86
C SER A 514 16.79 15.86 -23.25
N SER A 515 17.58 14.79 -23.23
CA SER A 515 18.91 14.88 -22.63
C SER A 515 19.81 15.85 -23.40
N CYS A 516 19.83 15.75 -24.73
CA CYS A 516 20.70 16.58 -25.58
C CYS A 516 19.90 17.17 -26.71
N PRO A 517 19.23 18.30 -26.48
CA PRO A 517 18.43 18.89 -27.56
C PRO A 517 19.24 19.19 -28.81
N ALA A 518 20.48 19.65 -28.64
CA ALA A 518 21.33 19.97 -29.79
C ALA A 518 21.44 18.79 -30.73
N LYS A 519 21.51 17.56 -30.20
CA LYS A 519 21.59 16.36 -31.03
C LYS A 519 20.21 15.74 -31.35
N GLU A 520 19.19 16.00 -30.54
CA GLU A 520 17.99 15.19 -30.59
C GLU A 520 16.78 15.90 -31.17
N CYS A 521 16.77 17.21 -31.16
CA CYS A 521 15.75 17.91 -31.91
C CYS A 521 16.28 19.28 -32.26
N PRO A 522 17.44 19.34 -32.90
CA PRO A 522 18.05 20.65 -33.20
C PRO A 522 17.09 21.65 -33.80
N GLU A 523 16.16 21.25 -34.67
CA GLU A 523 15.32 22.26 -35.28
C GLU A 523 14.38 22.85 -34.25
N SER A 524 13.92 22.02 -33.32
CA SER A 524 13.02 22.52 -32.28
C SER A 524 13.74 23.49 -31.35
N LEU A 525 15.02 23.19 -31.00
CA LEU A 525 15.83 24.13 -30.21
C LEU A 525 16.07 25.43 -30.95
N CYS A 526 16.32 25.32 -32.25
CA CYS A 526 16.50 26.48 -33.11
C CYS A 526 15.29 27.42 -33.04
N GLN A 527 14.11 26.85 -33.25
CA GLN A 527 12.92 27.66 -33.38
C GLN A 527 12.31 28.05 -32.05
N TYR A 528 12.94 27.69 -30.93
CA TYR A 528 12.27 27.85 -29.64
C TYR A 528 11.86 29.31 -29.40
N SER A 529 12.78 30.25 -29.64
CA SER A 529 12.41 31.65 -29.43
C SER A 529 11.33 32.10 -30.40
N PHE A 530 11.22 31.44 -31.55
CA PHE A 530 10.18 31.81 -32.50
C PHE A 530 8.84 31.21 -32.13
N ASN A 531 8.81 29.92 -31.79
CA ASN A 531 7.56 29.25 -31.41
C ASN A 531 7.01 29.81 -30.11
N SER A 532 7.88 30.08 -29.13
CA SER A 532 7.42 30.62 -27.86
C SER A 532 6.83 32.01 -28.02
N GLN A 533 7.14 32.73 -29.10
CA GLN A 533 6.53 34.04 -29.26
C GLN A 533 5.12 33.92 -29.81
N ARG A 534 4.88 32.97 -30.71
CA ARG A 534 3.53 32.78 -31.23
C ARG A 534 2.62 32.16 -30.16
N PHE A 535 3.15 31.22 -29.37
CA PHE A 535 2.39 30.67 -28.25
C PHE A 535 1.94 31.78 -27.30
N ALA A 536 2.88 32.62 -26.88
CA ALA A 536 2.54 33.75 -26.04
C ALA A 536 1.52 34.67 -26.71
N GLU A 537 1.66 34.90 -28.01
CA GLU A 537 0.72 35.81 -28.69
C GLU A 537 -0.65 35.16 -28.84
N LEU A 538 -0.68 33.85 -29.07
CA LEU A 538 -1.94 33.12 -29.10
C LEU A 538 -2.70 33.26 -27.78
N LEU A 539 -2.02 33.00 -26.65
CA LEU A 539 -2.61 33.25 -25.33
C LEU A 539 -3.07 34.68 -25.16
N SER A 540 -2.39 35.64 -25.78
CA SER A 540 -2.66 37.04 -25.53
C SER A 540 -3.82 37.54 -26.35
N THR A 541 -4.17 36.85 -27.42
CA THR A 541 -5.27 37.25 -28.27
C THR A 541 -6.45 36.29 -28.13
N LYS A 542 -6.32 35.08 -28.65
CA LYS A 542 -7.44 34.12 -28.67
C LYS A 542 -7.67 33.44 -27.33
N PHE A 543 -7.04 33.89 -26.26
CA PHE A 543 -7.29 33.34 -24.95
C PHE A 543 -7.23 34.45 -23.91
N LYS A 544 -7.66 35.65 -24.31
CA LYS A 544 -7.68 36.79 -23.40
C LYS A 544 -8.36 36.43 -22.08
N TYR A 545 -9.41 35.61 -22.13
CA TYR A 545 -10.28 35.46 -20.96
C TYR A 545 -9.52 34.90 -19.78
N ARG A 546 -8.51 34.07 -20.03
CA ARG A 546 -7.71 33.49 -18.97
C ARG A 546 -6.34 34.14 -18.79
N TYR A 547 -5.76 34.72 -19.85
CA TYR A 547 -4.36 35.11 -19.78
C TYR A 547 -4.13 36.62 -19.91
N GLU A 548 -5.18 37.42 -19.83
CA GLU A 548 -5.05 38.87 -19.72
C GLU A 548 -4.74 39.21 -18.28
N GLY A 549 -3.55 39.75 -18.06
CA GLY A 549 -3.18 40.19 -16.74
C GLY A 549 -2.69 39.10 -15.84
N LYS A 550 -2.64 37.85 -16.31
CA LYS A 550 -2.06 36.79 -15.50
C LYS A 550 -1.52 35.69 -16.41
N ILE A 551 -0.67 34.87 -15.81
CA ILE A 551 -0.04 33.74 -16.48
C ILE A 551 0.44 32.84 -15.35
N THR A 552 0.57 31.56 -15.63
CA THR A 552 0.99 30.64 -14.58
C THR A 552 2.49 30.65 -14.46
N ASN A 553 2.97 30.39 -13.23
CA ASN A 553 4.41 30.35 -12.97
C ASN A 553 5.16 29.55 -14.04
N TYR A 554 4.69 28.35 -14.36
CA TYR A 554 5.41 27.48 -15.27
C TYR A 554 5.20 27.83 -16.73
N PHE A 555 4.12 28.53 -17.09
CA PHE A 555 4.06 29.06 -18.44
C PHE A 555 5.14 30.09 -18.65
N HIS A 556 5.40 30.91 -17.63
CA HIS A 556 6.47 31.89 -17.73
C HIS A 556 7.83 31.22 -17.83
N LYS A 557 8.17 30.39 -16.85
CA LYS A 557 9.44 29.66 -16.92
C LYS A 557 9.61 28.98 -18.27
N THR A 558 8.52 28.43 -18.83
CA THR A 558 8.65 27.65 -20.07
C THR A 558 8.76 28.55 -21.28
N LEU A 559 8.15 29.72 -21.23
CA LEU A 559 8.17 30.61 -22.38
C LEU A 559 9.35 31.57 -22.40
N ALA A 560 9.96 31.88 -21.25
CA ALA A 560 10.96 32.94 -21.18
C ALA A 560 12.39 32.46 -20.93
N HIS A 561 12.60 31.43 -20.10
CA HIS A 561 13.96 31.07 -19.72
C HIS A 561 14.42 29.75 -20.31
N VAL A 562 13.68 29.15 -21.23
CA VAL A 562 14.13 27.82 -21.67
C VAL A 562 15.36 27.94 -22.55
N PRO A 563 15.44 28.87 -23.52
CA PRO A 563 16.64 28.86 -24.38
C PRO A 563 17.92 29.23 -23.63
N GLU A 564 17.86 30.25 -22.76
CA GLU A 564 19.05 30.62 -22.00
C GLU A 564 19.57 29.44 -21.19
N ILE A 565 18.69 28.79 -20.44
CA ILE A 565 19.11 27.64 -19.63
C ILE A 565 19.73 26.58 -20.51
N ILE A 566 19.20 26.40 -21.73
CA ILE A 566 19.73 25.34 -22.60
C ILE A 566 21.15 25.67 -23.03
N GLU A 567 21.43 26.94 -23.34
CA GLU A 567 22.78 27.29 -23.73
C GLU A 567 23.71 27.35 -22.53
N ARG A 568 23.21 27.64 -21.33
CA ARG A 568 24.09 27.66 -20.17
C ARG A 568 24.50 26.23 -19.79
N ASP A 569 23.59 25.27 -19.86
CA ASP A 569 23.80 23.96 -19.25
C ASP A 569 23.77 22.80 -20.24
N GLY A 570 23.25 23.02 -21.44
CA GLY A 570 23.15 21.99 -22.45
C GLY A 570 21.85 21.21 -22.41
N SER A 571 21.28 21.02 -21.22
CA SER A 571 20.09 20.23 -21.02
C SER A 571 19.22 20.86 -19.93
N ILE A 572 17.92 20.56 -20.01
CA ILE A 572 17.03 20.70 -18.87
C ILE A 572 16.55 19.34 -18.40
N GLY A 573 16.21 18.46 -19.33
CA GLY A 573 15.58 17.20 -19.01
C GLY A 573 16.38 16.26 -18.14
N ALA A 574 17.70 16.43 -18.06
CA ALA A 574 18.49 15.49 -17.28
C ALA A 574 18.75 16.00 -15.88
N TRP A 575 18.51 17.27 -15.64
CA TRP A 575 18.63 17.84 -14.31
C TRP A 575 17.30 17.90 -13.60
N ALA A 576 16.32 17.12 -14.07
CA ALA A 576 14.98 17.11 -13.53
C ALA A 576 14.96 16.30 -12.26
N SER A 577 14.00 16.60 -11.40
CA SER A 577 13.88 15.86 -10.16
C SER A 577 13.21 14.53 -10.39
N GLU A 578 13.08 14.09 -11.61
CA GLU A 578 12.28 12.90 -11.76
C GLU A 578 13.01 11.69 -11.21
N GLY A 579 14.32 11.70 -11.28
CA GLY A 579 15.07 10.61 -10.69
C GLY A 579 14.90 10.58 -9.20
N ASN A 580 14.86 11.76 -8.58
CA ASN A 580 14.62 11.81 -7.14
C ASN A 580 13.24 11.28 -6.79
N GLU A 581 12.20 11.81 -7.47
CA GLU A 581 10.84 11.30 -7.30
C GLU A 581 10.81 9.78 -7.40
N SER A 582 11.41 9.18 -8.45
CA SER A 582 11.38 7.71 -8.60
C SER A 582 12.13 7.01 -7.47
N GLY A 583 12.91 7.77 -6.72
CA GLY A 583 13.62 7.17 -5.61
C GLY A 583 12.72 7.03 -4.42
N ASN A 584 11.83 8.00 -4.23
CA ASN A 584 10.75 7.91 -3.26
C ASN A 584 10.01 6.57 -3.36
N LYS A 585 9.65 6.15 -4.58
CA LYS A 585 9.03 4.85 -4.76
C LYS A 585 9.85 3.77 -4.08
N LEU A 586 11.18 3.86 -4.15
CA LEU A 586 12.00 2.91 -3.42
C LEU A 586 11.93 3.12 -1.91
N PHE A 587 11.91 4.38 -1.46
CA PHE A 587 11.79 4.64 -0.02
C PHE A 587 10.64 3.83 0.57
N ARG A 588 9.45 3.98 -0.02
CA ARG A 588 8.27 3.30 0.46
C ARG A 588 8.45 1.79 0.45
N ARG A 589 8.87 1.24 -0.69
CA ARG A 589 9.09 -0.21 -0.76
C ARG A 589 10.11 -0.68 0.26
N PHE A 590 11.20 0.06 0.42
CA PHE A 590 12.26 -0.42 1.29
C PHE A 590 11.87 -0.35 2.75
N ARG A 591 11.12 0.69 3.12
CA ARG A 591 10.70 0.87 4.51
C ARG A 591 9.79 -0.26 4.98
N LYS A 592 8.92 -0.77 4.09
CA LYS A 592 8.12 -1.93 4.41
C LYS A 592 8.96 -3.20 4.42
N MET A 593 9.67 -3.47 3.33
CA MET A 593 10.10 -4.82 3.04
C MET A 593 11.59 -5.06 3.19
N ASN A 594 12.38 -4.03 3.55
CA ASN A 594 13.82 -4.24 3.58
C ASN A 594 14.49 -3.59 4.76
N ALA A 595 13.76 -3.40 5.86
CA ALA A 595 14.33 -2.75 7.03
C ALA A 595 13.70 -3.30 8.29
N ARG A 596 14.48 -3.29 9.37
CA ARG A 596 13.93 -3.65 10.67
C ARG A 596 12.76 -2.74 10.95
N GLN A 597 11.70 -3.28 11.54
CA GLN A 597 10.43 -2.57 11.59
C GLN A 597 10.20 -1.95 12.98
N SER A 598 10.92 -0.87 13.25
CA SER A 598 11.00 -0.29 14.57
C SER A 598 11.49 1.14 14.40
N LYS A 599 11.08 2.00 15.34
CA LYS A 599 11.27 3.42 15.11
C LYS A 599 12.73 3.82 15.10
N CYS A 600 13.60 3.06 15.77
CA CYS A 600 14.99 3.50 15.90
C CYS A 600 15.91 2.83 14.89
N TYR A 601 15.37 2.04 13.98
CA TYR A 601 16.17 1.42 12.95
C TYR A 601 15.68 1.69 11.54
N GLU A 602 14.41 2.02 11.35
CA GLU A 602 13.85 2.15 10.00
C GLU A 602 14.67 3.10 9.14
N MET A 603 15.21 4.17 9.72
CA MET A 603 15.82 5.18 8.85
C MET A 603 17.19 4.76 8.36
N GLU A 604 18.01 4.16 9.24
CA GLU A 604 19.32 3.71 8.79
C GLU A 604 19.20 2.51 7.86
N ASP A 605 18.46 1.46 8.27
CA ASP A 605 18.31 0.28 7.42
C ASP A 605 17.84 0.63 6.01
N VAL A 606 17.01 1.66 5.87
CA VAL A 606 16.58 2.01 4.53
C VAL A 606 17.69 2.75 3.81
N LEU A 607 18.28 3.74 4.49
CA LEU A 607 19.43 4.45 3.94
C LEU A 607 20.50 3.50 3.39
N LYS A 608 21.05 2.64 4.25
CA LYS A 608 22.01 1.63 3.80
C LYS A 608 21.50 0.86 2.59
N HIS A 609 20.42 0.10 2.75
CA HIS A 609 20.00 -0.78 1.66
C HIS A 609 19.51 -0.01 0.43
N HIS A 610 19.09 1.24 0.58
CA HIS A 610 18.84 2.07 -0.59
C HIS A 610 20.14 2.35 -1.34
N TRP A 611 21.26 2.53 -0.62
CA TRP A 611 22.53 2.80 -1.29
C TRP A 611 22.95 1.61 -2.15
N LEU A 612 22.93 0.40 -1.59
CA LEU A 612 23.32 -0.78 -2.34
C LEU A 612 22.52 -0.90 -3.62
N TYR A 613 21.23 -0.59 -3.58
CA TYR A 613 20.44 -0.69 -4.81
C TYR A 613 20.94 0.27 -5.87
N THR A 614 21.72 1.26 -5.48
CA THR A 614 22.21 2.24 -6.41
C THR A 614 23.67 2.00 -6.80
N SER A 615 24.21 0.84 -6.42
CA SER A 615 25.60 0.50 -6.68
C SER A 615 25.73 -0.07 -8.08
N LYS A 616 26.41 0.68 -8.95
CA LYS A 616 26.69 0.20 -10.30
C LYS A 616 27.50 -1.08 -10.26
N TYR A 617 28.44 -1.21 -9.31
CA TYR A 617 29.20 -2.45 -9.24
C TYR A 617 28.31 -3.66 -9.01
N LEU A 618 27.25 -3.49 -8.21
CA LEU A 618 26.31 -4.60 -8.06
C LEU A 618 25.41 -4.71 -9.28
N GLN A 619 25.09 -3.57 -9.90
CA GLN A 619 24.21 -3.60 -11.08
C GLN A 619 24.86 -4.32 -12.26
N LYS A 620 26.19 -4.16 -12.43
CA LYS A 620 26.85 -4.78 -13.56
C LYS A 620 26.62 -6.29 -13.60
N PHE A 621 26.62 -6.96 -12.45
CA PHE A 621 26.45 -8.41 -12.44
C PHE A 621 25.14 -8.86 -13.05
N MET A 622 24.14 -7.99 -13.13
CA MET A 622 22.88 -8.48 -13.68
C MET A 622 22.93 -8.45 -15.20
N ASN A 623 23.65 -7.48 -15.76
CA ASN A 623 23.87 -7.36 -17.20
C ASN A 623 24.96 -8.28 -17.73
N ALA A 624 25.53 -9.17 -16.90
CA ALA A 624 26.72 -9.92 -17.30
C ALA A 624 26.41 -10.92 -18.40
N HIS A 625 25.20 -11.47 -18.41
CA HIS A 625 24.78 -12.33 -19.51
C HIS A 625 24.97 -11.61 -20.85
N ASN A 626 24.42 -10.41 -20.97
CA ASN A 626 24.49 -9.62 -22.19
C ASN A 626 25.87 -8.96 -22.25
N ALA A 627 26.85 -9.73 -22.71
CA ALA A 627 28.24 -9.29 -22.75
C ALA A 627 28.42 -8.05 -23.64
N VAL B 3 -4.63 32.13 42.37
CA VAL B 3 -4.09 31.60 41.11
C VAL B 3 -5.11 30.69 40.39
N SER B 4 -5.93 31.26 39.51
CA SER B 4 -6.99 30.53 38.81
C SER B 4 -6.58 30.19 37.38
N LEU B 5 -6.66 28.90 37.04
CA LEU B 5 -6.26 28.37 35.74
C LEU B 5 -7.44 28.38 34.77
N GLN B 6 -7.17 28.79 33.53
CA GLN B 6 -8.25 28.98 32.55
C GLN B 6 -7.83 28.48 31.18
N MET B 7 -8.67 27.66 30.54
CA MET B 7 -8.39 27.21 29.18
C MET B 7 -8.57 28.35 28.18
N VAL B 8 -7.80 28.29 27.08
CA VAL B 8 -7.84 29.32 26.05
C VAL B 8 -7.96 28.67 24.66
N THR B 9 -8.83 29.24 23.83
CA THR B 9 -8.97 28.92 22.41
C THR B 9 -8.16 29.89 21.57
N VAL B 10 -7.80 29.46 20.34
CA VAL B 10 -6.93 30.28 19.49
C VAL B 10 -7.51 30.36 18.08
N GLY B 11 -7.13 31.43 17.36
CA GLY B 11 -7.65 31.75 16.04
C GLY B 11 -7.03 30.92 14.94
N HIS B 12 -7.19 31.40 13.70
CA HIS B 12 -6.71 30.63 12.55
C HIS B 12 -5.19 30.47 12.57
N ASN B 13 -4.47 31.48 13.02
CA ASN B 13 -3.00 31.41 12.97
C ASN B 13 -2.43 30.96 14.30
N ILE B 14 -3.06 29.93 14.85
CA ILE B 14 -2.57 29.31 16.08
C ILE B 14 -1.19 28.72 15.88
N ALA B 15 -0.86 28.32 14.64
CA ALA B 15 0.38 27.62 14.35
C ALA B 15 1.64 28.42 14.70
N LEU B 16 1.57 29.75 14.61
CA LEU B 16 2.70 30.62 14.93
C LEU B 16 3.31 30.31 16.30
N ILE B 17 2.48 29.97 17.28
CA ILE B 17 2.95 29.87 18.66
C ILE B 17 3.75 28.59 18.83
N GLN B 18 4.99 28.73 19.32
CA GLN B 18 5.96 27.66 19.50
C GLN B 18 6.74 27.83 20.79
N PRO B 19 7.48 26.82 21.26
CA PRO B 19 8.40 27.04 22.39
C PRO B 19 9.52 28.02 22.02
N GLY B 20 9.89 28.86 22.99
CA GLY B 20 10.88 29.91 22.75
C GLY B 20 10.30 31.24 22.32
N PHE B 21 8.97 31.35 22.22
CA PHE B 21 8.35 32.60 21.84
C PHE B 21 8.45 33.60 22.99
N SER B 22 8.19 34.88 22.67
CA SER B 22 8.24 35.95 23.67
C SER B 22 7.03 36.86 23.55
N LEU B 23 6.62 37.42 24.70
CA LEU B 23 5.53 38.39 24.80
C LEU B 23 6.07 39.69 25.38
N MET B 24 5.63 40.82 24.83
CA MET B 24 6.06 42.12 25.32
C MET B 24 4.83 42.95 25.66
N ASN B 25 4.95 43.75 26.71
CA ASN B 25 3.87 44.55 27.25
C ASN B 25 4.16 46.04 27.05
N PHE B 26 3.27 46.72 26.32
CA PHE B 26 3.34 48.17 26.09
C PHE B 26 1.99 48.78 26.48
N ASP B 27 1.92 49.35 27.69
CA ASP B 27 0.74 50.08 28.17
C ASP B 27 -0.47 49.15 28.32
N GLY B 28 -0.23 47.95 28.86
CA GLY B 28 -1.32 47.02 29.03
C GLY B 28 -1.69 46.19 27.81
N GLN B 29 -1.43 46.72 26.62
CA GLN B 29 -1.58 45.94 25.41
C GLN B 29 -0.42 44.98 25.26
N VAL B 30 -0.72 43.67 25.15
CA VAL B 30 0.31 42.64 25.03
C VAL B 30 0.59 42.42 23.54
N PHE B 31 1.85 42.10 23.22
CA PHE B 31 2.26 41.79 21.86
C PHE B 31 3.12 40.52 21.85
N PHE B 32 3.20 39.90 20.67
CA PHE B 32 3.76 38.56 20.51
C PHE B 32 4.87 38.59 19.48
N PHE B 33 5.94 37.85 19.75
CA PHE B 33 7.11 37.88 18.87
C PHE B 33 7.77 36.50 18.85
N GLY B 34 8.36 36.16 17.70
CA GLY B 34 9.06 34.90 17.54
C GLY B 34 8.21 33.82 16.91
N GLN B 35 7.55 34.15 15.80
CA GLN B 35 6.66 33.18 15.21
C GLN B 35 7.45 32.00 14.67
N LYS B 36 6.82 30.83 14.66
CA LYS B 36 7.43 29.70 13.96
C LYS B 36 7.44 29.98 12.47
N GLY B 37 8.53 29.60 11.81
CA GLY B 37 8.78 29.89 10.41
C GLY B 37 9.02 31.36 10.15
N TRP B 38 9.50 31.71 8.95
CA TRP B 38 9.74 33.10 8.62
C TRP B 38 8.42 33.82 8.44
N PRO B 39 8.38 35.12 8.66
CA PRO B 39 7.14 35.86 8.46
C PRO B 39 6.61 35.70 7.05
N LYS B 40 5.29 35.53 6.94
CA LYS B 40 4.56 35.28 5.70
C LYS B 40 3.83 36.55 5.30
N ARG B 41 3.37 36.59 4.06
CA ARG B 41 2.76 37.83 3.56
C ARG B 41 1.55 38.28 4.39
N SER B 42 0.96 37.37 5.18
CA SER B 42 -0.13 37.75 6.10
C SER B 42 0.36 38.74 7.17
N CYS B 43 1.58 38.54 7.69
CA CYS B 43 2.17 39.45 8.66
C CYS B 43 3.67 39.54 8.42
N PRO B 44 4.14 40.55 7.69
CA PRO B 44 5.57 40.61 7.33
C PRO B 44 6.51 40.87 8.49
N THR B 45 6.09 41.57 9.55
CA THR B 45 7.03 41.88 10.62
C THR B 45 7.34 40.67 11.49
N GLY B 46 6.41 39.73 11.63
CA GLY B 46 6.55 38.69 12.63
C GLY B 46 6.17 39.12 14.04
N VAL B 47 5.56 40.30 14.20
CA VAL B 47 5.08 40.77 15.48
C VAL B 47 3.57 40.92 15.44
N PHE B 48 2.90 40.48 16.51
CA PHE B 48 1.45 40.39 16.56
C PHE B 48 0.90 41.02 17.82
N HIS B 49 -0.18 41.77 17.68
CA HIS B 49 -1.00 42.19 18.82
C HIS B 49 -1.73 40.96 19.38
N PHE B 50 -1.43 40.60 20.64
CA PHE B 50 -1.80 39.34 21.32
C PHE B 50 -2.88 39.62 22.37
N ASP B 51 -4.15 39.62 22.00
CA ASP B 51 -5.19 39.97 22.96
C ASP B 51 -6.20 38.85 23.14
N ILE B 52 -6.42 38.45 24.40
CA ILE B 52 -7.35 37.39 24.78
C ILE B 52 -8.63 38.07 25.26
N LYS B 53 -9.74 37.85 24.57
CA LYS B 53 -11.01 38.42 25.00
C LYS B 53 -11.98 37.29 25.31
N GLN B 54 -12.39 37.20 26.57
CA GLN B 54 -13.25 36.12 27.05
C GLN B 54 -12.68 34.76 26.65
N ASN B 55 -11.46 34.53 27.10
CA ASN B 55 -10.73 33.26 26.97
C ASN B 55 -10.53 32.81 25.53
N HIS B 56 -10.65 33.73 24.58
CA HIS B 56 -10.30 33.48 23.19
C HIS B 56 -9.20 34.45 22.77
N LEU B 57 -8.10 33.90 22.23
CA LEU B 57 -6.92 34.68 21.84
C LEU B 57 -6.91 34.88 20.34
N LYS B 58 -6.87 36.14 19.91
CA LYS B 58 -6.68 36.46 18.51
C LYS B 58 -5.30 37.09 18.34
N LEU B 59 -4.50 36.55 17.41
CA LEU B 59 -3.19 37.09 17.06
C LEU B 59 -3.36 37.90 15.79
N LYS B 60 -3.16 39.21 15.90
CA LYS B 60 -3.36 40.13 14.79
C LYS B 60 -2.05 40.81 14.41
N PRO B 61 -1.74 40.92 13.12
CA PRO B 61 -0.45 41.45 12.71
C PRO B 61 -0.27 42.91 13.14
N ALA B 62 0.95 43.25 13.58
CA ALA B 62 1.39 44.62 13.84
C ALA B 62 2.40 45.05 12.77
N ILE B 63 2.42 46.34 12.45
CA ILE B 63 3.29 46.86 11.39
C ILE B 63 4.43 47.66 12.00
N PHE B 64 5.49 47.83 11.21
CA PHE B 64 6.68 48.54 11.65
C PHE B 64 6.75 49.97 11.06
N SER B 65 7.60 50.78 11.68
CA SER B 65 7.82 52.13 11.21
C SER B 65 8.79 52.11 10.05
N LYS B 66 8.82 53.21 9.28
CA LYS B 66 9.68 53.19 8.11
C LYS B 66 11.13 52.98 8.50
N ASP B 67 11.52 53.48 9.67
CA ASP B 67 12.91 53.41 10.10
C ASP B 67 13.21 52.14 10.88
N SER B 68 12.40 51.10 10.73
CA SER B 68 12.59 49.92 11.54
C SER B 68 13.42 48.87 10.81
N CYS B 69 14.17 48.09 11.59
CA CYS B 69 14.73 46.83 11.13
C CYS B 69 13.65 45.77 11.14
N TYR B 70 13.77 44.79 10.25
CA TYR B 70 12.84 43.67 10.22
C TYR B 70 13.55 42.46 10.80
N LEU B 71 13.56 42.40 12.13
CA LEU B 71 14.30 41.36 12.80
C LEU B 71 13.72 40.00 12.45
N PRO B 72 14.56 38.97 12.43
CA PRO B 72 14.08 37.62 12.23
C PRO B 72 13.35 37.13 13.46
N PRO B 73 12.44 36.16 13.31
CA PRO B 73 11.82 35.55 14.48
C PRO B 73 12.88 34.87 15.35
N LEU B 74 12.82 35.09 16.64
CA LEU B 74 13.86 34.61 17.54
C LEU B 74 13.30 33.76 18.66
N ARG B 75 13.89 32.59 18.83
CA ARG B 75 13.50 31.64 19.85
C ARG B 75 14.49 31.72 21.00
N TYR B 76 14.00 31.75 22.23
CA TYR B 76 14.86 31.83 23.40
C TYR B 76 15.82 33.01 23.44
N PRO B 77 15.40 34.21 23.08
CA PRO B 77 16.27 35.36 23.27
C PRO B 77 16.20 35.82 24.72
N ALA B 78 17.20 36.60 25.09
CA ALA B 78 17.18 37.29 26.37
C ALA B 78 16.39 38.57 26.17
N THR B 79 15.35 38.78 26.96
CA THR B 79 14.47 39.92 26.77
C THR B 79 14.44 40.75 28.05
N CYS B 80 14.36 42.08 27.87
CA CYS B 80 14.39 42.99 29.00
C CYS B 80 13.57 44.24 28.71
N SER B 81 13.03 44.80 29.79
CA SER B 81 12.20 46.00 29.75
C SER B 81 13.04 47.18 30.22
N TYR B 82 12.96 48.29 29.51
CA TYR B 82 13.78 49.47 29.78
C TYR B 82 12.89 50.68 30.02
N LYS B 83 13.17 51.41 31.11
CA LYS B 83 12.51 52.69 31.40
C LYS B 83 13.43 53.86 31.03
N LYS B 90 8.29 56.32 27.32
CA LYS B 90 9.74 56.12 27.24
C LYS B 90 10.09 54.64 27.40
N HIS B 91 9.05 53.81 27.43
CA HIS B 91 9.18 52.38 27.69
C HIS B 91 9.60 51.64 26.43
N GLN B 92 10.60 50.77 26.56
CA GLN B 92 11.13 50.04 25.41
C GLN B 92 11.63 48.67 25.87
N TYR B 93 11.89 47.79 24.87
CA TYR B 93 12.25 46.39 25.10
C TYR B 93 13.55 46.05 24.42
N ILE B 94 14.38 45.25 25.10
CA ILE B 94 15.67 44.80 24.58
C ILE B 94 15.56 43.34 24.19
N ILE B 95 16.02 42.99 22.99
CA ILE B 95 16.11 41.60 22.56
C ILE B 95 17.56 41.30 22.22
N HIS B 96 18.18 40.37 22.95
CA HIS B 96 19.55 39.99 22.67
C HIS B 96 19.64 38.48 22.49
N GLY B 97 20.32 38.06 21.43
CA GLY B 97 20.58 36.65 21.17
C GLY B 97 19.42 35.96 20.48
N GLY B 98 19.31 34.65 20.73
CA GLY B 98 18.23 33.83 20.21
C GLY B 98 18.58 33.08 18.92
N LYS B 99 17.72 32.12 18.58
CA LYS B 99 17.85 31.29 17.38
C LYS B 99 16.93 31.81 16.30
N THR B 100 17.44 31.83 15.06
CA THR B 100 16.64 32.23 13.92
C THR B 100 15.94 31.02 13.32
N PRO B 101 14.93 31.23 12.49
CA PRO B 101 14.30 30.11 11.78
C PRO B 101 15.28 29.17 11.11
N ASN B 102 16.47 29.64 10.76
CA ASN B 102 17.47 28.80 10.12
C ASN B 102 18.40 28.15 11.12
N ASN B 103 18.08 28.24 12.41
CA ASN B 103 18.86 27.71 13.51
C ASN B 103 20.19 28.43 13.75
N GLU B 104 20.41 29.58 13.12
CA GLU B 104 21.54 30.43 13.47
C GLU B 104 21.27 31.20 14.76
N LEU B 105 22.35 31.57 15.46
CA LEU B 105 22.31 32.43 16.63
C LEU B 105 22.72 33.83 16.21
N SER B 106 21.98 34.86 16.61
CA SER B 106 22.29 36.22 16.22
C SER B 106 22.86 36.98 17.41
N ASP B 107 24.00 37.65 17.16
CA ASP B 107 24.65 38.53 18.12
C ASP B 107 23.98 39.89 18.18
N LYS B 108 23.19 40.24 17.17
CA LYS B 108 22.62 41.57 17.06
C LYS B 108 21.64 41.82 18.20
N ILE B 109 21.48 43.08 18.58
CA ILE B 109 20.53 43.49 19.60
C ILE B 109 19.51 44.42 18.97
N TYR B 110 18.23 44.20 19.29
CA TYR B 110 17.12 44.96 18.72
C TYR B 110 16.38 45.65 19.84
N ILE B 111 15.93 46.87 19.58
CA ILE B 111 15.13 47.63 20.53
C ILE B 111 13.74 47.82 19.98
N MET B 112 12.74 47.46 20.78
CA MET B 112 11.34 47.52 20.39
C MET B 112 10.69 48.62 21.21
N SER B 113 10.06 49.55 20.50
CA SER B 113 9.47 50.73 21.11
C SER B 113 8.26 51.10 20.30
N VAL B 114 7.28 51.67 20.96
CA VAL B 114 6.05 52.08 20.29
C VAL B 114 6.29 53.36 19.50
N ALA B 115 6.11 53.31 18.20
CA ALA B 115 6.29 54.50 17.38
C ALA B 115 5.05 55.38 17.36
N CYS B 116 3.87 54.78 17.19
CA CYS B 116 2.63 55.54 17.02
C CYS B 116 1.47 54.71 17.54
N LYS B 117 0.45 55.36 18.07
CA LYS B 117 -0.72 54.62 18.55
C LYS B 117 -2.02 55.30 18.10
N ASN B 118 -2.17 55.48 16.79
CA ASN B 118 -3.34 56.19 16.25
C ASN B 118 -4.49 55.22 16.09
N ASN B 119 -5.63 55.56 16.72
CA ASN B 119 -6.86 54.77 16.68
C ASN B 119 -6.64 53.33 17.16
N LYS B 120 -5.91 53.17 18.26
CA LYS B 120 -5.70 51.88 18.93
C LYS B 120 -5.04 50.85 18.01
N LYS B 121 -4.38 51.31 16.95
CA LYS B 121 -3.47 50.51 16.14
C LYS B 121 -2.06 51.01 16.37
N VAL B 122 -1.13 50.09 16.66
CA VAL B 122 0.20 50.42 17.13
C VAL B 122 1.19 50.18 15.99
N THR B 123 2.06 51.17 15.74
CA THR B 123 3.24 51.00 14.89
C THR B 123 4.47 50.88 15.79
N PHE B 124 5.33 49.92 15.50
CA PHE B 124 6.52 49.69 16.30
C PHE B 124 7.75 50.27 15.61
N ARG B 125 8.76 50.58 16.41
CA ARG B 125 10.08 50.90 15.88
C ARG B 125 11.03 49.77 16.28
N CYS B 126 11.64 49.13 15.30
CA CYS B 126 12.64 48.10 15.57
C CYS B 126 13.97 48.57 15.01
N THR B 127 14.85 49.01 15.90
CA THR B 127 16.19 49.50 15.59
C THR B 127 17.26 48.58 16.15
N GLU B 128 18.32 48.38 15.37
CA GLU B 128 19.44 47.55 15.76
C GLU B 128 20.47 48.43 16.48
N LYS B 129 20.95 47.97 17.62
CA LYS B 129 21.96 48.68 18.39
C LYS B 129 23.31 48.03 18.14
N ASP B 130 24.27 48.80 17.63
CA ASP B 130 25.59 48.21 17.45
C ASP B 130 26.30 48.11 18.79
N LEU B 131 27.16 47.11 18.93
CA LEU B 131 27.77 46.80 20.22
C LEU B 131 29.26 46.56 20.00
N VAL B 132 30.11 47.28 20.73
CA VAL B 132 31.56 47.14 20.59
C VAL B 132 32.21 46.97 21.97
N GLY B 133 33.40 46.39 21.94
CA GLY B 133 34.13 46.08 23.15
C GLY B 133 34.18 44.58 23.40
N ASP B 134 33.70 44.14 24.56
CA ASP B 134 33.56 42.72 24.87
C ASP B 134 32.13 42.28 24.59
N VAL B 135 31.81 42.10 23.32
CA VAL B 135 30.44 41.71 22.97
C VAL B 135 30.23 40.25 23.35
N PRO B 136 29.10 39.89 23.94
CA PRO B 136 28.87 38.49 24.25
C PRO B 136 28.65 37.71 22.98
N GLU B 137 29.16 36.49 22.95
CA GLU B 137 29.00 35.65 21.76
C GLU B 137 27.53 35.31 21.57
N PRO B 138 27.11 34.92 20.36
CA PRO B 138 25.69 34.65 20.13
C PRO B 138 25.15 33.56 21.05
N ARG B 139 23.96 33.82 21.63
CA ARG B 139 23.42 33.04 22.72
C ARG B 139 21.91 32.93 22.65
N TYR B 140 21.42 31.87 23.27
CA TYR B 140 20.00 31.74 23.59
C TYR B 140 19.92 31.22 25.03
N GLY B 141 18.73 31.30 25.60
CA GLY B 141 18.56 30.74 26.93
C GLY B 141 19.35 31.48 27.99
N HIS B 142 19.48 32.81 27.86
CA HIS B 142 20.29 33.63 28.75
C HIS B 142 19.45 34.83 29.18
N SER B 143 19.84 35.44 30.30
CA SER B 143 19.09 36.55 30.87
C SER B 143 19.80 37.87 30.63
N ILE B 144 19.01 38.93 30.52
CA ILE B 144 19.53 40.30 30.43
C ILE B 144 18.63 41.20 31.26
N ASP B 145 19.23 42.03 32.11
CA ASP B 145 18.45 42.89 32.99
C ASP B 145 19.16 44.24 33.15
N VAL B 146 18.39 45.25 33.51
CA VAL B 146 18.86 46.62 33.68
C VAL B 146 18.90 46.97 35.15
N VAL B 147 20.04 47.47 35.64
CA VAL B 147 20.16 47.84 37.04
C VAL B 147 20.31 49.35 37.13
N TYR B 148 19.98 49.88 38.31
CA TYR B 148 20.10 51.29 38.61
C TYR B 148 20.96 51.47 39.84
N SER B 149 22.08 52.19 39.69
CA SER B 149 23.02 52.46 40.79
C SER B 149 23.48 53.89 40.69
N ARG B 150 23.25 54.69 41.74
CA ARG B 150 23.74 56.05 41.82
C ARG B 150 23.35 56.88 40.59
N GLY B 151 22.06 56.82 40.24
CA GLY B 151 21.54 57.62 39.13
C GLY B 151 22.05 57.24 37.77
N LYS B 152 22.54 56.00 37.62
CA LYS B 152 23.13 55.51 36.39
C LYS B 152 22.43 54.22 35.98
N SER B 153 22.34 53.99 34.66
CA SER B 153 21.69 52.80 34.10
C SER B 153 22.74 51.88 33.51
N MET B 154 22.64 50.59 33.80
CA MET B 154 23.59 49.62 33.26
C MET B 154 22.90 48.28 32.98
N GLY B 155 23.25 47.63 31.88
CA GLY B 155 22.65 46.36 31.50
C GLY B 155 23.56 45.21 31.86
N VAL B 156 22.96 44.16 32.42
CA VAL B 156 23.66 42.96 32.86
C VAL B 156 23.18 41.79 32.02
N LEU B 157 24.07 40.87 31.66
CA LEU B 157 23.75 39.74 30.78
C LEU B 157 24.51 38.51 31.25
N PHE B 158 23.81 37.45 31.62
CA PHE B 158 24.54 36.33 32.17
C PHE B 158 24.03 34.99 31.64
N GLY B 159 24.99 34.08 31.38
CA GLY B 159 24.63 32.72 31.05
C GLY B 159 24.15 32.46 29.63
N GLY B 160 23.80 31.18 29.42
CA GLY B 160 23.13 30.73 28.23
C GLY B 160 23.88 29.63 27.52
N ARG B 161 23.67 29.55 26.20
CA ARG B 161 24.28 28.50 25.40
C ARG B 161 24.64 29.05 24.03
N SER B 162 25.56 28.34 23.37
CA SER B 162 25.89 28.61 21.97
C SER B 162 26.46 27.33 21.38
N TYR B 163 26.72 27.35 20.09
CA TYR B 163 27.34 26.20 19.45
C TYR B 163 28.83 26.22 19.73
N MET B 164 29.50 25.10 19.45
CA MET B 164 30.95 25.03 19.58
C MET B 164 31.62 26.15 18.78
N PRO B 165 32.83 26.57 19.15
CA PRO B 165 33.53 27.58 18.36
C PRO B 165 34.11 27.03 17.05
N SER B 166 34.30 27.96 16.09
CA SER B 166 34.65 27.61 14.72
C SER B 166 35.88 26.72 14.63
N THR B 167 36.73 26.74 15.65
CA THR B 167 37.95 25.94 15.61
C THR B 167 37.65 24.47 15.92
N GLN B 168 36.74 24.21 16.85
CA GLN B 168 36.43 22.85 17.30
C GLN B 168 35.15 22.27 16.71
N ARG B 169 34.26 23.10 16.16
CA ARG B 169 32.97 22.63 15.66
C ARG B 169 33.16 21.77 14.41
N THR B 170 32.54 20.60 14.38
CA THR B 170 32.63 19.69 13.24
C THR B 170 31.23 19.33 12.78
N THR B 171 31.09 19.11 11.49
CA THR B 171 29.77 18.89 10.92
C THR B 171 29.08 17.69 11.54
N GLU B 172 29.84 16.68 11.95
CA GLU B 172 29.24 15.48 12.54
C GLU B 172 28.46 15.79 13.82
N LYS B 173 28.84 16.85 14.55
CA LYS B 173 28.11 17.31 15.72
C LYS B 173 27.74 18.78 15.57
N TRP B 174 27.40 19.19 14.34
CA TRP B 174 27.17 20.58 14.00
C TRP B 174 26.23 21.29 14.95
N ASN B 175 25.26 20.57 15.51
CA ASN B 175 24.24 21.19 16.36
C ASN B 175 24.58 21.13 17.85
N SER B 176 25.70 20.50 18.23
CA SER B 176 26.09 20.44 19.64
C SER B 176 26.19 21.83 20.25
N VAL B 177 25.75 21.96 21.51
CA VAL B 177 25.70 23.25 22.18
C VAL B 177 26.45 23.14 23.49
N ALA B 178 27.02 24.25 23.92
CA ALA B 178 27.71 24.26 25.19
C ALA B 178 27.42 25.57 25.90
N ASP B 179 27.47 25.52 27.23
CA ASP B 179 27.20 26.69 28.03
C ASP B 179 28.26 27.75 27.78
N CYS B 180 27.82 29.00 27.66
CA CYS B 180 28.79 30.07 27.57
C CYS B 180 29.58 30.16 28.87
N LEU B 181 30.74 30.81 28.79
CA LEU B 181 31.51 31.09 30.00
C LEU B 181 30.70 32.01 30.93
N PRO B 182 30.69 31.71 32.23
CA PRO B 182 29.74 32.44 33.08
C PRO B 182 30.30 33.79 33.52
N HIS B 183 30.50 34.65 32.53
CA HIS B 183 31.03 35.98 32.76
C HIS B 183 29.86 36.93 32.79
N VAL B 184 29.84 37.79 33.76
CA VAL B 184 28.81 38.82 33.78
C VAL B 184 29.18 39.88 32.76
N PHE B 185 28.20 40.36 32.01
CA PHE B 185 28.42 41.35 30.96
C PHE B 185 27.70 42.62 31.35
N LEU B 186 28.46 43.68 31.59
CA LEU B 186 27.87 45.01 31.71
C LEU B 186 27.77 45.63 30.33
N ILE B 187 26.59 46.15 30.00
CA ILE B 187 26.29 46.62 28.65
C ILE B 187 25.60 47.97 28.78
N ASP B 188 26.26 49.03 28.34
CA ASP B 188 25.69 50.36 28.40
C ASP B 188 25.03 50.66 27.06
N PHE B 189 23.72 50.89 27.10
CA PHE B 189 22.98 51.11 25.87
C PHE B 189 23.23 52.51 25.32
N GLU B 190 23.61 53.45 26.18
CA GLU B 190 23.84 54.83 25.76
C GLU B 190 25.03 54.93 24.80
N PHE B 191 26.08 54.16 25.05
CA PHE B 191 27.30 54.27 24.27
C PHE B 191 27.52 53.11 23.32
N GLY B 192 26.91 51.95 23.56
CA GLY B 192 27.13 50.81 22.68
C GLY B 192 28.39 50.02 22.99
N CYS B 193 28.79 49.99 24.25
CA CYS B 193 29.94 49.22 24.69
C CYS B 193 29.52 48.15 25.69
N ALA B 194 30.33 47.11 25.80
CA ALA B 194 30.07 45.98 26.68
C ALA B 194 31.34 45.60 27.43
N THR B 195 31.23 45.39 28.74
CA THR B 195 32.39 45.06 29.58
C THR B 195 32.19 43.71 30.23
N SER B 196 33.20 42.87 30.18
CA SER B 196 33.12 41.50 30.70
C SER B 196 33.83 41.38 32.04
N TYR B 197 33.19 40.71 33.01
CA TYR B 197 33.77 40.49 34.33
C TYR B 197 33.78 39.01 34.68
N ILE B 198 34.95 38.45 34.97
CA ILE B 198 35.05 37.08 35.48
C ILE B 198 35.02 37.14 37.00
N LEU B 199 34.20 36.29 37.61
CA LEU B 199 34.04 36.23 39.05
C LEU B 199 34.37 34.84 39.58
N PRO B 200 34.95 34.73 40.79
CA PRO B 200 35.16 33.40 41.38
C PRO B 200 33.87 32.70 41.76
N GLU B 201 32.84 33.46 42.15
CA GLU B 201 31.59 32.87 42.65
C GLU B 201 30.85 32.13 41.54
N LEU B 202 30.98 32.58 40.30
CA LEU B 202 30.24 32.01 39.16
C LEU B 202 31.20 31.11 38.39
N GLN B 203 31.30 29.86 38.87
CA GLN B 203 32.29 28.94 38.29
C GLN B 203 31.70 28.15 37.10
N ASP B 204 30.42 27.79 37.15
CA ASP B 204 29.78 26.94 36.16
C ASP B 204 28.92 27.74 35.19
N GLY B 205 28.70 27.16 34.02
CA GLY B 205 27.83 27.76 33.03
C GLY B 205 26.37 27.44 33.31
N LEU B 206 25.49 28.37 32.96
CA LEU B 206 24.12 28.29 33.43
C LEU B 206 23.20 28.86 32.38
N SER B 207 22.13 28.14 32.06
CA SER B 207 21.13 28.60 31.10
C SER B 207 19.74 28.24 31.61
N PHE B 208 18.75 28.97 31.06
CA PHE B 208 17.34 28.76 31.35
C PHE B 208 17.00 29.02 32.82
N HIS B 209 17.76 29.90 33.45
CA HIS B 209 17.52 30.37 34.80
C HIS B 209 16.55 31.55 34.80
N VAL B 210 16.11 31.97 36.00
CA VAL B 210 15.26 33.14 36.15
C VAL B 210 16.11 34.30 36.66
N SER B 211 15.78 35.52 36.20
CA SER B 211 16.48 36.72 36.62
C SER B 211 15.48 37.75 37.13
N ILE B 212 15.73 38.27 38.33
CA ILE B 212 14.90 39.27 38.96
C ILE B 212 15.81 40.43 39.35
N ALA B 213 15.42 41.64 38.94
CA ALA B 213 16.28 42.79 39.03
C ALA B 213 15.60 43.83 39.88
N ARG B 214 16.28 44.27 40.93
CA ARG B 214 15.83 45.33 41.82
C ARG B 214 16.99 46.26 42.10
N ASN B 215 16.82 47.54 41.74
CA ASN B 215 17.82 48.58 41.93
C ASN B 215 19.15 48.12 41.33
N ASP B 216 20.23 48.08 42.07
CA ASP B 216 21.57 47.75 41.59
C ASP B 216 21.90 46.26 41.64
N THR B 217 20.92 45.39 41.90
CA THR B 217 21.16 43.95 42.06
C THR B 217 20.28 43.14 41.11
N VAL B 218 20.81 42.00 40.70
CA VAL B 218 20.08 41.04 39.89
C VAL B 218 20.28 39.67 40.53
N TYR B 219 19.18 38.98 40.79
CA TYR B 219 19.25 37.65 41.36
C TYR B 219 19.18 36.59 40.25
N ILE B 220 19.99 35.56 40.41
CA ILE B 220 20.07 34.45 39.47
C ILE B 220 19.52 33.22 40.17
N LEU B 221 18.47 32.63 39.60
CA LEU B 221 17.73 31.54 40.22
C LEU B 221 17.72 30.32 39.31
N GLY B 222 17.96 29.15 39.91
CA GLY B 222 17.86 27.88 39.20
C GLY B 222 18.72 27.82 37.96
N GLY B 223 18.13 27.34 36.86
CA GLY B 223 18.88 27.12 35.64
C GLY B 223 19.45 25.72 35.55
N HIS B 224 20.11 25.46 34.42
CA HIS B 224 20.66 24.14 34.10
C HIS B 224 22.08 24.32 33.60
N SER B 225 23.00 23.51 34.12
CA SER B 225 24.40 23.55 33.75
C SER B 225 24.71 22.31 32.92
N LEU B 226 25.05 22.52 31.65
CA LEU B 226 25.13 21.40 30.70
C LEU B 226 26.23 20.42 31.08
N ALA B 227 27.40 20.92 31.48
CA ALA B 227 28.51 20.03 31.81
C ALA B 227 28.15 19.13 32.98
N SER B 228 27.66 19.73 34.06
CA SER B 228 27.26 18.96 35.24
C SER B 228 25.95 18.22 35.00
N ASN B 229 25.10 18.74 34.13
CA ASN B 229 23.71 18.25 33.93
C ASN B 229 22.92 18.29 35.22
N ILE B 230 23.10 19.37 35.98
CA ILE B 230 22.45 19.50 37.27
C ILE B 230 21.62 20.78 37.26
N ARG B 231 20.47 20.72 37.90
CA ARG B 231 19.65 21.90 38.06
C ARG B 231 19.89 22.40 39.47
N PRO B 232 20.89 23.25 39.66
CA PRO B 232 21.33 23.57 41.02
C PRO B 232 20.29 24.39 41.77
N ALA B 233 20.20 24.11 43.06
CA ALA B 233 19.26 24.76 43.97
C ALA B 233 19.92 25.97 44.61
N ASN B 234 20.64 26.73 43.81
CA ASN B 234 21.36 27.90 44.28
C ASN B 234 20.71 29.20 43.85
N LEU B 235 20.99 30.23 44.65
CA LEU B 235 20.58 31.60 44.41
C LEU B 235 21.84 32.44 44.39
N TYR B 236 22.00 33.30 43.39
CA TYR B 236 23.16 34.17 43.28
C TYR B 236 22.69 35.63 43.22
N ARG B 237 23.21 36.46 44.12
CA ARG B 237 23.01 37.90 44.02
C ARG B 237 24.22 38.51 43.36
N ILE B 238 23.97 39.49 42.49
CA ILE B 238 25.00 40.21 41.77
C ILE B 238 24.68 41.67 41.96
N ARG B 239 25.60 42.39 42.61
CA ARG B 239 25.47 43.82 42.85
C ARG B 239 26.42 44.57 41.93
N VAL B 240 25.90 45.64 41.31
CA VAL B 240 26.71 46.45 40.42
C VAL B 240 26.76 47.86 40.99
N ASP B 241 27.97 48.40 41.08
CA ASP B 241 28.21 49.74 41.58
C ASP B 241 28.55 50.63 40.38
N LEU B 242 27.92 51.79 40.32
CA LEU B 242 28.15 52.75 39.23
C LEU B 242 28.74 54.03 39.83
N PRO B 243 30.06 54.02 40.19
CA PRO B 243 30.70 55.27 40.63
C PRO B 243 31.17 56.07 39.44
N LEU B 244 31.85 57.19 39.69
CA LEU B 244 32.37 57.96 38.58
C LEU B 244 33.45 57.19 37.81
N GLY B 245 34.13 56.26 38.48
CA GLY B 245 35.11 55.42 37.83
C GLY B 245 34.49 54.16 37.24
N THR B 246 35.35 53.23 36.83
CA THR B 246 34.89 51.96 36.26
C THR B 246 34.01 51.21 37.25
N PRO B 247 32.85 50.67 36.82
CA PRO B 247 31.98 49.96 37.75
C PRO B 247 32.57 48.65 38.27
N ALA B 248 32.11 48.25 39.45
CA ALA B 248 32.53 47.03 40.13
C ALA B 248 31.34 46.12 40.37
N VAL B 249 31.56 44.83 40.15
CA VAL B 249 30.52 43.81 40.29
C VAL B 249 30.93 42.84 41.38
N ASN B 250 30.04 42.63 42.35
CA ASN B 250 30.29 41.69 43.44
C ASN B 250 29.14 40.69 43.50
N CYS B 251 29.51 39.43 43.67
CA CYS B 251 28.57 38.31 43.69
C CYS B 251 28.56 37.67 45.07
N THR B 252 27.37 37.27 45.52
CA THR B 252 27.21 36.60 46.80
C THR B 252 26.26 35.43 46.60
N VAL B 253 26.66 34.24 47.05
CA VAL B 253 25.73 33.11 47.11
C VAL B 253 24.84 33.27 48.34
N LEU B 254 23.57 32.94 48.20
CA LEU B 254 22.62 33.03 49.32
C LEU B 254 21.87 31.72 49.34
N PRO B 255 22.03 30.89 50.37
CA PRO B 255 21.31 29.60 50.38
C PRO B 255 19.81 29.78 50.52
N GLY B 256 19.10 28.70 50.21
CA GLY B 256 17.67 28.75 50.06
C GLY B 256 17.24 29.06 48.64
N GLY B 257 17.98 28.55 47.66
CA GLY B 257 17.68 28.80 46.25
C GLY B 257 16.82 27.70 45.64
N ILE B 258 15.90 28.12 44.77
CA ILE B 258 15.05 27.17 44.07
C ILE B 258 15.86 26.36 43.07
N SER B 259 15.41 25.13 42.80
CA SER B 259 16.00 24.28 41.77
C SER B 259 15.02 24.13 40.62
N VAL B 260 15.15 24.98 39.62
CA VAL B 260 14.25 24.93 38.47
C VAL B 260 14.93 25.48 37.22
N SER B 261 14.71 24.80 36.09
CA SER B 261 15.13 25.28 34.79
C SER B 261 13.90 25.64 33.95
N SER B 262 14.04 26.70 33.14
CA SER B 262 13.02 27.23 32.23
C SER B 262 11.80 27.74 32.96
N ALA B 263 11.94 28.20 34.21
CA ALA B 263 10.79 28.72 34.93
C ALA B 263 10.34 30.05 34.32
N ILE B 264 9.08 30.40 34.59
CA ILE B 264 8.48 31.64 34.10
C ILE B 264 8.25 32.55 35.29
N LEU B 265 8.47 33.85 35.08
CA LEU B 265 8.39 34.82 36.17
C LEU B 265 7.36 35.88 35.83
N THR B 266 6.51 36.21 36.80
CA THR B 266 5.56 37.31 36.65
C THR B 266 5.60 38.15 37.92
N GLN B 267 5.22 39.42 37.77
CA GLN B 267 5.23 40.40 38.85
C GLN B 267 3.79 40.59 39.29
N THR B 268 3.48 40.18 40.53
CA THR B 268 2.12 40.35 41.06
C THR B 268 1.89 41.76 41.59
N ASN B 269 2.81 42.26 42.41
CA ASN B 269 2.75 43.62 42.91
C ASN B 269 4.20 44.11 42.93
N ASN B 270 4.38 45.42 43.15
CA ASN B 270 5.75 45.93 43.31
C ASN B 270 6.44 45.16 44.43
N ASP B 271 7.65 44.72 44.14
CA ASP B 271 8.53 44.01 45.06
C ASP B 271 8.09 42.57 45.40
N GLU B 272 7.02 42.04 44.82
CA GLU B 272 6.69 40.62 44.95
C GLU B 272 6.48 40.02 43.57
N PHE B 273 7.05 38.84 43.32
CA PHE B 273 6.93 38.15 42.06
C PHE B 273 6.57 36.68 42.33
N VAL B 274 5.98 36.01 41.32
CA VAL B 274 5.69 34.57 41.39
C VAL B 274 6.51 33.82 40.35
N ILE B 275 7.04 32.67 40.75
CA ILE B 275 7.85 31.81 39.89
C ILE B 275 7.10 30.49 39.73
N VAL B 276 6.60 30.22 38.52
CA VAL B 276 5.82 29.01 38.23
C VAL B 276 6.44 28.24 37.07
N GLY B 277 6.13 26.96 37.00
CA GLY B 277 6.49 26.24 35.80
C GLY B 277 7.92 25.76 35.78
N GLY B 278 8.32 25.28 34.61
CA GLY B 278 9.67 24.84 34.38
C GLY B 278 9.85 23.44 34.93
N TYR B 279 11.10 22.99 34.92
CA TYR B 279 11.41 21.60 35.23
C TYR B 279 12.35 21.47 36.40
N GLN B 280 12.07 20.48 37.25
CA GLN B 280 12.99 20.14 38.34
C GLN B 280 13.95 19.05 37.92
N LEU B 281 13.51 18.19 37.03
CA LEU B 281 14.33 17.15 36.45
C LEU B 281 13.95 17.05 34.99
N GLU B 282 14.77 16.31 34.22
CA GLU B 282 14.48 16.18 32.79
C GLU B 282 13.07 15.64 32.56
N ASN B 283 12.69 14.62 33.33
CA ASN B 283 11.36 14.01 33.24
C ASN B 283 10.39 14.51 34.30
N GLN B 284 10.81 15.37 35.25
CA GLN B 284 9.94 15.83 36.33
C GLN B 284 9.64 17.34 36.26
N LYS B 285 8.41 17.70 35.92
CA LYS B 285 8.03 19.10 35.88
C LYS B 285 7.93 19.65 37.29
N ARG B 286 8.13 20.96 37.43
CA ARG B 286 8.01 21.62 38.74
C ARG B 286 6.59 22.14 38.89
N MET B 287 5.74 21.40 39.61
CA MET B 287 4.34 21.79 39.74
C MET B 287 4.13 22.84 40.81
N VAL B 288 5.04 22.91 41.79
CA VAL B 288 4.91 23.89 42.87
C VAL B 288 5.17 25.29 42.34
N CYS B 289 4.74 26.27 43.12
CA CYS B 289 4.99 27.66 42.79
C CYS B 289 5.62 28.36 44.00
N SER B 290 6.44 29.35 43.71
CA SER B 290 7.16 30.06 44.75
C SER B 290 6.85 31.54 44.66
N LEU B 291 6.83 32.18 45.82
CA LEU B 291 6.64 33.60 45.97
C LEU B 291 7.95 34.25 46.42
N VAL B 292 8.37 35.30 45.72
CA VAL B 292 9.59 36.01 46.08
C VAL B 292 9.21 37.40 46.59
N SER B 293 9.68 37.72 47.80
CA SER B 293 9.52 39.02 48.41
C SER B 293 10.91 39.64 48.52
N LEU B 294 11.02 40.86 48.03
CA LEU B 294 12.31 41.53 47.95
C LEU B 294 12.48 42.52 49.10
N GLY B 295 13.69 42.61 49.62
CA GLY B 295 13.99 43.68 50.55
C GLY B 295 15.12 44.48 49.94
N ASP B 296 15.28 45.75 50.35
CA ASP B 296 16.35 46.57 49.77
C ASP B 296 17.66 45.81 49.85
N ASN B 297 17.86 45.05 50.93
CA ASN B 297 19.04 44.23 51.11
C ASN B 297 18.75 42.74 51.27
N THR B 298 17.48 42.31 51.22
CA THR B 298 17.11 40.92 51.45
C THR B 298 16.17 40.40 50.37
N ILE B 299 16.17 39.07 50.18
CA ILE B 299 15.29 38.38 49.24
C ILE B 299 14.62 37.20 49.94
N GLU B 300 13.31 37.05 49.76
CA GLU B 300 12.53 36.00 50.44
C GLU B 300 11.79 35.10 49.45
N ILE B 301 12.06 33.79 49.52
CA ILE B 301 11.44 32.79 48.66
C ILE B 301 10.55 31.93 49.54
N SER B 302 9.25 31.92 49.24
CA SER B 302 8.26 31.23 50.05
C SER B 302 7.44 30.25 49.23
N GLU B 303 7.22 29.06 49.79
CA GLU B 303 6.31 28.12 49.15
C GLU B 303 4.91 28.71 49.20
N MET B 304 4.16 28.57 48.11
CA MET B 304 2.80 29.04 48.05
C MET B 304 1.91 27.92 47.56
N GLU B 305 0.60 28.17 47.63
CA GLU B 305 -0.39 27.16 47.26
C GLU B 305 -0.31 26.81 45.77
N THR B 306 -0.23 25.50 45.49
CA THR B 306 -0.16 25.03 44.12
C THR B 306 -1.52 25.23 43.46
N PRO B 307 -1.55 25.51 42.16
CA PRO B 307 -2.82 25.69 41.46
C PRO B 307 -3.50 24.35 41.21
N ASP B 308 -4.74 24.46 40.73
CA ASP B 308 -5.57 23.28 40.43
C ASP B 308 -5.31 22.82 38.99
N TRP B 309 -4.13 22.24 38.80
CA TRP B 309 -3.72 21.80 37.47
C TRP B 309 -4.69 20.74 36.98
N THR B 310 -4.92 20.71 35.67
CA THR B 310 -5.74 19.66 35.07
C THR B 310 -4.87 18.44 34.79
N SER B 311 -5.51 17.31 34.48
CA SER B 311 -4.73 16.08 34.30
C SER B 311 -3.83 16.17 33.07
N ASP B 312 -4.16 17.04 32.10
CA ASP B 312 -3.26 17.28 30.98
C ASP B 312 -1.93 17.83 31.46
N ILE B 313 -1.98 18.92 32.22
CA ILE B 313 -0.75 19.56 32.66
C ILE B 313 0.05 18.61 33.53
N LYS B 314 -0.62 17.83 34.38
CA LYS B 314 0.13 17.00 35.31
C LYS B 314 0.96 15.95 34.57
N HIS B 315 0.43 15.40 33.49
CA HIS B 315 1.09 14.30 32.80
C HIS B 315 1.81 14.69 31.52
N SER B 316 1.76 15.95 31.13
CA SER B 316 2.53 16.36 29.97
C SER B 316 4.02 16.24 30.28
N LYS B 317 4.82 15.86 29.28
CA LYS B 317 6.26 15.88 29.52
C LYS B 317 6.81 17.29 29.47
N ILE B 318 6.30 18.10 28.55
CA ILE B 318 6.84 19.44 28.33
C ILE B 318 5.72 20.45 28.45
N TRP B 319 6.06 21.62 28.97
CA TRP B 319 5.20 22.80 28.91
C TRP B 319 6.06 24.02 28.69
N PHE B 320 5.44 25.04 28.13
CA PHE B 320 6.16 26.28 27.82
C PHE B 320 5.20 27.43 27.96
N GLY B 321 5.76 28.61 28.21
CA GLY B 321 4.94 29.79 28.32
C GLY B 321 5.80 31.02 28.51
N SER B 322 5.11 32.16 28.60
CA SER B 322 5.76 33.42 28.92
C SER B 322 4.81 34.23 29.81
N ASN B 323 5.35 35.30 30.37
CA ASN B 323 4.55 36.20 31.20
C ASN B 323 3.79 37.21 30.34
N MET B 324 2.49 37.33 30.57
CA MET B 324 1.69 38.34 29.87
C MET B 324 1.84 39.72 30.48
N GLY B 325 2.21 39.80 31.76
CA GLY B 325 2.54 41.06 32.42
C GLY B 325 1.70 41.46 33.61
N ASN B 326 0.38 41.38 33.46
CA ASN B 326 -0.53 41.77 34.54
C ASN B 326 -0.74 40.61 35.50
N GLY B 327 0.40 40.06 35.95
CA GLY B 327 0.39 38.92 36.85
C GLY B 327 -0.34 37.71 36.32
N THR B 328 -0.35 37.51 35.01
CA THR B 328 -1.07 36.42 34.38
C THR B 328 -0.14 35.72 33.41
N ILE B 329 -0.04 34.40 33.52
CA ILE B 329 0.84 33.61 32.67
C ILE B 329 0.04 32.96 31.55
N PHE B 330 0.67 32.84 30.39
CA PHE B 330 0.10 32.20 29.22
C PHE B 330 0.86 30.90 29.00
N LEU B 331 0.19 29.76 29.17
CA LEU B 331 0.84 28.46 29.14
C LEU B 331 0.44 27.65 27.91
N GLY B 332 1.32 26.72 27.54
CA GLY B 332 1.09 25.87 26.39
C GLY B 332 1.66 24.49 26.63
N ILE B 333 0.89 23.46 26.27
CA ILE B 333 1.34 22.08 26.39
C ILE B 333 1.08 21.36 25.06
N PRO B 334 1.91 20.39 24.68
CA PRO B 334 1.69 19.70 23.42
C PRO B 334 0.33 19.04 23.43
N GLY B 335 -0.44 19.31 22.37
CA GLY B 335 -1.78 18.82 22.22
C GLY B 335 -1.86 17.59 21.34
N ASP B 336 -3.10 17.18 21.05
CA ASP B 336 -3.32 16.06 20.14
C ASP B 336 -2.92 16.41 18.71
N ASN B 337 -2.46 15.40 17.98
CA ASN B 337 -2.13 15.54 16.57
C ASN B 337 -3.08 14.69 15.74
N LYS B 338 -3.60 15.27 14.65
CA LYS B 338 -4.47 14.54 13.73
C LYS B 338 -3.75 13.38 13.09
N SER B 342 -5.59 17.47 14.97
CA SER B 342 -6.09 18.74 15.49
C SER B 342 -4.96 19.76 15.62
N GLU B 343 -5.15 20.71 16.54
CA GLU B 343 -4.16 21.74 16.78
C GLU B 343 -3.01 21.16 17.60
N ALA B 344 -1.80 21.64 17.30
CA ALA B 344 -0.60 21.02 17.87
C ALA B 344 -0.43 21.30 19.36
N PHE B 345 -0.94 22.44 19.87
CA PHE B 345 -0.73 22.81 21.26
C PHE B 345 -2.04 23.22 21.92
N TYR B 346 -2.09 23.02 23.23
CA TYR B 346 -3.20 23.41 24.10
C TYR B 346 -2.74 24.53 25.02
N PHE B 347 -3.52 25.61 25.08
CA PHE B 347 -3.10 26.79 25.84
C PHE B 347 -3.99 27.07 27.04
N TYR B 348 -3.35 27.55 28.10
CA TYR B 348 -4.02 27.96 29.33
C TYR B 348 -3.55 29.34 29.70
N THR B 349 -4.33 30.01 30.57
CA THR B 349 -3.95 31.27 31.19
C THR B 349 -4.11 31.13 32.68
N LEU B 350 -3.02 31.25 33.41
CA LEU B 350 -3.04 31.20 34.87
C LEU B 350 -2.90 32.61 35.41
N ARG B 351 -3.89 33.08 36.20
CA ARG B 351 -3.89 34.44 36.75
C ARG B 351 -3.45 34.45 38.21
N CYS B 352 -2.98 35.62 38.67
CA CYS B 352 -2.57 35.85 40.07
C CYS B 352 -3.07 37.18 40.65
N HIS C 4 54.06 -55.97 -46.86
CA HIS C 4 52.78 -55.32 -46.56
C HIS C 4 52.82 -53.85 -46.93
N ILE C 5 51.73 -53.37 -47.53
CA ILE C 5 51.64 -52.00 -48.03
C ILE C 5 50.79 -51.19 -47.06
N ASN C 6 51.30 -50.04 -46.63
CA ASN C 6 50.59 -49.11 -45.76
C ASN C 6 49.99 -48.00 -46.62
N LYS C 7 48.66 -48.02 -46.80
CA LYS C 7 48.00 -47.10 -47.72
C LYS C 7 47.94 -45.67 -47.19
N GLY C 8 48.26 -45.45 -45.92
CA GLY C 8 48.21 -44.13 -45.32
C GLY C 8 46.93 -43.84 -44.57
N GLY C 9 46.49 -42.58 -44.62
CA GLY C 9 45.23 -42.16 -44.02
C GLY C 9 45.36 -41.14 -42.91
N ARG C 10 44.38 -40.24 -42.81
CA ARG C 10 44.36 -39.29 -41.71
C ARG C 10 44.25 -40.03 -40.38
N PRO C 11 45.03 -39.66 -39.38
CA PRO C 11 45.01 -40.41 -38.13
C PRO C 11 43.87 -39.96 -37.22
N ARG C 12 43.38 -40.91 -36.42
CA ARG C 12 42.23 -40.68 -35.55
C ARG C 12 42.64 -39.90 -34.30
N GLN C 13 41.75 -39.01 -33.85
CA GLN C 13 41.88 -38.34 -32.56
C GLN C 13 41.02 -39.06 -31.51
N HIS C 14 41.25 -38.75 -30.23
CA HIS C 14 40.53 -39.49 -29.19
C HIS C 14 39.04 -39.18 -29.27
N LEU C 15 38.22 -40.21 -29.01
CA LEU C 15 36.76 -40.04 -29.12
C LEU C 15 36.29 -38.79 -28.41
N LEU C 16 36.91 -38.47 -27.27
CA LEU C 16 36.44 -37.38 -26.42
C LEU C 16 36.84 -36.01 -26.93
N SER C 17 37.88 -35.88 -27.73
CA SER C 17 38.28 -34.59 -28.30
C SER C 17 37.60 -34.30 -29.63
N LEU C 18 36.60 -35.08 -30.00
CA LEU C 18 35.91 -34.90 -31.26
C LEU C 18 34.77 -33.91 -31.11
N THR C 19 34.21 -33.49 -32.23
CA THR C 19 32.95 -32.77 -32.17
C THR C 19 31.78 -33.76 -32.13
N ARG C 20 30.59 -33.23 -31.86
CA ARG C 20 29.44 -34.10 -31.74
C ARG C 20 29.19 -34.84 -33.04
N ARG C 21 29.31 -34.14 -34.17
CA ARG C 21 29.07 -34.81 -35.45
C ARG C 21 30.04 -35.97 -35.63
N ALA C 22 31.30 -35.75 -35.26
CA ALA C 22 32.32 -36.78 -35.34
C ALA C 22 31.97 -37.96 -34.45
N GLN C 23 31.86 -37.73 -33.14
CA GLN C 23 31.57 -38.82 -32.21
C GLN C 23 30.36 -39.63 -32.66
N LYS C 24 29.37 -38.97 -33.23
CA LYS C 24 28.19 -39.68 -33.70
C LYS C 24 28.56 -40.62 -34.83
N HIS C 25 29.37 -40.15 -35.79
CA HIS C 25 29.85 -40.96 -36.89
C HIS C 25 30.72 -42.11 -36.39
N ARG C 26 31.68 -41.84 -35.51
CA ARG C 26 32.54 -42.92 -35.02
C ARG C 26 31.76 -44.04 -34.31
N LEU C 27 30.59 -43.74 -33.75
CA LEU C 27 29.94 -44.78 -32.97
C LEU C 27 28.74 -45.37 -33.69
N ARG C 28 28.47 -44.93 -34.91
CA ARG C 28 27.30 -45.36 -35.68
C ARG C 28 27.06 -46.86 -35.57
N GLU C 29 28.14 -47.63 -35.51
CA GLU C 29 28.02 -49.07 -35.41
C GLU C 29 27.53 -49.50 -34.03
N LEU C 30 28.22 -49.06 -32.98
CA LEU C 30 27.79 -49.38 -31.62
C LEU C 30 26.40 -48.83 -31.32
N LYS C 31 26.00 -47.76 -32.00
CA LYS C 31 24.67 -47.22 -31.79
C LYS C 31 23.60 -48.18 -32.29
N ILE C 32 23.81 -48.81 -33.45
CA ILE C 32 22.78 -49.68 -34.00
C ILE C 32 22.67 -50.98 -33.20
N GLN C 33 23.76 -51.40 -32.56
CA GLN C 33 23.70 -52.61 -31.75
C GLN C 33 22.91 -52.38 -30.46
N VAL C 34 23.13 -51.24 -29.81
CA VAL C 34 22.38 -50.90 -28.61
C VAL C 34 20.89 -50.78 -28.92
N LYS C 35 20.55 -49.99 -29.96
CA LYS C 35 19.14 -49.74 -30.25
C LYS C 35 18.43 -50.99 -30.75
N GLU C 36 19.15 -51.92 -31.37
CA GLU C 36 18.51 -53.18 -31.74
C GLU C 36 18.44 -54.13 -30.56
N PHE C 37 19.45 -54.08 -29.67
CA PHE C 37 19.39 -54.86 -28.44
C PHE C 37 18.31 -54.34 -27.51
N ALA C 38 18.11 -53.03 -27.49
CA ALA C 38 17.09 -52.42 -26.65
C ALA C 38 15.69 -52.92 -27.01
N ASP C 39 15.19 -52.53 -28.19
CA ASP C 39 13.76 -52.72 -28.45
C ASP C 39 13.36 -54.20 -28.50
N LYS C 40 14.27 -55.08 -28.94
CA LYS C 40 13.97 -56.50 -28.90
C LYS C 40 14.10 -57.11 -27.51
N GLU C 41 14.78 -56.42 -26.60
CA GLU C 41 14.92 -56.91 -25.23
C GLU C 41 14.35 -55.96 -24.17
N GLU C 42 14.37 -54.64 -24.38
CA GLU C 42 13.86 -53.70 -23.39
C GLU C 42 12.74 -52.82 -23.92
N GLY C 43 12.12 -53.18 -25.05
CA GLY C 43 11.00 -52.42 -25.55
C GLY C 43 11.32 -51.02 -26.07
N GLY C 44 12.59 -50.72 -26.31
CA GLY C 44 12.99 -49.50 -26.98
C GLY C 44 13.57 -48.42 -26.08
N ASP C 45 13.73 -48.71 -24.78
CA ASP C 45 14.20 -47.73 -23.82
C ASP C 45 15.72 -47.68 -23.90
N VAL C 46 16.20 -47.03 -24.96
CA VAL C 46 17.64 -46.94 -25.17
C VAL C 46 18.28 -46.11 -24.07
N LYS C 47 17.61 -45.02 -23.65
CA LYS C 47 18.19 -44.10 -22.65
C LYS C 47 18.46 -44.81 -21.34
N ALA C 48 17.56 -45.72 -20.96
CA ALA C 48 17.78 -46.55 -19.78
C ALA C 48 19.03 -47.40 -19.94
N VAL C 49 19.14 -48.07 -21.09
CA VAL C 49 20.18 -49.07 -21.29
C VAL C 49 21.57 -48.43 -21.23
N CYS C 50 21.73 -47.28 -21.87
CA CYS C 50 23.03 -46.61 -21.85
C CYS C 50 23.33 -46.03 -20.48
N LEU C 51 22.31 -45.44 -19.83
CA LEU C 51 22.47 -44.93 -18.48
C LEU C 51 23.00 -46.02 -17.54
N THR C 52 22.35 -47.18 -17.57
CA THR C 52 22.82 -48.32 -16.78
C THR C 52 24.22 -48.74 -17.20
N LEU C 53 24.47 -48.78 -18.51
CA LEU C 53 25.77 -49.17 -19.03
C LEU C 53 26.88 -48.29 -18.46
N PHE C 54 26.76 -46.98 -18.69
CA PHE C 54 27.77 -46.06 -18.17
C PHE C 54 27.90 -46.17 -16.67
N LEU C 55 26.75 -46.26 -15.99
CA LEU C 55 26.75 -46.29 -14.54
C LEU C 55 27.48 -47.52 -14.03
N LEU C 56 27.07 -48.70 -14.51
CA LEU C 56 27.77 -49.92 -14.12
C LEU C 56 29.25 -49.83 -14.46
N ALA C 57 29.56 -49.25 -15.63
CA ALA C 57 30.95 -49.10 -16.05
C ALA C 57 31.73 -48.22 -15.07
N LEU C 58 31.19 -47.04 -14.77
CA LEU C 58 31.84 -46.18 -13.80
C LEU C 58 32.11 -46.88 -12.49
N ARG C 59 31.16 -47.71 -12.06
CA ARG C 59 31.30 -48.33 -10.76
C ARG C 59 32.32 -49.45 -10.80
N ALA C 60 32.28 -50.29 -11.86
CA ALA C 60 33.28 -51.33 -12.00
C ALA C 60 34.69 -50.77 -11.95
N ARG C 61 34.87 -49.52 -12.38
CA ARG C 61 36.14 -48.83 -12.25
C ARG C 61 36.39 -48.28 -10.85
N ASN C 62 35.50 -48.54 -9.88
CA ASN C 62 35.61 -48.03 -8.52
C ASN C 62 35.51 -46.51 -8.44
N GLU C 63 34.87 -45.86 -9.41
CA GLU C 63 34.69 -44.41 -9.39
C GLU C 63 33.30 -44.06 -8.86
N HIS C 64 33.01 -44.58 -7.67
CA HIS C 64 31.67 -44.50 -7.11
C HIS C 64 31.23 -43.06 -6.89
N ARG C 65 32.18 -42.20 -6.50
CA ARG C 65 31.88 -40.79 -6.31
C ARG C 65 31.13 -40.25 -7.52
N GLN C 66 31.78 -40.30 -8.69
CA GLN C 66 31.19 -39.77 -9.90
C GLN C 66 29.91 -40.50 -10.27
N ALA C 67 29.84 -41.80 -9.97
CA ALA C 67 28.65 -42.56 -10.32
C ALA C 67 27.45 -42.10 -9.49
N ASP C 68 27.66 -41.90 -8.20
CA ASP C 68 26.62 -41.34 -7.34
C ASP C 68 26.06 -40.08 -7.96
N GLU C 69 26.93 -39.09 -8.20
CA GLU C 69 26.50 -37.79 -8.68
C GLU C 69 25.76 -37.89 -10.01
N LEU C 70 26.08 -38.91 -10.81
CA LEU C 70 25.31 -39.11 -12.03
C LEU C 70 23.90 -39.57 -11.70
N GLU C 71 23.78 -40.50 -10.76
CA GLU C 71 22.46 -41.00 -10.39
C GLU C 71 21.63 -39.93 -9.71
N ALA C 72 22.30 -38.97 -9.05
CA ALA C 72 21.63 -37.80 -8.52
C ALA C 72 21.01 -36.96 -9.64
N ILE C 73 21.83 -36.54 -10.61
CA ILE C 73 21.35 -35.67 -11.68
C ILE C 73 20.16 -36.29 -12.39
N MET C 74 20.07 -37.62 -12.43
CA MET C 74 19.03 -38.29 -13.20
C MET C 74 17.71 -38.32 -12.45
N GLN C 75 17.73 -38.17 -11.13
CA GLN C 75 16.51 -38.13 -10.33
C GLN C 75 16.25 -36.75 -9.72
N GLY C 76 16.84 -35.70 -10.28
CA GLY C 76 16.63 -34.33 -9.84
C GLY C 76 17.30 -33.97 -8.53
N ARG C 77 18.24 -34.76 -8.06
CA ARG C 77 18.78 -34.64 -6.70
C ARG C 77 20.04 -33.79 -6.61
N GLY C 78 20.50 -33.19 -7.71
CA GLY C 78 21.78 -32.54 -7.56
C GLY C 78 22.06 -31.40 -8.51
N SER C 79 22.13 -30.19 -7.96
CA SER C 79 22.67 -28.99 -8.59
C SER C 79 21.82 -28.50 -9.76
N GLY C 80 20.72 -29.17 -10.08
CA GLY C 80 19.87 -28.75 -11.16
C GLY C 80 18.42 -28.80 -10.75
N LEU C 81 17.90 -27.66 -10.30
CA LEU C 81 16.61 -27.63 -9.61
C LEU C 81 15.49 -28.01 -10.55
N GLN C 82 14.71 -29.01 -10.14
CA GLN C 82 13.53 -29.37 -10.91
C GLN C 82 12.65 -28.13 -11.11
N PRO C 83 11.85 -28.09 -12.17
CA PRO C 83 11.02 -26.90 -12.41
C PRO C 83 10.00 -26.62 -11.30
N ALA C 84 9.59 -27.64 -10.54
CA ALA C 84 8.64 -27.42 -9.46
C ALA C 84 9.30 -26.76 -8.25
N VAL C 85 10.53 -27.15 -7.93
CA VAL C 85 11.22 -26.49 -6.83
C VAL C 85 11.55 -25.04 -7.21
N CYS C 86 11.89 -24.80 -8.47
CA CYS C 86 12.04 -23.41 -8.90
C CYS C 86 10.73 -22.65 -8.80
N LEU C 87 9.61 -23.31 -9.04
CA LEU C 87 8.31 -22.70 -8.79
C LEU C 87 8.11 -22.40 -7.32
N ALA C 88 8.42 -23.37 -6.46
CA ALA C 88 8.24 -23.18 -5.02
C ALA C 88 9.07 -22.02 -4.50
N ILE C 89 10.33 -21.92 -4.92
CA ILE C 89 11.16 -20.80 -4.49
C ILE C 89 10.61 -19.49 -5.03
N ARG C 90 10.21 -19.48 -6.30
CA ARG C 90 9.78 -18.23 -6.92
C ARG C 90 8.54 -17.68 -6.24
N VAL C 91 7.51 -18.52 -6.07
CA VAL C 91 6.25 -18.14 -5.45
C VAL C 91 6.51 -17.68 -4.02
N ASN C 92 6.94 -18.60 -3.15
CA ASN C 92 7.04 -18.39 -1.71
C ASN C 92 8.05 -17.33 -1.29
N THR C 93 8.76 -16.68 -2.20
CA THR C 93 9.64 -15.58 -1.85
C THR C 93 9.17 -14.28 -2.47
N PHE C 94 7.95 -14.25 -3.02
CA PHE C 94 7.38 -13.10 -3.73
C PHE C 94 8.31 -12.63 -4.85
N LEU C 95 8.87 -13.58 -5.57
CA LEU C 95 9.71 -13.24 -6.71
C LEU C 95 8.82 -13.02 -7.90
N SER C 96 8.76 -11.78 -8.39
CA SER C 96 8.10 -11.52 -9.65
C SER C 96 8.67 -12.45 -10.71
N CYS C 97 7.88 -12.76 -11.74
CA CYS C 97 8.48 -13.42 -12.91
C CYS C 97 9.66 -12.62 -13.45
N SER C 98 9.48 -11.30 -13.57
CA SER C 98 10.56 -10.48 -14.11
C SER C 98 11.79 -10.51 -13.22
N GLN C 99 11.60 -10.59 -11.91
CA GLN C 99 12.75 -10.65 -11.01
C GLN C 99 13.37 -12.03 -11.01
N TYR C 100 12.54 -13.08 -11.08
CA TYR C 100 13.08 -14.43 -11.20
C TYR C 100 13.90 -14.56 -12.47
N HIS C 101 13.36 -14.08 -13.58
CA HIS C 101 14.09 -14.14 -14.84
C HIS C 101 15.46 -13.50 -14.71
N LYS C 102 15.55 -12.32 -14.09
CA LYS C 102 16.84 -11.70 -13.89
C LYS C 102 17.77 -12.54 -13.02
N MET C 103 17.21 -13.25 -12.05
CA MET C 103 18.07 -14.09 -11.22
C MET C 103 18.44 -15.37 -11.95
N TYR C 104 17.48 -15.98 -12.65
CA TYR C 104 17.74 -17.13 -13.50
C TYR C 104 18.93 -16.87 -14.41
N ARG C 105 18.78 -15.88 -15.29
CA ARG C 105 19.76 -15.68 -16.34
C ARG C 105 21.12 -15.26 -15.78
N THR C 106 21.16 -14.47 -14.71
CA THR C 106 22.47 -14.09 -14.21
C THR C 106 23.17 -15.26 -13.53
N VAL C 107 22.43 -16.18 -12.92
CA VAL C 107 23.08 -17.36 -12.38
C VAL C 107 23.69 -18.19 -13.51
N LYS C 108 22.91 -18.44 -14.56
CA LYS C 108 23.40 -19.24 -15.69
C LYS C 108 24.57 -18.57 -16.38
N ALA C 109 24.47 -17.26 -16.66
CA ALA C 109 25.60 -16.54 -17.25
C ALA C 109 26.85 -16.64 -16.39
N ILE C 110 26.71 -16.54 -15.08
CA ILE C 110 27.90 -16.50 -14.24
C ILE C 110 28.41 -17.89 -13.90
N THR C 111 27.53 -18.86 -13.78
CA THR C 111 27.97 -20.22 -13.50
C THR C 111 28.06 -21.08 -14.74
N GLY C 112 27.52 -20.62 -15.87
CA GLY C 112 27.51 -21.44 -17.08
C GLY C 112 26.54 -22.59 -16.96
N ARG C 113 26.12 -22.89 -15.72
CA ARG C 113 25.27 -24.01 -15.40
C ARG C 113 23.85 -23.50 -15.15
N GLN C 114 22.86 -24.29 -15.60
CA GLN C 114 21.45 -23.91 -15.53
C GLN C 114 20.90 -24.43 -14.20
N ILE C 115 21.04 -23.63 -13.16
CA ILE C 115 20.60 -23.99 -11.81
C ILE C 115 19.10 -23.82 -11.68
N PHE C 116 18.61 -22.62 -11.96
CA PHE C 116 17.18 -22.39 -12.07
C PHE C 116 16.73 -22.63 -13.50
N GLN C 117 15.51 -23.16 -13.68
CA GLN C 117 14.94 -23.43 -15.00
C GLN C 117 14.27 -22.19 -15.55
N PRO C 118 14.13 -22.03 -16.86
CA PRO C 118 13.56 -20.78 -17.38
C PRO C 118 12.05 -20.73 -17.19
N LEU C 119 11.48 -19.56 -17.50
CA LEU C 119 10.10 -19.30 -17.13
C LEU C 119 9.14 -20.27 -17.82
N HIS C 120 9.44 -20.68 -19.05
CA HIS C 120 8.51 -21.58 -19.74
C HIS C 120 8.38 -22.90 -19.00
N ALA C 121 9.44 -23.30 -18.27
CA ALA C 121 9.46 -24.58 -17.59
C ALA C 121 8.70 -24.51 -16.28
N LEU C 122 8.84 -23.38 -15.57
CA LEU C 122 7.98 -23.12 -14.42
C LEU C 122 6.53 -23.10 -14.87
N ARG C 123 6.18 -22.20 -15.79
CA ARG C 123 4.83 -22.07 -16.33
C ARG C 123 4.20 -23.43 -16.63
N ASN C 124 5.02 -24.39 -17.08
CA ASN C 124 4.46 -25.70 -17.35
C ASN C 124 4.27 -26.51 -16.07
N ALA C 125 5.11 -26.32 -15.05
CA ALA C 125 4.89 -27.03 -13.79
C ALA C 125 3.63 -26.55 -13.11
N GLU C 126 3.26 -25.28 -13.34
CA GLU C 126 2.10 -24.71 -12.67
C GLU C 126 0.84 -25.51 -12.96
N LYS C 127 0.63 -25.89 -14.23
CA LYS C 127 -0.67 -26.40 -14.66
C LYS C 127 -1.17 -27.52 -13.76
N VAL C 128 -0.26 -28.31 -13.20
CA VAL C 128 -0.60 -29.40 -12.28
C VAL C 128 -1.29 -28.87 -11.03
N LEU C 129 -0.74 -27.81 -10.45
CA LEU C 129 -1.24 -27.27 -9.20
C LEU C 129 -2.51 -26.44 -9.36
N LEU C 130 -2.78 -25.93 -10.57
CA LEU C 130 -3.95 -25.11 -10.86
C LEU C 130 -5.18 -26.00 -11.01
N PRO C 131 -6.37 -25.41 -10.90
CA PRO C 131 -7.59 -26.21 -11.00
C PRO C 131 -7.85 -26.63 -12.43
N GLY C 132 -8.48 -27.81 -12.57
CA GLY C 132 -8.91 -28.35 -13.84
C GLY C 132 -7.92 -29.28 -14.50
N TYR C 133 -6.80 -29.58 -13.85
CA TYR C 133 -5.80 -30.49 -14.40
C TYR C 133 -6.07 -31.94 -14.06
N HIS C 134 -7.00 -32.22 -13.16
CA HIS C 134 -7.29 -33.58 -12.76
C HIS C 134 -8.72 -33.97 -13.15
N PRO C 135 -8.96 -35.26 -13.29
CA PRO C 135 -10.27 -35.79 -13.66
C PRO C 135 -11.03 -36.25 -12.43
N PHE C 136 -12.28 -35.82 -12.30
CA PHE C 136 -13.10 -36.11 -11.12
C PHE C 136 -14.52 -36.41 -11.58
N GLU C 137 -15.21 -37.25 -10.82
CA GLU C 137 -16.58 -37.60 -11.16
C GLU C 137 -17.46 -37.37 -9.94
N TRP C 138 -18.66 -36.85 -10.20
CA TRP C 138 -19.66 -36.51 -9.20
C TRP C 138 -20.81 -37.49 -9.33
N GLN C 139 -21.12 -38.19 -8.24
CA GLN C 139 -22.23 -39.15 -8.22
C GLN C 139 -23.23 -38.75 -7.15
N PRO C 140 -24.45 -38.34 -7.49
CA PRO C 140 -24.93 -38.10 -8.86
C PRO C 140 -24.27 -36.88 -9.48
N PRO C 141 -24.32 -36.72 -10.83
CA PRO C 141 -23.77 -35.48 -11.43
C PRO C 141 -24.38 -34.24 -10.81
N LEU C 142 -23.60 -33.16 -10.62
CA LEU C 142 -24.13 -32.01 -9.89
C LEU C 142 -25.19 -31.26 -10.71
N LYS C 143 -26.22 -30.79 -10.03
CA LYS C 143 -27.32 -30.06 -10.66
C LYS C 143 -26.83 -28.74 -11.26
N ASN C 144 -26.95 -28.62 -12.59
CA ASN C 144 -26.60 -27.40 -13.34
C ASN C 144 -25.10 -27.08 -13.28
N VAL C 145 -24.26 -28.05 -12.96
CA VAL C 145 -22.81 -27.91 -13.04
C VAL C 145 -22.31 -28.79 -14.18
N SER C 146 -21.55 -28.20 -15.11
CA SER C 146 -20.93 -29.02 -16.16
C SER C 146 -20.05 -30.10 -15.52
N SER C 147 -19.99 -31.24 -16.20
CA SER C 147 -19.16 -32.36 -15.79
C SER C 147 -17.73 -32.25 -16.29
N ARG C 148 -17.48 -31.48 -17.35
CA ARG C 148 -16.14 -31.30 -17.89
C ARG C 148 -15.19 -30.95 -16.77
N THR C 149 -14.04 -31.61 -16.73
CA THR C 149 -13.11 -31.40 -15.63
C THR C 149 -11.86 -30.62 -16.03
N ASP C 150 -11.76 -30.19 -17.29
CA ASP C 150 -10.57 -29.47 -17.75
C ASP C 150 -10.72 -27.96 -17.64
N VAL C 151 -11.70 -27.48 -16.88
CA VAL C 151 -12.04 -26.07 -16.78
C VAL C 151 -11.29 -25.44 -15.60
N GLY C 152 -10.81 -24.21 -15.82
CA GLY C 152 -10.00 -23.51 -14.84
C GLY C 152 -10.50 -22.10 -14.55
N ILE C 153 -9.64 -21.10 -14.71
CA ILE C 153 -10.08 -19.72 -14.51
C ILE C 153 -11.14 -19.38 -15.55
N ILE C 154 -12.28 -18.88 -15.09
CA ILE C 154 -13.42 -18.57 -15.95
C ILE C 154 -13.93 -17.18 -15.61
N ASP C 155 -14.61 -16.57 -16.57
CA ASP C 155 -15.01 -15.19 -16.42
C ASP C 155 -16.08 -15.06 -15.33
N GLY C 156 -15.80 -14.22 -14.33
CA GLY C 156 -16.64 -14.18 -13.15
C GLY C 156 -18.04 -13.68 -13.41
N LEU C 157 -18.20 -12.80 -14.42
CA LEU C 157 -19.52 -12.37 -14.85
C LEU C 157 -20.45 -13.54 -15.15
N SER C 158 -19.88 -14.71 -15.42
CA SER C 158 -20.64 -15.95 -15.61
C SER C 158 -21.67 -15.77 -16.73
N GLY C 159 -21.29 -15.04 -17.76
CA GLY C 159 -22.13 -14.85 -18.92
C GLY C 159 -23.15 -13.73 -18.83
N LEU C 160 -23.09 -12.94 -17.76
CA LEU C 160 -23.98 -11.80 -17.58
C LEU C 160 -24.06 -10.95 -18.85
N ALA C 161 -25.26 -10.41 -19.12
CA ALA C 161 -25.49 -9.70 -20.36
C ALA C 161 -24.78 -8.36 -20.33
N SER C 162 -24.03 -8.07 -21.39
CA SER C 162 -23.28 -6.82 -21.48
C SER C 162 -23.81 -5.87 -22.54
N SER C 163 -24.97 -6.18 -23.12
CA SER C 163 -25.65 -5.31 -24.08
C SER C 163 -25.92 -3.93 -23.46
N VAL C 164 -26.09 -2.92 -24.33
CA VAL C 164 -26.46 -1.59 -23.83
C VAL C 164 -27.87 -1.58 -23.28
N ASP C 165 -28.72 -2.51 -23.73
CA ASP C 165 -30.13 -2.54 -23.34
C ASP C 165 -30.30 -3.11 -21.94
N GLU C 166 -29.30 -3.83 -21.44
CA GLU C 166 -29.36 -4.47 -20.13
C GLU C 166 -28.82 -3.53 -19.05
N TYR C 167 -28.85 -4.03 -17.82
CA TYR C 167 -28.25 -3.32 -16.69
C TYR C 167 -26.76 -3.14 -16.93
N PRO C 168 -26.24 -1.93 -16.78
CA PRO C 168 -24.83 -1.69 -17.02
C PRO C 168 -23.93 -2.57 -16.16
N VAL C 169 -22.84 -3.03 -16.75
CA VAL C 169 -21.85 -3.82 -16.05
C VAL C 169 -20.70 -2.93 -15.62
N ASP C 170 -20.51 -2.81 -14.31
CA ASP C 170 -19.43 -2.00 -13.77
C ASP C 170 -18.35 -2.86 -13.17
N THR C 171 -18.26 -4.11 -13.55
CA THR C 171 -17.38 -4.95 -12.80
C THR C 171 -16.55 -5.79 -13.72
N ILE C 172 -15.43 -6.24 -13.18
CA ILE C 172 -14.56 -7.16 -13.88
C ILE C 172 -14.18 -8.23 -12.87
N ALA C 173 -14.39 -9.50 -13.22
CA ALA C 173 -14.27 -10.58 -12.26
C ALA C 173 -13.78 -11.86 -12.95
N LYS C 174 -13.11 -12.70 -12.15
CA LYS C 174 -12.62 -13.99 -12.57
C LYS C 174 -12.78 -14.94 -11.41
N ARG C 175 -12.99 -16.23 -11.70
CA ARG C 175 -13.10 -17.19 -10.62
C ARG C 175 -12.64 -18.57 -11.10
N PHE C 176 -12.56 -19.48 -10.15
CA PHE C 176 -12.57 -20.90 -10.40
C PHE C 176 -14.00 -21.42 -10.36
N ARG C 177 -14.18 -22.66 -10.78
CA ARG C 177 -15.41 -23.38 -10.47
C ARG C 177 -15.24 -24.04 -9.11
N TYR C 178 -16.32 -24.07 -8.33
CA TYR C 178 -16.17 -24.48 -6.93
C TYR C 178 -15.64 -25.91 -6.83
N ASP C 179 -16.20 -26.84 -7.60
CA ASP C 179 -15.71 -28.22 -7.56
C ASP C 179 -14.27 -28.33 -8.06
N SER C 180 -14.00 -27.80 -9.27
CA SER C 180 -12.63 -27.84 -9.82
C SER C 180 -11.62 -27.47 -8.75
N ALA C 181 -11.92 -26.41 -7.99
CA ALA C 181 -10.96 -25.87 -7.04
C ALA C 181 -10.87 -26.73 -5.78
N LEU C 182 -11.98 -27.35 -5.37
CA LEU C 182 -11.91 -28.28 -4.25
C LEU C 182 -11.08 -29.49 -4.65
N VAL C 183 -11.34 -30.03 -5.84
CA VAL C 183 -10.57 -31.15 -6.37
C VAL C 183 -9.09 -30.81 -6.43
N SER C 184 -8.78 -29.62 -6.95
CA SER C 184 -7.40 -29.14 -6.99
C SER C 184 -6.79 -28.99 -5.60
N ALA C 185 -7.57 -28.44 -4.67
CA ALA C 185 -7.05 -28.27 -3.32
C ALA C 185 -6.84 -29.62 -2.65
N LEU C 186 -7.76 -30.56 -2.88
CA LEU C 186 -7.62 -31.89 -2.31
C LEU C 186 -6.34 -32.57 -2.78
N MET C 187 -5.99 -32.43 -4.06
CA MET C 187 -4.79 -33.07 -4.57
C MET C 187 -3.56 -32.55 -3.84
N ASP C 188 -3.62 -31.28 -3.44
CA ASP C 188 -2.44 -30.65 -2.85
C ASP C 188 -2.05 -31.35 -1.56
N MET C 189 -3.05 -31.72 -0.76
CA MET C 189 -2.84 -32.28 0.55
C MET C 189 -2.94 -33.80 0.52
N GLU C 190 -2.92 -34.39 -0.66
CA GLU C 190 -2.83 -35.84 -0.78
C GLU C 190 -1.73 -36.39 0.12
N GLU C 191 -0.54 -35.78 0.10
CA GLU C 191 0.55 -36.26 0.94
C GLU C 191 0.23 -36.08 2.43
N ASP C 192 -0.43 -34.98 2.79
CA ASP C 192 -0.90 -34.83 4.17
C ASP C 192 -2.03 -35.81 4.49
N ILE C 193 -2.94 -36.02 3.53
CA ILE C 193 -4.05 -36.95 3.78
C ILE C 193 -3.52 -38.36 3.99
N LEU C 194 -2.59 -38.81 3.15
CA LEU C 194 -2.04 -40.14 3.31
C LEU C 194 -1.28 -40.27 4.64
N GLU C 195 -0.35 -39.35 4.89
CA GLU C 195 0.46 -39.43 6.10
C GLU C 195 -0.40 -39.28 7.34
N GLY C 196 -1.54 -38.59 7.22
CA GLY C 196 -2.46 -38.50 8.34
C GLY C 196 -3.06 -39.85 8.71
N MET C 197 -3.46 -40.62 7.69
CA MET C 197 -4.01 -41.95 7.95
C MET C 197 -2.96 -42.87 8.57
N ARG C 198 -1.71 -42.73 8.12
CA ARG C 198 -0.62 -43.48 8.75
C ARG C 198 -0.48 -43.12 10.22
N SER C 199 -0.48 -41.82 10.53
CA SER C 199 -0.25 -41.38 11.91
C SER C 199 -1.36 -41.83 12.86
N GLN C 200 -2.51 -42.22 12.32
CA GLN C 200 -3.58 -42.79 13.13
C GLN C 200 -3.59 -44.31 13.11
N ASP C 201 -2.58 -44.93 12.48
CA ASP C 201 -2.33 -46.39 12.36
C ASP C 201 -3.21 -47.08 11.32
N LEU C 202 -3.88 -46.34 10.44
CA LEU C 202 -4.73 -46.90 9.39
C LEU C 202 -3.91 -47.09 8.10
N ASP C 203 -4.58 -47.59 7.06
CA ASP C 203 -3.92 -48.01 5.83
C ASP C 203 -4.05 -46.97 4.73
N ASP C 204 -2.95 -46.75 3.99
CA ASP C 204 -2.89 -45.72 2.94
C ASP C 204 -3.98 -45.89 1.89
N TYR C 205 -4.41 -47.12 1.64
CA TYR C 205 -5.28 -47.42 0.51
C TYR C 205 -6.76 -47.35 0.82
N LEU C 206 -7.13 -47.10 2.09
CA LEU C 206 -8.53 -46.97 2.47
C LEU C 206 -9.24 -45.96 1.57
N ASN C 207 -10.54 -46.17 1.34
CA ASN C 207 -11.29 -45.23 0.51
C ASN C 207 -12.68 -44.89 1.03
N GLY C 208 -13.13 -45.52 2.13
CA GLY C 208 -14.40 -45.20 2.75
C GLY C 208 -14.56 -43.72 2.97
N PRO C 209 -15.80 -43.21 2.80
CA PRO C 209 -16.03 -41.76 2.62
C PRO C 209 -15.28 -40.82 3.57
N PHE C 210 -14.40 -40.00 2.99
CA PHE C 210 -13.78 -38.91 3.71
C PHE C 210 -14.72 -37.70 3.76
N THR C 211 -14.76 -37.03 4.90
CA THR C 211 -15.53 -35.81 5.05
C THR C 211 -14.59 -34.61 5.19
N VAL C 212 -14.80 -33.60 4.36
CA VAL C 212 -13.94 -32.42 4.33
C VAL C 212 -14.74 -31.22 4.80
N VAL C 213 -14.33 -30.63 5.91
CA VAL C 213 -15.01 -29.46 6.46
C VAL C 213 -14.33 -28.19 5.94
N VAL C 214 -15.12 -27.33 5.31
CA VAL C 214 -14.61 -26.18 4.56
C VAL C 214 -15.06 -24.90 5.24
N LYS C 215 -14.10 -24.07 5.68
CA LYS C 215 -14.39 -22.71 6.14
C LYS C 215 -14.50 -21.79 4.93
N GLU C 216 -15.64 -21.15 4.78
CA GLU C 216 -15.85 -20.21 3.69
C GLU C 216 -15.71 -18.80 4.23
N SER C 217 -14.87 -17.99 3.57
CA SER C 217 -14.71 -16.58 3.94
C SER C 217 -15.14 -15.68 2.79
N CYS C 218 -15.58 -14.48 3.13
CA CYS C 218 -15.82 -13.47 2.11
C CYS C 218 -15.69 -12.09 2.75
N ASP C 219 -15.09 -11.16 2.02
CA ASP C 219 -14.95 -9.79 2.49
C ASP C 219 -14.71 -8.86 1.31
N GLY C 220 -15.00 -7.58 1.50
CA GLY C 220 -14.74 -6.55 0.53
C GLY C 220 -13.64 -5.61 1.00
N MET C 221 -13.03 -4.93 0.04
CA MET C 221 -11.96 -3.98 0.30
C MET C 221 -12.25 -2.71 -0.47
N GLY C 222 -11.87 -1.58 0.12
CA GLY C 222 -11.91 -0.32 -0.58
C GLY C 222 -10.49 0.16 -0.75
N ASP C 223 -10.36 1.35 -1.34
CA ASP C 223 -9.05 1.88 -1.65
C ASP C 223 -8.26 0.82 -2.41
N VAL C 224 -8.83 0.45 -3.54
CA VAL C 224 -8.23 -0.43 -4.52
C VAL C 224 -8.27 0.38 -5.81
N SER C 225 -7.15 0.97 -6.20
CA SER C 225 -7.28 2.03 -7.18
C SER C 225 -7.54 1.46 -8.56
N GLU C 226 -8.33 2.19 -9.33
CA GLU C 226 -8.69 1.77 -10.67
C GLU C 226 -7.58 2.10 -11.65
N LYS C 227 -7.22 1.14 -12.50
CA LYS C 227 -6.20 1.44 -13.50
C LYS C 227 -6.78 2.31 -14.61
N HIS C 228 -5.89 3.01 -15.30
CA HIS C 228 -6.26 3.59 -16.57
C HIS C 228 -6.57 2.49 -17.58
N GLY C 229 -7.26 2.88 -18.64
CA GLY C 229 -7.34 2.05 -19.82
C GLY C 229 -8.75 1.90 -20.37
N SER C 230 -8.83 1.09 -21.43
CA SER C 230 -10.08 0.85 -22.15
C SER C 230 -10.94 -0.12 -21.37
N GLY C 231 -12.18 0.25 -21.14
CA GLY C 231 -13.08 -0.64 -20.45
C GLY C 231 -14.10 0.07 -19.61
N PRO C 232 -14.77 -0.71 -18.76
CA PRO C 232 -15.91 -0.18 -18.00
C PRO C 232 -15.45 0.71 -16.84
N ALA C 233 -16.15 1.81 -16.63
CA ALA C 233 -16.00 2.55 -15.38
C ALA C 233 -16.17 1.59 -14.21
N VAL C 234 -15.17 1.49 -13.36
CA VAL C 234 -15.14 0.45 -12.33
C VAL C 234 -15.03 1.06 -10.94
N PRO C 235 -15.71 0.51 -9.93
CA PRO C 235 -15.53 1.03 -8.57
C PRO C 235 -14.12 0.84 -8.06
N GLU C 236 -13.70 1.71 -7.16
CA GLU C 236 -12.36 1.51 -6.60
C GLU C 236 -12.39 0.61 -5.38
N LYS C 237 -13.17 -0.47 -5.45
CA LYS C 237 -13.29 -1.44 -4.38
C LYS C 237 -13.20 -2.86 -4.93
N ALA C 238 -13.04 -3.83 -4.04
CA ALA C 238 -12.89 -5.24 -4.40
C ALA C 238 -13.74 -6.10 -3.47
N VAL C 239 -14.00 -7.35 -3.90
CA VAL C 239 -14.57 -8.38 -3.04
C VAL C 239 -13.80 -9.67 -3.29
N ARG C 240 -13.64 -10.49 -2.24
CA ARG C 240 -12.86 -11.72 -2.36
C ARG C 240 -13.55 -12.87 -1.66
N PHE C 241 -14.07 -13.84 -2.43
CA PHE C 241 -14.61 -15.06 -1.84
C PHE C 241 -13.48 -16.10 -1.76
N SER C 242 -13.39 -16.81 -0.63
CA SER C 242 -12.26 -17.70 -0.34
C SER C 242 -12.78 -18.92 0.38
N PHE C 243 -11.92 -19.93 0.53
CA PHE C 243 -12.29 -21.10 1.33
C PHE C 243 -11.05 -21.75 1.89
N THR C 244 -11.17 -22.29 3.09
CA THR C 244 -10.08 -22.99 3.76
C THR C 244 -10.54 -24.41 4.01
N VAL C 245 -9.61 -25.36 3.86
CA VAL C 245 -9.89 -26.74 4.22
C VAL C 245 -9.48 -26.90 5.68
N MET C 246 -10.47 -27.05 6.55
CA MET C 246 -10.23 -27.02 7.99
C MET C 246 -9.97 -28.40 8.57
N ARG C 247 -10.63 -29.44 8.07
CA ARG C 247 -10.55 -30.74 8.72
C ARG C 247 -11.06 -31.84 7.80
N ILE C 248 -10.27 -32.92 7.68
CA ILE C 248 -10.63 -34.08 6.86
C ILE C 248 -10.76 -35.30 7.75
N THR C 249 -11.93 -35.92 7.72
CA THR C 249 -12.25 -37.08 8.55
C THR C 249 -12.55 -38.29 7.66
N ILE C 250 -11.99 -39.44 8.03
CA ILE C 250 -12.38 -40.71 7.43
C ILE C 250 -13.24 -41.46 8.43
N GLU C 251 -14.21 -42.21 7.92
CA GLU C 251 -15.10 -43.00 8.76
C GLU C 251 -14.55 -44.40 8.93
N HIS C 252 -14.46 -44.86 10.19
CA HIS C 252 -14.05 -46.22 10.53
C HIS C 252 -15.23 -47.07 11.00
N GLY C 253 -16.45 -46.75 10.56
CA GLY C 253 -17.61 -47.48 10.99
C GLY C 253 -18.00 -47.12 12.42
N SER C 254 -17.15 -47.43 13.39
CA SER C 254 -17.50 -47.17 14.78
C SER C 254 -17.45 -45.69 15.12
N GLN C 255 -16.44 -44.98 14.61
CA GLN C 255 -16.27 -43.58 14.93
C GLN C 255 -15.59 -42.85 13.79
N ASN C 256 -15.84 -41.54 13.72
CA ASN C 256 -15.14 -40.65 12.83
C ASN C 256 -13.78 -40.32 13.43
N VAL C 257 -12.71 -40.72 12.73
CA VAL C 257 -11.35 -40.39 13.13
C VAL C 257 -10.85 -39.28 12.23
N LYS C 258 -10.13 -38.33 12.81
CA LYS C 258 -9.64 -37.18 12.04
C LYS C 258 -8.31 -37.55 11.39
N VAL C 259 -8.23 -37.32 10.08
CA VAL C 259 -7.02 -37.60 9.32
C VAL C 259 -6.15 -36.35 9.19
N PHE C 260 -6.78 -35.19 9.03
CA PHE C 260 -6.06 -33.94 8.86
C PHE C 260 -6.89 -32.79 9.41
N GLU C 261 -6.23 -31.89 10.15
CA GLU C 261 -6.83 -30.58 10.43
C GLU C 261 -5.74 -29.51 10.38
N GLU C 262 -6.02 -28.46 9.61
CA GLU C 262 -5.07 -27.39 9.35
C GLU C 262 -4.52 -26.85 10.66
N PRO C 263 -3.23 -26.83 10.84
CA PRO C 263 -2.67 -26.27 12.07
C PRO C 263 -2.86 -24.76 12.18
N LYS C 264 -2.60 -24.03 11.08
CA LYS C 264 -2.69 -22.57 11.17
C LYS C 264 -3.90 -22.07 10.40
N PRO C 265 -5.10 -22.06 11.02
CA PRO C 265 -6.34 -21.90 10.24
C PRO C 265 -6.64 -20.47 9.85
N ASN C 266 -5.94 -19.49 10.43
CA ASN C 266 -6.05 -18.10 10.04
C ASN C 266 -4.78 -17.59 9.36
N SER C 267 -4.13 -18.48 8.61
CA SER C 267 -2.93 -18.16 7.85
C SER C 267 -3.30 -17.82 6.42
N GLU C 268 -2.67 -16.76 5.88
CA GLU C 268 -2.89 -16.41 4.48
C GLU C 268 -2.43 -17.54 3.57
N LEU C 269 -1.56 -18.40 4.11
CA LEU C 269 -1.01 -19.55 3.39
C LEU C 269 -2.11 -20.44 2.87
N CYS C 270 -3.05 -20.84 3.73
CA CYS C 270 -4.03 -21.88 3.39
C CYS C 270 -5.42 -21.36 3.08
N CYS C 271 -5.61 -20.04 3.04
CA CYS C 271 -6.89 -19.44 2.69
C CYS C 271 -6.93 -19.30 1.17
N LYS C 272 -7.64 -20.25 0.48
CA LYS C 272 -7.53 -20.33 -1.00
C LYS C 272 -8.53 -19.42 -1.68
N PRO C 273 -8.14 -18.63 -2.67
CA PRO C 273 -9.11 -17.76 -3.33
C PRO C 273 -9.89 -18.53 -4.37
N LEU C 274 -11.20 -18.34 -4.38
CA LEU C 274 -12.10 -18.93 -5.35
C LEU C 274 -12.59 -17.90 -6.36
N CYS C 275 -12.98 -16.71 -5.92
CA CYS C 275 -13.48 -15.70 -6.84
C CYS C 275 -12.95 -14.31 -6.45
N LEU C 276 -12.64 -13.48 -7.44
CA LEU C 276 -12.16 -12.11 -7.22
C LEU C 276 -12.88 -11.17 -8.16
N MET C 277 -13.33 -10.05 -7.64
CA MET C 277 -14.10 -9.11 -8.44
C MET C 277 -13.73 -7.70 -8.03
N LEU C 278 -13.88 -6.78 -8.95
CA LEU C 278 -13.80 -5.37 -8.63
C LEU C 278 -15.24 -4.88 -8.58
N ALA C 279 -15.73 -4.60 -7.39
CA ALA C 279 -17.11 -4.20 -7.18
C ALA C 279 -17.29 -3.88 -5.71
N ASP C 280 -18.37 -3.16 -5.41
CA ASP C 280 -18.68 -2.71 -4.06
C ASP C 280 -19.46 -3.79 -3.33
N GLU C 281 -19.04 -4.16 -2.12
CA GLU C 281 -19.81 -5.15 -1.37
C GLU C 281 -21.24 -4.68 -1.09
N SER C 282 -21.50 -3.37 -1.16
CA SER C 282 -22.83 -2.81 -0.97
C SER C 282 -23.60 -2.60 -2.26
N ASP C 283 -23.12 -3.16 -3.38
CA ASP C 283 -23.83 -3.13 -4.65
C ASP C 283 -24.51 -4.49 -4.76
N HIS C 284 -25.65 -4.62 -4.09
CA HIS C 284 -26.30 -5.92 -4.00
C HIS C 284 -26.53 -6.53 -5.38
N GLU C 285 -27.11 -5.75 -6.31
CA GLU C 285 -27.33 -6.26 -7.66
C GLU C 285 -26.08 -6.91 -8.24
N THR C 286 -24.95 -6.23 -8.15
CA THR C 286 -23.71 -6.78 -8.68
C THR C 286 -23.17 -7.90 -7.78
N LEU C 287 -23.31 -7.78 -6.46
CA LEU C 287 -22.73 -8.79 -5.59
C LEU C 287 -23.37 -10.14 -5.80
N THR C 288 -24.69 -10.17 -6.02
CA THR C 288 -25.39 -11.45 -6.17
C THR C 288 -25.19 -12.03 -7.57
N ALA C 289 -25.25 -11.18 -8.61
CA ALA C 289 -24.91 -11.61 -9.97
C ALA C 289 -23.61 -12.42 -10.02
N ILE C 290 -22.53 -11.87 -9.49
CA ILE C 290 -21.22 -12.52 -9.51
C ILE C 290 -21.17 -13.70 -8.55
N LEU C 291 -21.78 -13.60 -7.38
CA LEU C 291 -21.58 -14.67 -6.41
C LEU C 291 -22.64 -15.77 -6.51
N SER C 292 -23.78 -15.51 -7.11
CA SER C 292 -24.78 -16.58 -7.00
C SER C 292 -24.31 -17.84 -7.74
N PRO C 293 -23.57 -17.73 -8.86
CA PRO C 293 -23.02 -18.95 -9.47
C PRO C 293 -22.16 -19.81 -8.56
N LEU C 294 -21.23 -19.25 -7.79
CA LEU C 294 -20.54 -20.12 -6.83
C LEU C 294 -21.52 -20.75 -5.86
N ILE C 295 -22.62 -20.07 -5.58
CA ILE C 295 -23.58 -20.55 -4.60
C ILE C 295 -24.36 -21.74 -5.14
N ALA C 296 -24.64 -21.72 -6.46
CA ALA C 296 -25.28 -22.88 -7.11
C ALA C 296 -24.35 -24.09 -7.08
N GLU C 297 -23.13 -23.94 -7.60
CA GLU C 297 -22.13 -24.99 -7.47
C GLU C 297 -22.06 -25.52 -6.03
N ARG C 298 -22.05 -24.61 -5.05
CA ARG C 298 -21.89 -25.02 -3.65
C ARG C 298 -23.09 -25.79 -3.16
N GLU C 299 -24.30 -25.37 -3.56
CA GLU C 299 -25.51 -26.12 -3.21
C GLU C 299 -25.50 -27.50 -3.83
N ALA C 300 -25.03 -27.61 -5.08
CA ALA C 300 -24.92 -28.90 -5.73
C ALA C 300 -24.05 -29.85 -4.92
N MET C 301 -22.81 -29.44 -4.64
CA MET C 301 -21.90 -30.33 -3.93
C MET C 301 -22.39 -30.73 -2.54
N LYS C 302 -23.51 -30.14 -2.07
CA LYS C 302 -24.03 -30.53 -0.76
C LYS C 302 -24.60 -31.94 -0.80
N SER C 303 -25.26 -32.30 -1.91
CA SER C 303 -26.06 -33.51 -2.05
C SER C 303 -25.44 -34.51 -3.03
N SER C 304 -24.12 -34.67 -2.98
CA SER C 304 -23.41 -35.50 -3.94
C SER C 304 -22.06 -35.88 -3.34
N GLU C 305 -21.39 -36.82 -3.98
CA GLU C 305 -20.11 -37.35 -3.49
C GLU C 305 -19.03 -37.17 -4.55
N LEU C 306 -17.82 -36.94 -4.07
CA LEU C 306 -16.66 -36.70 -4.94
C LEU C 306 -15.81 -37.96 -5.00
N THR C 307 -15.68 -38.52 -6.20
CA THR C 307 -14.77 -39.63 -6.47
C THR C 307 -13.52 -39.11 -7.15
N LEU C 308 -12.36 -39.46 -6.60
CA LEU C 308 -11.10 -38.84 -6.94
C LEU C 308 -9.95 -39.80 -6.66
N GLU C 309 -9.03 -39.93 -7.62
CA GLU C 309 -7.96 -40.90 -7.54
C GLU C 309 -6.73 -40.30 -6.86
N MET C 310 -6.36 -40.85 -5.71
CA MET C 310 -5.22 -40.36 -4.94
C MET C 310 -4.18 -41.46 -4.80
N GLY C 311 -2.97 -41.20 -5.29
CA GLY C 311 -1.89 -42.16 -5.22
C GLY C 311 -2.36 -43.54 -5.64
N GLY C 312 -2.96 -43.61 -6.83
CA GLY C 312 -3.40 -44.88 -7.37
C GLY C 312 -4.84 -45.25 -7.07
N ILE C 313 -5.18 -45.44 -5.80
CA ILE C 313 -6.52 -45.90 -5.43
C ILE C 313 -7.51 -44.76 -5.61
N PRO C 314 -8.76 -45.04 -5.99
CA PRO C 314 -9.80 -44.02 -5.86
C PRO C 314 -10.17 -43.80 -4.40
N ARG C 315 -10.64 -42.59 -4.11
CA ARG C 315 -11.11 -42.22 -2.78
C ARG C 315 -12.47 -41.54 -2.90
N THR C 316 -13.16 -41.38 -1.77
CA THR C 316 -14.49 -40.77 -1.80
C THR C 316 -14.64 -39.73 -0.69
N PHE C 317 -15.06 -38.53 -1.10
CA PHE C 317 -15.15 -37.35 -0.25
C PHE C 317 -16.57 -36.80 -0.25
N LYS C 318 -16.97 -36.23 0.88
CA LYS C 318 -18.20 -35.44 0.96
C LYS C 318 -17.91 -34.22 1.84
N PHE C 319 -18.53 -33.10 1.49
CA PHE C 319 -18.10 -31.81 2.02
C PHE C 319 -19.16 -31.19 2.93
N ILE C 320 -18.70 -30.49 3.97
CA ILE C 320 -19.54 -29.64 4.80
C ILE C 320 -19.03 -28.21 4.67
N PHE C 321 -19.95 -27.27 4.42
CA PHE C 321 -19.62 -25.88 4.12
C PHE C 321 -20.05 -24.93 5.26
N ARG C 322 -19.07 -24.43 6.00
CA ARG C 322 -19.30 -23.58 7.15
C ARG C 322 -18.84 -22.16 6.81
N GLY C 323 -19.79 -21.31 6.40
CA GLY C 323 -19.50 -19.91 6.12
C GLY C 323 -19.35 -19.06 7.37
N THR C 324 -18.14 -19.03 7.94
CA THR C 324 -17.89 -18.33 9.19
C THR C 324 -16.86 -17.22 9.05
N GLY C 325 -16.43 -16.88 7.85
CA GLY C 325 -15.42 -15.86 7.77
C GLY C 325 -16.02 -14.60 7.20
N TYR C 326 -17.02 -14.07 7.91
CA TYR C 326 -17.66 -12.82 7.52
C TYR C 326 -17.64 -11.82 8.67
N ASP C 327 -17.45 -10.55 8.32
CA ASP C 327 -17.78 -9.45 9.19
C ASP C 327 -19.30 -9.29 9.27
N GLU C 328 -19.77 -8.76 10.39
CA GLU C 328 -21.18 -8.75 10.68
C GLU C 328 -21.95 -7.96 9.64
N LYS C 329 -21.40 -6.86 9.16
CA LYS C 329 -22.11 -6.08 8.16
C LYS C 329 -22.42 -6.92 6.94
N LEU C 330 -21.47 -7.78 6.51
CA LEU C 330 -21.70 -8.61 5.34
C LEU C 330 -22.70 -9.71 5.64
N VAL C 331 -22.59 -10.35 6.82
CA VAL C 331 -23.61 -11.32 7.22
C VAL C 331 -25.00 -10.70 7.11
N ARG C 332 -25.19 -9.51 7.65
CA ARG C 332 -26.51 -8.90 7.56
C ARG C 332 -26.91 -8.65 6.11
N GLU C 333 -25.95 -8.57 5.20
CA GLU C 333 -26.31 -8.18 3.86
C GLU C 333 -26.64 -9.37 2.98
N VAL C 334 -25.89 -10.47 3.16
CA VAL C 334 -26.15 -11.69 2.41
C VAL C 334 -27.31 -12.48 3.00
N GLU C 335 -27.67 -12.23 4.26
CA GLU C 335 -28.78 -12.92 4.90
C GLU C 335 -30.03 -12.08 4.95
N GLY C 336 -30.03 -10.90 4.35
CA GLY C 336 -31.22 -10.09 4.29
C GLY C 336 -31.69 -9.50 5.60
N LEU C 337 -30.87 -9.56 6.65
CA LEU C 337 -31.14 -8.86 7.90
C LEU C 337 -31.00 -7.36 7.70
N GLU C 338 -31.62 -6.59 8.59
CA GLU C 338 -31.46 -5.15 8.59
C GLU C 338 -30.03 -4.77 8.97
N ALA C 339 -29.71 -3.49 8.76
CA ALA C 339 -28.35 -2.99 8.92
C ALA C 339 -27.89 -3.08 10.38
N SER C 340 -26.69 -2.58 10.67
CA SER C 340 -26.12 -2.82 11.98
C SER C 340 -26.67 -1.93 13.08
N GLY C 341 -27.41 -0.86 12.73
CA GLY C 341 -27.98 -0.01 13.78
C GLY C 341 -29.33 -0.48 14.28
N SER C 342 -29.94 -1.44 13.60
CA SER C 342 -31.29 -1.90 13.88
C SER C 342 -31.51 -2.16 15.35
N VAL C 343 -32.72 -1.88 15.80
CA VAL C 343 -33.14 -2.36 17.10
C VAL C 343 -32.90 -3.85 17.27
N TYR C 344 -33.00 -4.63 16.18
CA TYR C 344 -32.65 -6.05 16.20
C TYR C 344 -31.15 -6.16 16.04
N ILE C 345 -30.45 -6.43 17.14
CA ILE C 345 -29.01 -6.26 17.15
C ILE C 345 -28.25 -7.53 16.77
N CYS C 346 -28.94 -8.66 16.68
CA CYS C 346 -28.24 -9.92 16.63
C CYS C 346 -28.56 -10.67 15.34
N THR C 347 -27.52 -11.26 14.77
CA THR C 347 -27.61 -12.18 13.64
C THR C 347 -27.84 -13.61 14.09
N LEU C 348 -27.85 -13.84 15.40
CA LEU C 348 -28.04 -15.17 15.95
C LEU C 348 -29.40 -15.35 16.63
N CYS C 349 -29.92 -14.33 17.30
CA CYS C 349 -31.14 -14.42 18.08
C CYS C 349 -32.09 -13.29 17.71
N ASP C 350 -33.32 -13.33 18.22
CA ASP C 350 -34.36 -12.36 17.86
C ASP C 350 -34.41 -11.14 18.78
N THR C 351 -33.49 -11.04 19.75
CA THR C 351 -33.63 -10.06 20.80
C THR C 351 -33.49 -8.63 20.25
N THR C 352 -33.95 -7.65 21.03
CA THR C 352 -33.78 -6.23 20.73
C THR C 352 -32.63 -5.66 21.53
N ARG C 353 -32.24 -4.43 21.18
CA ARG C 353 -31.19 -3.77 21.92
C ARG C 353 -31.58 -3.59 23.38
N LEU C 354 -32.80 -3.08 23.59
CA LEU C 354 -33.36 -2.89 24.92
C LEU C 354 -33.36 -4.19 25.70
N GLU C 355 -33.93 -5.24 25.10
CA GLU C 355 -34.02 -6.53 25.75
C GLU C 355 -32.66 -7.12 26.06
N ALA C 356 -31.66 -6.85 25.22
CA ALA C 356 -30.33 -7.38 25.49
C ALA C 356 -29.56 -6.54 26.47
N SER C 357 -30.01 -5.31 26.72
CA SER C 357 -29.40 -4.46 27.73
C SER C 357 -29.89 -4.78 29.13
N GLN C 358 -30.84 -5.71 29.28
CA GLN C 358 -31.44 -6.11 30.55
C GLN C 358 -31.16 -7.57 30.88
N ASN C 359 -31.58 -8.49 30.00
CA ASN C 359 -31.20 -9.89 30.17
C ASN C 359 -29.70 -10.08 29.96
N LEU C 360 -29.17 -9.54 28.85
CA LEU C 360 -27.74 -9.49 28.52
C LEU C 360 -27.16 -10.84 28.11
N VAL C 361 -27.50 -11.92 28.85
CA VAL C 361 -26.76 -13.20 28.78
C VAL C 361 -27.64 -14.41 28.45
N PHE C 362 -28.92 -14.42 28.87
CA PHE C 362 -29.76 -15.63 28.80
C PHE C 362 -30.67 -15.64 27.56
N HIS C 363 -30.06 -15.47 26.40
CA HIS C 363 -30.68 -15.79 25.13
C HIS C 363 -29.98 -17.02 24.57
N SER C 364 -30.51 -17.51 23.47
CA SER C 364 -29.94 -18.66 22.80
C SER C 364 -30.11 -18.48 21.32
N ILE C 365 -29.40 -19.30 20.55
CA ILE C 365 -29.29 -19.13 19.11
C ILE C 365 -30.58 -19.58 18.45
N THR C 366 -31.18 -18.68 17.68
CA THR C 366 -32.51 -18.81 17.08
C THR C 366 -32.44 -18.81 15.56
N ARG C 367 -31.88 -17.75 14.97
CA ARG C 367 -32.00 -17.53 13.55
C ARG C 367 -31.11 -18.51 12.78
N SER C 368 -31.35 -18.58 11.49
CA SER C 368 -30.62 -19.48 10.61
C SER C 368 -30.97 -19.07 9.20
N HIS C 369 -30.15 -19.53 8.26
CA HIS C 369 -30.43 -19.21 6.86
C HIS C 369 -31.80 -19.75 6.46
N ALA C 370 -32.09 -20.98 6.88
CA ALA C 370 -33.39 -21.57 6.65
C ALA C 370 -34.49 -20.64 7.13
N GLU C 371 -34.43 -20.27 8.41
CA GLU C 371 -35.50 -19.47 9.02
C GLU C 371 -35.56 -18.06 8.43
N ASN C 372 -34.41 -17.49 8.06
CA ASN C 372 -34.45 -16.18 7.42
C ASN C 372 -35.15 -16.24 6.07
N LEU C 373 -34.97 -17.34 5.34
CA LEU C 373 -35.73 -17.50 4.10
C LEU C 373 -37.22 -17.51 4.37
N GLN C 374 -37.68 -18.34 5.33
CA GLN C 374 -39.08 -18.34 5.74
C GLN C 374 -39.57 -16.94 6.07
N ARG C 375 -38.80 -16.21 6.89
CA ARG C 375 -39.27 -14.90 7.34
C ARG C 375 -39.41 -13.94 6.18
N TYR C 376 -38.49 -13.98 5.20
CA TYR C 376 -38.65 -13.06 4.08
C TYR C 376 -39.97 -13.33 3.38
N GLU C 377 -40.26 -14.59 3.10
CA GLU C 377 -41.51 -14.89 2.43
C GLU C 377 -42.70 -14.37 3.23
N VAL C 378 -42.65 -14.50 4.56
CA VAL C 378 -43.69 -13.89 5.39
C VAL C 378 -43.76 -12.40 5.09
N TRP C 379 -42.63 -11.70 5.18
CA TRP C 379 -42.61 -10.26 4.94
C TRP C 379 -43.17 -9.93 3.56
N ARG C 380 -42.85 -10.75 2.56
CA ARG C 380 -43.28 -10.41 1.21
C ARG C 380 -44.77 -10.63 1.04
N SER C 381 -45.25 -11.78 1.51
CA SER C 381 -46.62 -12.21 1.26
C SER C 381 -47.61 -11.62 2.24
N ASN C 382 -47.14 -11.35 3.46
CA ASN C 382 -47.90 -10.67 4.50
C ASN C 382 -49.17 -11.44 4.86
N PRO C 383 -49.05 -12.68 5.36
CA PRO C 383 -50.25 -13.52 5.44
C PRO C 383 -51.30 -12.97 6.38
N TYR C 384 -50.88 -12.49 7.54
CA TYR C 384 -51.81 -12.02 8.55
C TYR C 384 -52.31 -10.61 8.28
N HIS C 385 -52.10 -10.11 7.06
CA HIS C 385 -52.60 -8.79 6.64
C HIS C 385 -52.27 -7.71 7.68
N GLU C 386 -51.06 -7.77 8.24
CA GLU C 386 -50.64 -6.89 9.33
C GLU C 386 -50.24 -5.51 8.80
N SER C 387 -49.92 -4.61 9.73
CA SER C 387 -49.28 -3.34 9.42
C SER C 387 -47.78 -3.51 9.42
N VAL C 388 -47.09 -2.51 8.87
CA VAL C 388 -45.65 -2.66 8.59
C VAL C 388 -44.86 -2.86 9.89
N GLU C 389 -45.24 -2.18 10.98
CA GLU C 389 -44.57 -2.39 12.24
C GLU C 389 -44.93 -3.75 12.83
N GLU C 390 -46.22 -4.11 12.80
CA GLU C 390 -46.61 -5.45 13.18
C GLU C 390 -45.85 -6.47 12.34
N LEU C 391 -45.75 -6.22 11.04
CA LEU C 391 -45.09 -7.15 10.12
C LEU C 391 -43.64 -7.35 10.50
N ARG C 392 -42.94 -6.23 10.70
CA ARG C 392 -41.52 -6.26 10.97
C ARG C 392 -41.21 -6.96 12.28
N ASP C 393 -42.06 -6.75 13.29
CA ASP C 393 -41.94 -7.51 14.53
C ASP C 393 -42.11 -9.01 14.27
N ARG C 394 -43.02 -9.38 13.37
CA ARG C 394 -43.25 -10.79 13.12
C ARG C 394 -42.03 -11.42 12.50
N VAL C 395 -41.44 -10.77 11.50
CA VAL C 395 -40.30 -11.38 10.84
C VAL C 395 -39.01 -11.12 11.60
N LYS C 396 -39.01 -10.23 12.59
CA LYS C 396 -37.82 -9.91 13.37
C LYS C 396 -36.71 -9.31 12.51
N GLY C 397 -37.10 -8.53 11.51
CA GLY C 397 -36.15 -7.75 10.77
C GLY C 397 -35.78 -8.30 9.42
N VAL C 398 -36.39 -9.41 9.00
CA VAL C 398 -35.97 -10.09 7.77
C VAL C 398 -36.89 -9.59 6.66
N SER C 399 -36.48 -8.50 6.02
CA SER C 399 -37.23 -7.83 4.96
C SER C 399 -36.55 -7.91 3.60
N ALA C 400 -35.47 -8.69 3.49
CA ALA C 400 -34.77 -8.91 2.25
C ALA C 400 -34.45 -10.38 2.15
N LYS C 401 -34.59 -10.95 0.94
CA LYS C 401 -34.43 -12.38 0.71
C LYS C 401 -32.98 -12.81 0.84
N PRO C 402 -32.64 -13.69 1.78
CA PRO C 402 -31.25 -14.12 1.92
C PRO C 402 -30.74 -14.77 0.63
N PHE C 403 -29.42 -14.77 0.48
CA PHE C 403 -28.84 -15.38 -0.69
C PHE C 403 -27.49 -16.05 -0.46
N ILE C 404 -26.98 -16.11 0.76
CA ILE C 404 -25.86 -17.01 1.05
C ILE C 404 -26.07 -17.60 2.43
N GLU C 405 -25.94 -18.92 2.51
CA GLU C 405 -26.14 -19.61 3.77
C GLU C 405 -24.91 -19.42 4.65
N THR C 406 -25.09 -18.78 5.79
CA THR C 406 -24.00 -18.59 6.74
C THR C 406 -24.28 -19.38 8.02
N VAL C 407 -23.20 -19.72 8.70
CA VAL C 407 -23.31 -20.32 10.04
C VAL C 407 -23.53 -19.20 11.05
N PRO C 408 -24.53 -19.30 11.92
CA PRO C 408 -24.68 -18.28 12.96
C PRO C 408 -23.55 -18.36 13.98
N SER C 409 -22.53 -17.51 13.82
CA SER C 409 -21.40 -17.54 14.73
C SER C 409 -20.92 -16.12 14.99
N ILE C 410 -19.73 -16.02 15.59
CA ILE C 410 -19.06 -14.77 15.88
C ILE C 410 -17.71 -14.75 15.18
N ASP C 411 -17.35 -13.61 14.58
CA ASP C 411 -16.04 -13.51 13.94
C ASP C 411 -15.02 -13.03 14.95
N ALA C 412 -14.29 -13.96 15.57
CA ALA C 412 -13.38 -13.59 16.65
C ALA C 412 -12.55 -12.33 16.37
N LEU C 413 -12.29 -11.98 15.10
CA LEU C 413 -11.51 -10.77 14.82
C LEU C 413 -12.35 -9.52 15.08
N HIS C 414 -13.45 -9.37 14.36
CA HIS C 414 -14.19 -8.13 14.51
C HIS C 414 -14.84 -8.02 15.89
N CYS C 415 -15.07 -9.14 16.55
CA CYS C 415 -15.43 -9.07 17.95
C CYS C 415 -14.26 -8.53 18.76
N ASP C 416 -13.05 -8.95 18.43
CA ASP C 416 -11.85 -8.42 19.10
C ASP C 416 -11.71 -6.91 18.88
N ILE C 417 -11.83 -6.48 17.63
CA ILE C 417 -11.75 -5.07 17.30
C ILE C 417 -12.92 -4.33 17.92
N GLY C 418 -14.13 -4.85 17.76
CA GLY C 418 -15.32 -4.11 18.21
C GLY C 418 -15.32 -3.83 19.70
N ASN C 419 -15.13 -4.86 20.53
CA ASN C 419 -15.06 -4.69 21.97
C ASN C 419 -14.02 -3.67 22.36
N ALA C 420 -12.78 -3.87 21.92
CA ALA C 420 -11.72 -2.93 22.29
C ALA C 420 -12.11 -1.49 21.98
N ALA C 421 -12.76 -1.25 20.85
CA ALA C 421 -13.14 0.13 20.54
C ALA C 421 -14.18 0.65 21.52
N GLU C 422 -14.92 -0.24 22.16
CA GLU C 422 -15.83 0.16 23.24
C GLU C 422 -15.04 0.59 24.46
N PHE C 423 -14.19 -0.30 25.00
CA PHE C 423 -13.36 0.06 26.14
C PHE C 423 -12.58 1.35 25.89
N TYR C 424 -12.12 1.56 24.67
CA TYR C 424 -11.46 2.82 24.35
C TYR C 424 -12.39 4.00 24.63
N LYS C 425 -13.67 3.85 24.30
CA LYS C 425 -14.65 4.90 24.54
C LYS C 425 -14.89 5.07 26.04
N ILE C 426 -15.18 3.96 26.74
CA ILE C 426 -15.29 3.99 28.20
C ILE C 426 -14.08 4.70 28.81
N PHE C 427 -12.88 4.21 28.49
CA PHE C 427 -11.65 4.81 29.01
C PHE C 427 -11.65 6.31 28.91
N GLN C 428 -12.27 6.86 27.87
CA GLN C 428 -12.22 8.32 27.77
C GLN C 428 -13.43 8.95 28.40
N LEU C 429 -14.52 8.20 28.54
CA LEU C 429 -15.66 8.68 29.32
C LEU C 429 -15.31 8.75 30.80
N GLU C 430 -14.76 7.66 31.36
CA GLU C 430 -14.31 7.66 32.76
C GLU C 430 -13.34 8.80 33.05
N ILE C 431 -12.48 9.12 32.09
CA ILE C 431 -11.51 10.18 32.30
C ILE C 431 -12.22 11.52 32.42
N GLY C 432 -13.15 11.80 31.50
CA GLY C 432 -13.93 13.01 31.60
C GLY C 432 -15.01 12.99 32.67
N GLU C 433 -15.27 11.82 33.26
CA GLU C 433 -16.38 11.61 34.19
C GLU C 433 -17.69 12.15 33.58
N VAL C 434 -18.13 11.49 32.51
CA VAL C 434 -19.18 12.09 31.70
C VAL C 434 -20.51 12.08 32.43
N TYR C 435 -20.66 11.22 33.44
CA TYR C 435 -21.91 11.17 34.20
C TYR C 435 -22.18 12.50 34.89
N LYS C 436 -21.14 13.10 35.47
CA LYS C 436 -21.15 14.45 36.04
C LYS C 436 -21.20 15.51 35.02
N HIS C 437 -21.36 15.25 33.72
CA HIS C 437 -21.29 16.32 32.72
C HIS C 437 -22.16 15.91 31.54
N PRO C 438 -23.47 16.05 31.67
CA PRO C 438 -24.35 15.59 30.59
C PRO C 438 -24.33 16.51 29.40
N ASN C 439 -24.05 17.79 29.61
CA ASN C 439 -24.07 18.78 28.56
C ASN C 439 -22.68 19.07 28.02
N ALA C 440 -21.79 18.08 28.05
CA ALA C 440 -20.40 18.30 27.64
C ALA C 440 -20.34 18.59 26.15
N SER C 441 -19.65 19.67 25.80
CA SER C 441 -19.63 20.09 24.42
C SER C 441 -18.76 19.17 23.57
N LYS C 442 -19.00 19.20 22.26
CA LYS C 442 -18.15 18.51 21.31
C LYS C 442 -16.68 18.71 21.65
N GLU C 443 -16.27 19.97 21.85
CA GLU C 443 -14.86 20.26 22.04
C GLU C 443 -14.34 19.75 23.37
N GLU C 444 -15.21 19.64 24.37
CA GLU C 444 -14.75 19.14 25.67
C GLU C 444 -14.47 17.66 25.60
N ARG C 445 -15.36 16.90 24.95
CA ARG C 445 -15.15 15.46 24.81
C ARG C 445 -13.91 15.18 23.98
N LYS C 446 -13.65 16.03 22.97
CA LYS C 446 -12.45 15.87 22.16
C LYS C 446 -11.21 15.83 23.04
N ARG C 447 -11.09 16.74 24.01
CA ARG C 447 -9.90 16.73 24.85
C ARG C 447 -9.87 15.57 25.83
N TRP C 448 -10.99 14.87 26.02
CA TRP C 448 -10.92 13.64 26.79
C TRP C 448 -10.20 12.58 25.99
N GLN C 449 -10.46 12.55 24.67
CA GLN C 449 -9.70 11.70 23.77
C GLN C 449 -8.23 12.06 23.80
N ALA C 450 -7.92 13.33 23.50
CA ALA C 450 -6.54 13.79 23.45
C ALA C 450 -5.75 13.39 24.70
N THR C 451 -6.36 13.51 25.88
CA THR C 451 -5.66 13.12 27.10
C THR C 451 -5.28 11.66 27.06
N LEU C 452 -6.28 10.81 26.80
CA LEU C 452 -6.10 9.37 26.76
C LEU C 452 -5.06 8.98 25.74
N ASP C 453 -5.21 9.48 24.51
CA ASP C 453 -4.27 9.32 23.41
C ASP C 453 -2.86 9.58 23.90
N LYS C 454 -2.58 10.85 24.21
CA LYS C 454 -1.26 11.24 24.68
C LYS C 454 -0.73 10.26 25.73
N HIS C 455 -1.60 9.79 26.62
CA HIS C 455 -1.12 8.95 27.70
C HIS C 455 -0.88 7.52 27.23
N LEU C 456 -1.72 7.02 26.32
CA LEU C 456 -1.47 5.69 25.75
C LEU C 456 -0.12 5.67 25.02
N ARG C 457 0.19 6.75 24.29
CA ARG C 457 1.53 6.88 23.74
C ARG C 457 2.59 6.84 24.85
N LYS C 458 2.39 7.60 25.92
CA LYS C 458 3.44 7.76 26.93
C LYS C 458 3.67 6.47 27.72
N ARG C 459 2.63 5.70 28.00
CA ARG C 459 2.76 4.51 28.83
C ARG C 459 2.66 3.21 28.07
N MET C 460 1.95 3.18 26.95
CA MET C 460 1.74 1.95 26.21
C MET C 460 2.50 1.92 24.88
N ASN C 461 3.29 2.96 24.57
CA ASN C 461 3.96 3.10 23.28
C ASN C 461 2.98 2.89 22.14
N LEU C 462 1.83 3.55 22.22
CA LEU C 462 0.72 3.33 21.31
C LEU C 462 0.42 4.60 20.55
N LYS C 463 0.65 4.56 19.25
CA LYS C 463 0.35 5.67 18.38
C LYS C 463 -1.16 5.77 18.19
N PRO C 464 -1.71 6.97 18.06
CA PRO C 464 -3.16 7.08 17.87
C PRO C 464 -3.54 6.79 16.42
N ILE C 465 -4.37 5.72 16.21
CA ILE C 465 -4.78 5.30 14.88
C ILE C 465 -6.20 5.80 14.59
N MET C 466 -6.51 5.97 13.30
CA MET C 466 -7.74 6.68 12.93
C MET C 466 -8.97 5.79 12.90
N ARG C 467 -8.80 4.47 12.97
CA ARG C 467 -9.88 3.48 13.02
C ARG C 467 -9.26 2.21 13.61
N MET C 468 -10.01 1.51 14.43
CA MET C 468 -9.40 0.55 15.34
C MET C 468 -9.01 -0.72 14.61
N ASN C 469 -7.87 -1.30 14.97
CA ASN C 469 -7.46 -2.53 14.30
C ASN C 469 -6.95 -3.53 15.33
N GLY C 470 -6.78 -4.76 14.88
CA GLY C 470 -6.56 -5.87 15.80
C GLY C 470 -5.33 -5.74 16.68
N ASN C 471 -4.24 -5.18 16.17
CA ASN C 471 -3.07 -5.12 17.03
C ASN C 471 -3.25 -4.09 18.14
N PHE C 472 -3.84 -2.93 17.84
CA PHE C 472 -4.22 -1.99 18.89
C PHE C 472 -5.04 -2.68 19.96
N ALA C 473 -6.20 -3.25 19.57
CA ALA C 473 -7.01 -4.06 20.45
C ALA C 473 -6.18 -5.01 21.31
N ARG C 474 -5.21 -5.69 20.73
CA ARG C 474 -4.46 -6.67 21.50
C ARG C 474 -3.58 -6.00 22.55
N LYS C 475 -3.11 -4.78 22.28
CA LYS C 475 -2.26 -4.11 23.27
C LYS C 475 -3.11 -3.35 24.30
N LEU C 476 -4.36 -2.99 23.92
CA LEU C 476 -5.19 -2.10 24.73
C LEU C 476 -5.94 -2.86 25.82
N MET C 477 -6.47 -4.05 25.51
CA MET C 477 -7.10 -4.92 26.51
C MET C 477 -6.02 -5.70 27.26
N THR C 478 -5.23 -4.95 28.02
CA THR C 478 -4.27 -5.50 28.96
C THR C 478 -4.49 -4.84 30.30
N GLN C 479 -4.27 -5.60 31.39
CA GLN C 479 -4.46 -4.99 32.69
C GLN C 479 -3.52 -3.80 32.86
N GLU C 480 -2.33 -3.85 32.24
CA GLU C 480 -1.38 -2.74 32.38
C GLU C 480 -1.83 -1.51 31.62
N THR C 481 -2.71 -1.65 30.62
CA THR C 481 -3.26 -0.47 29.98
C THR C 481 -4.25 0.21 30.90
N VAL C 482 -5.13 -0.58 31.51
CA VAL C 482 -5.99 -0.04 32.56
C VAL C 482 -5.18 0.76 33.55
N ASP C 483 -4.17 0.13 34.15
CA ASP C 483 -3.30 0.79 35.12
C ASP C 483 -2.91 2.18 34.66
N ALA C 484 -2.44 2.29 33.42
CA ALA C 484 -2.09 3.60 32.88
C ALA C 484 -3.31 4.49 32.74
N VAL C 485 -4.45 3.94 32.32
CA VAL C 485 -5.61 4.80 32.16
C VAL C 485 -6.09 5.29 33.51
N CYS C 486 -5.82 4.55 34.58
CA CYS C 486 -6.26 4.93 35.92
C CYS C 486 -5.55 6.19 36.43
N GLU C 487 -4.29 6.37 36.05
CA GLU C 487 -3.53 7.55 36.44
C GLU C 487 -4.25 8.83 36.01
N LEU C 488 -5.26 8.70 35.16
CA LEU C 488 -6.00 9.84 34.64
C LEU C 488 -7.41 9.93 35.16
N ILE C 489 -7.84 8.96 35.96
CA ILE C 489 -9.19 8.91 36.49
C ILE C 489 -9.11 9.38 37.95
N PRO C 490 -9.93 10.38 38.36
CA PRO C 490 -9.79 10.93 39.72
C PRO C 490 -10.22 9.95 40.79
N SER C 491 -11.47 9.48 40.68
CA SER C 491 -12.18 8.73 41.72
C SER C 491 -11.68 7.28 41.79
N GLU C 492 -10.87 6.96 42.80
CA GLU C 492 -10.32 5.61 42.94
C GLU C 492 -11.38 4.55 43.10
N GLU C 493 -12.64 4.92 43.36
CA GLU C 493 -13.67 3.89 43.38
C GLU C 493 -13.93 3.34 41.99
N ARG C 494 -13.87 4.20 40.97
CA ARG C 494 -14.07 3.72 39.62
C ARG C 494 -12.90 2.85 39.14
N HIS C 495 -11.67 3.14 39.60
CA HIS C 495 -10.57 2.21 39.34
C HIS C 495 -10.94 0.78 39.65
N GLU C 496 -11.60 0.56 40.80
CA GLU C 496 -12.02 -0.80 41.14
C GLU C 496 -13.00 -1.36 40.12
N ALA C 497 -13.87 -0.50 39.57
CA ALA C 497 -14.83 -0.95 38.57
C ALA C 497 -14.14 -1.35 37.27
N LEU C 498 -13.24 -0.49 36.78
CA LEU C 498 -12.48 -0.77 35.56
C LEU C 498 -11.67 -2.04 35.68
N ARG C 499 -10.76 -2.09 36.66
CA ARG C 499 -9.87 -3.23 36.82
C ARG C 499 -10.62 -4.55 36.93
N GLU C 500 -11.87 -4.54 37.40
CA GLU C 500 -12.63 -5.79 37.42
C GLU C 500 -13.25 -6.05 36.05
N LEU C 501 -13.93 -5.05 35.48
CA LEU C 501 -14.47 -5.17 34.14
C LEU C 501 -13.41 -5.72 33.17
N MET C 502 -12.22 -5.13 33.18
CA MET C 502 -11.12 -5.64 32.37
C MET C 502 -10.74 -7.04 32.78
N ASP C 503 -10.69 -7.31 34.09
CA ASP C 503 -10.31 -8.64 34.55
C ASP C 503 -11.31 -9.67 34.08
N LEU C 504 -12.59 -9.32 34.07
CA LEU C 504 -13.61 -10.25 33.59
C LEU C 504 -13.41 -10.54 32.11
N TYR C 505 -13.27 -9.49 31.30
CA TYR C 505 -13.09 -9.64 29.87
C TYR C 505 -11.91 -10.56 29.55
N LEU C 506 -10.78 -10.36 30.23
CA LEU C 506 -9.64 -11.22 29.98
C LEU C 506 -9.85 -12.68 30.42
N LYS C 507 -10.87 -12.95 31.23
CA LYS C 507 -11.18 -14.35 31.55
C LYS C 507 -12.12 -14.98 30.54
N MET C 508 -12.75 -14.16 29.71
CA MET C 508 -13.61 -14.66 28.66
C MET C 508 -12.93 -14.68 27.31
N LYS C 509 -12.03 -13.74 27.01
CA LYS C 509 -11.41 -13.71 25.69
C LYS C 509 -10.86 -15.07 25.27
N PRO C 510 -10.01 -15.74 26.05
CA PRO C 510 -9.42 -17.00 25.57
C PRO C 510 -10.44 -18.02 25.08
N VAL C 511 -11.67 -18.01 25.60
CA VAL C 511 -12.62 -19.01 25.12
C VAL C 511 -12.96 -18.77 23.65
N TRP C 512 -13.16 -17.52 23.25
CA TRP C 512 -13.60 -17.28 21.89
C TRP C 512 -12.47 -17.04 20.91
N ARG C 513 -11.19 -17.05 21.34
CA ARG C 513 -10.08 -16.88 20.39
C ARG C 513 -9.12 -18.05 20.31
N SER C 514 -8.94 -18.81 21.37
CA SER C 514 -8.14 -20.01 21.27
C SER C 514 -8.81 -21.03 20.33
N SER C 515 -7.98 -21.96 19.83
CA SER C 515 -8.36 -22.93 18.81
C SER C 515 -9.02 -24.17 19.38
N CYS C 516 -8.69 -24.54 20.62
CA CYS C 516 -9.38 -25.61 21.33
C CYS C 516 -9.53 -25.19 22.79
N PRO C 517 -10.55 -24.38 23.11
CA PRO C 517 -10.68 -23.88 24.48
C PRO C 517 -10.87 -24.97 25.50
N ALA C 518 -11.53 -26.07 25.13
CA ALA C 518 -11.66 -27.19 26.04
C ALA C 518 -10.32 -27.76 26.47
N LYS C 519 -9.24 -27.43 25.76
CA LYS C 519 -7.90 -27.90 26.07
C LYS C 519 -6.93 -26.81 26.52
N GLU C 520 -6.93 -25.64 25.86
CA GLU C 520 -5.95 -24.61 26.20
C GLU C 520 -6.38 -23.77 27.40
N CYS C 521 -7.69 -23.62 27.63
CA CYS C 521 -8.18 -22.78 28.70
C CYS C 521 -9.43 -23.40 29.34
N PRO C 522 -9.35 -24.66 29.80
CA PRO C 522 -10.56 -25.32 30.29
C PRO C 522 -11.24 -24.56 31.42
N GLU C 523 -10.45 -23.89 32.27
CA GLU C 523 -11.02 -23.15 33.40
C GLU C 523 -11.93 -22.03 32.92
N SER C 524 -11.43 -21.19 32.01
CA SER C 524 -12.24 -20.09 31.50
C SER C 524 -13.47 -20.57 30.74
N LEU C 525 -13.44 -21.81 30.23
CA LEU C 525 -14.58 -22.36 29.52
C LEU C 525 -15.69 -22.73 30.48
N CYS C 526 -15.36 -23.38 31.59
CA CYS C 526 -16.38 -23.71 32.59
C CYS C 526 -16.99 -22.45 33.17
N GLN C 527 -16.15 -21.57 33.69
CA GLN C 527 -16.57 -20.37 34.39
C GLN C 527 -17.17 -19.31 33.47
N TYR C 528 -17.21 -19.55 32.16
CA TYR C 528 -17.62 -18.50 31.22
C TYR C 528 -19.01 -17.97 31.57
N SER C 529 -19.95 -18.86 31.84
CA SER C 529 -21.30 -18.41 32.15
C SER C 529 -21.29 -17.50 33.37
N PHE C 530 -20.56 -17.90 34.41
CA PHE C 530 -20.47 -17.08 35.62
C PHE C 530 -19.88 -15.72 35.28
N ASN C 531 -18.67 -15.71 34.71
CA ASN C 531 -17.98 -14.45 34.45
C ASN C 531 -18.81 -13.53 33.56
N SER C 532 -19.49 -14.08 32.56
CA SER C 532 -20.32 -13.26 31.70
C SER C 532 -21.42 -12.56 32.49
N GLN C 533 -22.04 -13.24 33.45
CA GLN C 533 -23.09 -12.61 34.25
C GLN C 533 -22.51 -11.47 35.09
N ARG C 534 -21.44 -11.73 35.81
CA ARG C 534 -20.80 -10.69 36.62
C ARG C 534 -20.45 -9.48 35.76
N PHE C 535 -19.83 -9.71 34.60
CA PHE C 535 -19.49 -8.64 33.67
C PHE C 535 -20.74 -7.88 33.21
N ALA C 536 -21.81 -8.59 32.89
CA ALA C 536 -23.02 -7.91 32.43
C ALA C 536 -23.66 -7.12 33.55
N GLU C 537 -23.48 -7.57 34.80
CA GLU C 537 -23.95 -6.83 35.97
C GLU C 537 -23.19 -5.52 36.09
N LEU C 538 -21.88 -5.64 36.18
CA LEU C 538 -20.97 -4.50 36.26
C LEU C 538 -21.32 -3.42 35.25
N LEU C 539 -21.65 -3.83 34.02
CA LEU C 539 -22.15 -2.86 33.05
C LEU C 539 -23.49 -2.26 33.50
N SER C 540 -24.35 -3.07 34.13
CA SER C 540 -25.69 -2.58 34.48
C SER C 540 -25.66 -1.67 35.70
N THR C 541 -24.72 -1.89 36.60
CA THR C 541 -24.51 -1.03 37.75
C THR C 541 -23.51 0.07 37.47
N LYS C 542 -22.23 -0.27 37.64
CA LYS C 542 -21.25 0.80 37.78
C LYS C 542 -21.10 1.59 36.49
N PHE C 543 -21.18 0.93 35.33
CA PHE C 543 -21.07 1.63 34.05
C PHE C 543 -22.43 1.93 33.45
N LYS C 544 -23.43 2.18 34.30
CA LYS C 544 -24.80 2.24 33.82
C LYS C 544 -25.06 3.53 33.05
N TYR C 545 -24.22 4.53 33.24
CA TYR C 545 -24.48 5.81 32.60
C TYR C 545 -24.54 5.67 31.09
N ARG C 546 -23.84 4.64 30.59
CA ARG C 546 -23.74 4.27 29.19
C ARG C 546 -24.68 3.12 28.81
N TYR C 547 -24.68 2.03 29.60
CA TYR C 547 -25.34 0.79 29.22
C TYR C 547 -26.71 0.59 29.86
N GLU C 548 -27.46 1.67 30.09
CA GLU C 548 -28.83 1.56 30.57
C GLU C 548 -29.75 1.78 29.38
N GLY C 549 -30.47 0.74 28.99
CA GLY C 549 -31.37 0.82 27.86
C GLY C 549 -30.76 0.42 26.53
N LYS C 550 -29.46 0.17 26.46
CA LYS C 550 -28.77 -0.04 25.20
C LYS C 550 -27.45 -0.76 25.47
N ILE C 551 -26.91 -1.35 24.41
CA ILE C 551 -25.67 -2.11 24.46
C ILE C 551 -25.21 -2.35 23.03
N THR C 552 -23.94 -2.73 22.87
CA THR C 552 -23.30 -2.92 21.57
C THR C 552 -23.51 -4.32 21.03
N ASN C 553 -23.50 -4.43 19.69
CA ASN C 553 -23.81 -5.72 19.06
C ASN C 553 -22.81 -6.78 19.48
N TYR C 554 -21.52 -6.43 19.57
CA TYR C 554 -20.56 -7.48 19.91
C TYR C 554 -20.51 -7.79 21.38
N PHE C 555 -20.93 -6.86 22.25
CA PHE C 555 -21.07 -7.20 23.67
C PHE C 555 -22.14 -8.27 23.86
N HIS C 556 -23.30 -8.03 23.26
CA HIS C 556 -24.35 -9.04 23.29
C HIS C 556 -23.80 -10.40 22.93
N LYS C 557 -23.29 -10.55 21.70
CA LYS C 557 -22.82 -11.85 21.22
C LYS C 557 -21.80 -12.44 22.20
N THR C 558 -20.73 -11.68 22.49
CA THR C 558 -19.71 -12.07 23.47
C THR C 558 -20.31 -12.54 24.80
N LEU C 559 -21.21 -11.75 25.44
CA LEU C 559 -21.89 -12.22 26.66
C LEU C 559 -22.97 -13.30 26.43
N ALA C 560 -23.73 -13.23 25.32
CA ALA C 560 -24.90 -14.12 25.20
C ALA C 560 -24.59 -15.46 24.53
N HIS C 561 -23.75 -15.52 23.53
CA HIS C 561 -23.82 -16.71 22.69
C HIS C 561 -22.54 -17.50 22.62
N VAL C 562 -21.44 -17.03 23.24
CA VAL C 562 -20.15 -17.76 23.09
C VAL C 562 -20.27 -19.19 23.59
N PRO C 563 -20.73 -19.45 24.83
CA PRO C 563 -20.84 -20.84 25.33
C PRO C 563 -21.55 -21.76 24.36
N GLU C 564 -22.79 -21.41 23.97
CA GLU C 564 -23.54 -22.25 23.03
C GLU C 564 -22.72 -22.54 21.77
N ILE C 565 -21.97 -21.55 21.27
CA ILE C 565 -21.21 -21.80 20.06
C ILE C 565 -20.11 -22.83 20.34
N ILE C 566 -19.37 -22.72 21.47
CA ILE C 566 -18.35 -23.73 21.79
C ILE C 566 -18.97 -25.11 21.93
N GLU C 567 -20.14 -25.22 22.56
CA GLU C 567 -20.79 -26.52 22.62
C GLU C 567 -21.01 -27.08 21.22
N ARG C 568 -21.44 -26.23 20.30
CA ARG C 568 -21.80 -26.70 18.98
C ARG C 568 -20.58 -27.01 18.12
N ASP C 569 -19.62 -26.08 18.07
CA ASP C 569 -18.52 -26.13 17.12
C ASP C 569 -17.17 -26.43 17.72
N GLY C 570 -17.01 -26.29 19.03
CA GLY C 570 -15.74 -26.62 19.66
C GLY C 570 -14.76 -25.46 19.74
N SER C 571 -14.81 -24.58 18.74
CA SER C 571 -13.88 -23.47 18.62
C SER C 571 -14.56 -22.29 17.94
N ILE C 572 -14.17 -21.08 18.34
CA ILE C 572 -14.54 -19.86 17.64
C ILE C 572 -13.35 -19.22 16.95
N GLY C 573 -12.18 -19.22 17.61
CA GLY C 573 -11.03 -18.54 17.05
C GLY C 573 -10.67 -19.06 15.69
N ALA C 574 -10.86 -20.35 15.47
CA ALA C 574 -10.41 -21.01 14.26
C ALA C 574 -11.29 -20.69 13.06
N TRP C 575 -12.54 -20.29 13.28
CA TRP C 575 -13.44 -20.01 12.17
C TRP C 575 -13.47 -18.53 11.82
N ALA C 576 -12.51 -17.77 12.34
CA ALA C 576 -12.50 -16.32 12.22
C ALA C 576 -12.18 -15.89 10.80
N SER C 577 -12.49 -14.64 10.47
CA SER C 577 -12.13 -14.05 9.18
C SER C 577 -10.68 -13.60 9.14
N GLU C 578 -9.91 -13.89 10.19
CA GLU C 578 -8.55 -13.40 10.27
C GLU C 578 -7.72 -13.88 9.07
N GLY C 579 -7.88 -15.14 8.69
CA GLY C 579 -7.14 -15.65 7.55
C GLY C 579 -7.48 -14.91 6.28
N ASN C 580 -8.77 -14.83 5.97
CA ASN C 580 -9.20 -14.11 4.79
C ASN C 580 -8.74 -12.66 4.81
N GLU C 581 -8.73 -12.03 5.99
CA GLU C 581 -8.31 -10.63 6.02
C GLU C 581 -6.81 -10.52 5.75
N SER C 582 -6.03 -11.50 6.18
CA SER C 582 -4.62 -11.54 5.78
C SER C 582 -4.47 -11.73 4.28
N GLY C 583 -5.47 -12.34 3.63
CA GLY C 583 -5.38 -12.56 2.21
C GLY C 583 -5.51 -11.28 1.43
N ASN C 584 -6.18 -10.29 1.99
CA ASN C 584 -6.23 -9.01 1.29
C ASN C 584 -4.85 -8.36 1.22
N LYS C 585 -4.02 -8.54 2.25
CA LYS C 585 -2.65 -8.06 2.16
C LYS C 585 -1.97 -8.62 0.92
N LEU C 586 -2.13 -9.94 0.70
CA LEU C 586 -1.64 -10.59 -0.51
C LEU C 586 -2.32 -10.03 -1.73
N PHE C 587 -3.66 -9.91 -1.71
CA PHE C 587 -4.35 -9.38 -2.88
C PHE C 587 -3.77 -8.05 -3.29
N ARG C 588 -3.32 -7.27 -2.33
CA ARG C 588 -2.76 -5.96 -2.63
C ARG C 588 -1.36 -6.09 -3.18
N ARG C 589 -0.56 -7.04 -2.67
CA ARG C 589 0.80 -7.24 -3.14
C ARG C 589 0.83 -7.77 -4.57
N PHE C 590 0.23 -8.93 -4.77
CA PHE C 590 0.13 -9.54 -6.07
C PHE C 590 -0.46 -8.61 -7.11
N ARG C 591 -1.44 -7.78 -6.75
CA ARG C 591 -2.00 -6.93 -7.79
C ARG C 591 -0.99 -5.94 -8.34
N LYS C 592 0.01 -5.57 -7.55
CA LYS C 592 1.05 -4.63 -7.95
C LYS C 592 2.24 -5.34 -8.57
N MET C 593 2.71 -6.42 -7.94
CA MET C 593 4.01 -6.99 -8.25
C MET C 593 3.92 -8.39 -8.84
N ASN C 594 2.76 -8.85 -9.25
CA ASN C 594 2.68 -10.24 -9.68
C ASN C 594 1.54 -10.39 -10.64
N ALA C 595 1.23 -9.33 -11.37
CA ALA C 595 0.22 -9.41 -12.40
C ALA C 595 0.46 -8.34 -13.43
N ARG C 596 0.12 -8.65 -14.68
CA ARG C 596 0.07 -7.67 -15.77
C ARG C 596 -0.75 -6.44 -15.36
N GLN C 597 -0.32 -5.25 -15.76
CA GLN C 597 -1.03 -4.03 -15.38
C GLN C 597 -1.99 -3.60 -16.48
N SER C 598 -2.96 -4.46 -16.76
CA SER C 598 -4.11 -4.08 -17.58
C SER C 598 -5.38 -4.47 -16.86
N LYS C 599 -6.45 -3.68 -17.07
CA LYS C 599 -7.78 -4.14 -16.66
C LYS C 599 -8.05 -5.56 -17.16
N CYS C 600 -7.63 -5.87 -18.39
CA CYS C 600 -8.01 -7.11 -19.04
C CYS C 600 -7.38 -8.33 -18.37
N TYR C 601 -6.37 -8.16 -17.53
CA TYR C 601 -5.69 -9.33 -17.00
C TYR C 601 -5.46 -9.27 -15.50
N GLU C 602 -5.92 -8.22 -14.83
CA GLU C 602 -5.51 -8.06 -13.44
C GLU C 602 -6.12 -9.13 -12.57
N MET C 603 -7.40 -9.47 -12.79
CA MET C 603 -8.00 -10.46 -11.91
C MET C 603 -7.52 -11.87 -12.25
N GLU C 604 -7.40 -12.18 -13.54
CA GLU C 604 -6.93 -13.52 -13.93
C GLU C 604 -5.55 -13.82 -13.34
N ASP C 605 -4.64 -12.85 -13.34
CA ASP C 605 -3.29 -13.14 -12.90
C ASP C 605 -3.22 -13.26 -11.38
N VAL C 606 -3.91 -12.37 -10.67
CA VAL C 606 -3.85 -12.40 -9.21
C VAL C 606 -4.51 -13.65 -8.69
N LEU C 607 -5.66 -14.01 -9.27
CA LEU C 607 -6.35 -15.23 -8.87
C LEU C 607 -5.43 -16.44 -9.01
N LYS C 608 -4.80 -16.59 -10.18
CA LYS C 608 -3.89 -17.72 -10.40
C LYS C 608 -2.73 -17.66 -9.43
N HIS C 609 -2.01 -16.53 -9.40
CA HIS C 609 -0.84 -16.48 -8.54
C HIS C 609 -1.21 -16.79 -7.10
N HIS C 610 -2.29 -16.17 -6.60
CA HIS C 610 -2.69 -16.36 -5.21
C HIS C 610 -2.92 -17.83 -4.91
N TRP C 611 -3.59 -18.53 -5.84
CA TRP C 611 -3.74 -19.98 -5.76
C TRP C 611 -2.39 -20.69 -5.59
N LEU C 612 -1.38 -20.33 -6.39
CA LEU C 612 -0.07 -20.98 -6.29
C LEU C 612 0.57 -20.72 -4.92
N TYR C 613 0.50 -19.46 -4.42
CA TYR C 613 0.97 -19.13 -3.08
C TYR C 613 0.39 -20.08 -2.04
N THR C 614 -0.86 -20.49 -2.24
CA THR C 614 -1.61 -21.18 -1.21
C THR C 614 -1.23 -22.64 -1.11
N SER C 615 -0.84 -23.23 -2.23
CA SER C 615 -0.68 -24.67 -2.36
C SER C 615 0.35 -25.24 -1.36
N LYS C 616 -0.04 -26.34 -0.70
CA LYS C 616 0.82 -26.89 0.34
C LYS C 616 2.01 -27.59 -0.28
N TYR C 617 1.76 -28.32 -1.36
CA TYR C 617 2.81 -29.04 -2.05
C TYR C 617 4.00 -28.14 -2.36
N LEU C 618 3.75 -26.96 -2.93
CA LEU C 618 4.84 -26.02 -3.10
C LEU C 618 5.45 -25.65 -1.76
N GLN C 619 4.61 -25.33 -0.79
CA GLN C 619 5.12 -24.91 0.51
C GLN C 619 5.97 -25.98 1.16
N LYS C 620 5.65 -27.25 0.93
CA LYS C 620 6.44 -28.32 1.52
C LYS C 620 7.91 -28.20 1.14
N PHE C 621 8.18 -27.82 -0.11
CA PHE C 621 9.56 -27.75 -0.59
C PHE C 621 10.37 -26.74 0.18
N MET C 622 9.75 -25.69 0.71
CA MET C 622 10.54 -24.70 1.42
C MET C 622 10.91 -25.14 2.83
N ASN C 623 10.27 -26.18 3.33
CA ASN C 623 10.59 -26.79 4.63
C ASN C 623 11.39 -28.07 4.47
N ALA C 624 12.13 -28.21 3.37
CA ALA C 624 12.79 -29.47 3.03
C ALA C 624 13.85 -29.87 4.04
N HIS C 625 14.50 -28.90 4.70
CA HIS C 625 15.47 -29.22 5.75
C HIS C 625 14.80 -30.06 6.83
N ASN C 626 13.55 -29.73 7.18
CA ASN C 626 12.81 -30.51 8.16
C ASN C 626 12.44 -31.89 7.57
N VAL D 3 -40.51 20.86 -27.81
CA VAL D 3 -39.91 19.83 -26.97
C VAL D 3 -38.59 20.33 -26.36
N SER D 4 -38.66 20.93 -25.17
CA SER D 4 -37.52 21.58 -24.50
C SER D 4 -36.97 20.73 -23.36
N LEU D 5 -35.66 20.53 -23.38
CA LEU D 5 -34.95 19.69 -22.42
C LEU D 5 -34.59 20.52 -21.19
N GLN D 6 -34.73 19.91 -20.02
CA GLN D 6 -34.58 20.62 -18.74
C GLN D 6 -33.75 19.77 -17.78
N MET D 7 -32.69 20.35 -17.22
CA MET D 7 -31.92 19.65 -16.20
C MET D 7 -32.71 19.55 -14.89
N VAL D 8 -32.36 18.54 -14.11
CA VAL D 8 -33.01 18.29 -12.82
C VAL D 8 -31.96 18.03 -11.75
N THR D 9 -32.22 18.58 -10.55
CA THR D 9 -31.51 18.36 -9.30
C THR D 9 -32.21 17.23 -8.55
N VAL D 10 -31.47 16.54 -7.68
CA VAL D 10 -32.07 15.44 -6.94
C VAL D 10 -31.66 15.52 -5.48
N GLY D 11 -32.50 14.94 -4.62
CA GLY D 11 -32.32 15.00 -3.18
C GLY D 11 -31.33 13.99 -2.65
N HIS D 12 -31.42 13.81 -1.32
CA HIS D 12 -30.49 12.96 -0.57
C HIS D 12 -30.51 11.50 -1.01
N ASN D 13 -31.66 11.00 -1.46
CA ASN D 13 -31.73 9.62 -1.89
C ASN D 13 -31.69 9.48 -3.41
N ILE D 14 -30.83 10.24 -4.09
CA ILE D 14 -30.71 10.11 -5.53
C ILE D 14 -30.23 8.70 -5.85
N ALA D 15 -29.53 8.08 -4.91
CA ALA D 15 -28.94 6.76 -5.13
C ALA D 15 -29.97 5.70 -5.51
N LEU D 16 -31.22 5.86 -5.06
CA LEU D 16 -32.28 4.92 -5.41
C LEU D 16 -32.41 4.72 -6.91
N ILE D 17 -32.25 5.77 -7.70
CA ILE D 17 -32.60 5.69 -9.11
C ILE D 17 -31.56 4.86 -9.84
N GLN D 18 -32.01 3.86 -10.57
CA GLN D 18 -31.12 2.98 -11.32
C GLN D 18 -31.76 2.69 -12.65
N PRO D 19 -31.03 2.12 -13.60
CA PRO D 19 -31.68 1.65 -14.84
C PRO D 19 -32.67 0.54 -14.58
N GLY D 20 -33.76 0.54 -15.34
CA GLY D 20 -34.80 -0.43 -15.11
C GLY D 20 -35.90 0.01 -14.14
N PHE D 21 -35.85 1.24 -13.65
CA PHE D 21 -36.90 1.70 -12.75
C PHE D 21 -38.18 1.96 -13.54
N SER D 22 -39.29 2.11 -12.81
CA SER D 22 -40.58 2.39 -13.42
C SER D 22 -41.24 3.54 -12.69
N LEU D 23 -42.01 4.33 -13.44
CA LEU D 23 -42.81 5.43 -12.90
C LEU D 23 -44.28 5.23 -13.21
N MET D 24 -45.13 5.49 -12.23
CA MET D 24 -46.57 5.33 -12.40
C MET D 24 -47.30 6.61 -12.02
N ASN D 25 -48.34 6.91 -12.78
CA ASN D 25 -49.11 8.13 -12.62
C ASN D 25 -50.49 7.78 -12.06
N PHE D 26 -50.80 8.34 -10.90
CA PHE D 26 -52.09 8.16 -10.23
C PHE D 26 -52.66 9.54 -9.97
N ASP D 27 -53.63 9.99 -10.77
CA ASP D 27 -54.33 11.22 -10.46
C ASP D 27 -53.35 12.40 -10.52
N GLY D 28 -52.46 12.36 -11.50
CA GLY D 28 -51.49 13.42 -11.68
C GLY D 28 -50.25 13.33 -10.80
N GLN D 29 -50.36 12.71 -9.62
CA GLN D 29 -49.22 12.45 -8.75
C GLN D 29 -48.40 11.29 -9.31
N VAL D 30 -47.11 11.53 -9.53
CA VAL D 30 -46.20 10.53 -10.08
C VAL D 30 -45.58 9.73 -8.95
N PHE D 31 -45.31 8.45 -9.20
CA PHE D 31 -44.65 7.60 -8.23
C PHE D 31 -43.53 6.80 -8.88
N PHE D 32 -42.60 6.37 -8.04
CA PHE D 32 -41.35 5.77 -8.46
C PHE D 32 -41.22 4.42 -7.78
N PHE D 33 -40.80 3.43 -8.54
CA PHE D 33 -40.68 2.09 -8.01
C PHE D 33 -39.51 1.44 -8.71
N GLY D 34 -38.84 0.54 -7.99
CA GLY D 34 -37.68 -0.15 -8.53
C GLY D 34 -36.35 0.40 -8.06
N GLN D 35 -36.24 0.62 -6.75
CA GLN D 35 -35.03 1.18 -6.19
C GLN D 35 -33.87 0.18 -6.26
N LYS D 36 -32.66 0.71 -6.33
CA LYS D 36 -31.48 -0.11 -6.21
C LYS D 36 -31.40 -0.66 -4.80
N GLY D 37 -30.89 -1.88 -4.67
CA GLY D 37 -30.77 -2.54 -3.39
C GLY D 37 -32.12 -2.82 -2.75
N TRP D 38 -32.14 -3.65 -1.71
CA TRP D 38 -33.41 -3.93 -1.04
C TRP D 38 -33.90 -2.71 -0.26
N PRO D 39 -35.20 -2.58 -0.05
CA PRO D 39 -35.72 -1.43 0.68
C PRO D 39 -35.12 -1.35 2.07
N LYS D 40 -34.80 -0.11 2.46
CA LYS D 40 -34.15 0.21 3.72
C LYS D 40 -35.16 0.85 4.66
N ARG D 41 -34.79 0.89 5.95
CA ARG D 41 -35.71 1.36 6.97
C ARG D 41 -36.21 2.77 6.74
N SER D 42 -35.50 3.58 5.94
CA SER D 42 -36.02 4.90 5.60
C SER D 42 -37.34 4.82 4.84
N CYS D 43 -37.48 3.81 3.94
CA CYS D 43 -38.73 3.54 3.22
C CYS D 43 -38.87 2.04 2.98
N PRO D 44 -39.60 1.32 3.85
CA PRO D 44 -39.68 -0.15 3.68
C PRO D 44 -40.49 -0.62 2.48
N THR D 45 -41.41 0.18 1.95
CA THR D 45 -42.15 -0.32 0.80
C THR D 45 -41.30 -0.38 -0.45
N GLY D 46 -40.35 0.53 -0.59
CA GLY D 46 -39.63 0.69 -1.84
C GLY D 46 -40.37 1.51 -2.87
N VAL D 47 -41.49 2.11 -2.52
CA VAL D 47 -42.22 2.98 -3.42
C VAL D 47 -42.19 4.40 -2.89
N PHE D 48 -41.98 5.35 -3.79
CA PHE D 48 -41.72 6.73 -3.40
C PHE D 48 -42.61 7.67 -4.19
N HIS D 49 -43.00 8.78 -3.55
N HIS D 49 -43.03 8.76 -3.54
CA HIS D 49 -43.56 9.90 -4.29
CA HIS D 49 -43.53 9.91 -4.27
C HIS D 49 -42.45 10.58 -5.09
C HIS D 49 -42.40 10.47 -5.13
N PHE D 50 -42.72 10.85 -6.37
CA PHE D 50 -41.71 11.34 -7.32
C PHE D 50 -42.15 12.74 -7.74
N ASP D 51 -41.72 13.75 -6.97
CA ASP D 51 -42.22 15.12 -7.10
C ASP D 51 -41.10 16.03 -7.58
N ILE D 52 -41.27 16.60 -8.76
CA ILE D 52 -40.34 17.56 -9.34
C ILE D 52 -40.97 18.94 -9.27
N LYS D 53 -40.41 19.78 -8.40
CA LYS D 53 -40.81 21.17 -8.21
C LYS D 53 -39.59 22.04 -8.45
N GLN D 54 -39.75 23.01 -9.36
CA GLN D 54 -38.65 23.91 -9.72
C GLN D 54 -37.43 23.11 -10.15
N ASN D 55 -37.66 22.15 -11.04
CA ASN D 55 -36.60 21.31 -11.60
C ASN D 55 -35.77 20.61 -10.53
N HIS D 56 -36.30 20.47 -9.32
CA HIS D 56 -35.65 19.70 -8.27
C HIS D 56 -36.56 18.54 -7.90
N LEU D 57 -36.00 17.34 -7.90
CA LEU D 57 -36.75 16.11 -7.64
C LEU D 57 -36.52 15.68 -6.20
N LYS D 58 -37.59 15.54 -5.44
CA LYS D 58 -37.54 14.97 -4.10
C LYS D 58 -38.27 13.64 -4.11
N LEU D 59 -37.64 12.59 -3.57
CA LEU D 59 -38.27 11.30 -3.44
C LEU D 59 -38.72 11.12 -2.00
N LYS D 60 -40.05 11.05 -1.77
CA LYS D 60 -40.64 10.96 -0.43
C LYS D 60 -41.30 9.60 -0.24
N PRO D 61 -41.07 8.93 0.88
CA PRO D 61 -41.54 7.55 1.03
C PRO D 61 -43.06 7.45 0.95
N ALA D 62 -43.52 6.37 0.32
CA ALA D 62 -44.93 6.00 0.29
C ALA D 62 -45.16 4.79 1.18
N ILE D 63 -46.34 4.71 1.79
CA ILE D 63 -46.66 3.61 2.70
C ILE D 63 -47.71 2.70 2.08
N PHE D 64 -47.75 1.47 2.57
CA PHE D 64 -48.65 0.44 2.06
C PHE D 64 -49.83 0.22 3.01
N SER D 65 -50.86 -0.46 2.48
CA SER D 65 -52.07 -0.80 3.25
C SER D 65 -51.86 -2.04 4.10
N LYS D 66 -52.76 -2.25 5.06
CA LYS D 66 -52.58 -3.39 5.95
C LYS D 66 -52.68 -4.70 5.19
N ASP D 67 -53.47 -4.75 4.12
CA ASP D 67 -53.67 -5.96 3.33
C ASP D 67 -52.73 -6.07 2.12
N SER D 68 -51.61 -5.35 2.11
CA SER D 68 -50.73 -5.35 0.95
C SER D 68 -49.60 -6.35 1.09
N CYS D 69 -49.16 -6.86 -0.07
CA CYS D 69 -47.88 -7.53 -0.22
C CYS D 69 -46.77 -6.49 -0.23
N TYR D 70 -45.57 -6.91 0.21
CA TYR D 70 -44.40 -6.05 0.13
C TYR D 70 -43.50 -6.54 -1.00
N LEU D 71 -43.87 -6.13 -2.21
CA LEU D 71 -43.19 -6.62 -3.40
C LEU D 71 -41.73 -6.19 -3.36
N PRO D 72 -40.82 -6.99 -3.89
CA PRO D 72 -39.42 -6.55 -4.01
C PRO D 72 -39.30 -5.50 -5.10
N PRO D 73 -38.27 -4.66 -5.04
CA PRO D 73 -38.04 -3.73 -6.15
C PRO D 73 -37.72 -4.50 -7.43
N LEU D 74 -38.37 -4.10 -8.53
CA LEU D 74 -38.28 -4.85 -9.77
C LEU D 74 -37.73 -4.00 -10.91
N ARG D 75 -36.69 -4.52 -11.56
CA ARG D 75 -36.01 -3.85 -12.66
C ARG D 75 -36.48 -4.44 -13.98
N TYR D 76 -36.87 -3.57 -14.90
CA TYR D 76 -37.39 -3.95 -16.21
C TYR D 76 -38.61 -4.86 -16.15
N PRO D 77 -39.58 -4.63 -15.26
CA PRO D 77 -40.80 -5.43 -15.29
C PRO D 77 -41.71 -4.88 -16.37
N ALA D 78 -42.69 -5.69 -16.74
CA ALA D 78 -43.71 -5.25 -17.69
C ALA D 78 -44.83 -4.54 -16.94
N THR D 79 -45.11 -3.29 -17.32
CA THR D 79 -46.13 -2.49 -16.67
C THR D 79 -47.10 -1.87 -17.66
N CYS D 80 -48.37 -1.79 -17.25
CA CYS D 80 -49.40 -1.10 -18.01
C CYS D 80 -50.44 -0.58 -17.04
N SER D 81 -51.20 0.41 -17.49
CA SER D 81 -52.23 1.09 -16.72
C SER D 81 -53.60 0.48 -17.05
N TYR D 82 -54.40 0.26 -16.01
CA TYR D 82 -55.65 -0.49 -16.11
C TYR D 82 -56.78 0.46 -15.70
N LYS D 83 -57.84 0.51 -16.50
CA LYS D 83 -58.99 1.33 -16.14
C LYS D 83 -60.05 0.45 -15.49
N LYS D 90 -61.86 1.08 -10.42
CA LYS D 90 -60.73 1.83 -9.90
C LYS D 90 -59.48 1.72 -10.84
N HIS D 91 -58.72 2.81 -10.93
CA HIS D 91 -57.54 2.89 -11.79
C HIS D 91 -56.34 2.24 -11.09
N GLN D 92 -55.63 1.37 -11.80
CA GLN D 92 -54.58 0.61 -11.15
C GLN D 92 -53.46 0.29 -12.13
N TYR D 93 -52.36 -0.26 -11.59
CA TYR D 93 -51.17 -0.55 -12.35
C TYR D 93 -50.80 -2.02 -12.21
N ILE D 94 -50.40 -2.61 -13.32
CA ILE D 94 -50.04 -4.02 -13.38
C ILE D 94 -48.54 -4.10 -13.45
N ILE D 95 -47.92 -4.91 -12.59
CA ILE D 95 -46.48 -5.12 -12.61
C ILE D 95 -46.26 -6.60 -12.89
N HIS D 96 -45.66 -6.94 -14.02
CA HIS D 96 -45.39 -8.33 -14.31
C HIS D 96 -43.91 -8.55 -14.54
N GLY D 97 -43.35 -9.55 -13.87
CA GLY D 97 -41.99 -9.93 -14.15
C GLY D 97 -40.93 -9.06 -13.49
N GLY D 98 -39.78 -8.98 -14.16
CA GLY D 98 -38.68 -8.17 -13.68
C GLY D 98 -37.65 -8.97 -12.88
N LYS D 99 -36.53 -8.29 -12.62
CA LYS D 99 -35.39 -8.78 -11.86
C LYS D 99 -35.41 -8.19 -10.46
N THR D 100 -35.11 -9.02 -9.45
CA THR D 100 -35.04 -8.56 -8.07
C THR D 100 -33.61 -8.19 -7.70
N PRO D 101 -33.42 -7.48 -6.58
CA PRO D 101 -32.08 -7.23 -6.06
C PRO D 101 -31.19 -8.47 -5.97
N ASN D 102 -31.76 -9.66 -5.90
CA ASN D 102 -30.93 -10.86 -5.87
C ASN D 102 -30.69 -11.42 -7.25
N ASN D 103 -31.06 -10.69 -8.30
CA ASN D 103 -30.90 -11.08 -9.70
C ASN D 103 -31.78 -12.27 -10.09
N GLU D 104 -32.72 -12.66 -9.24
CA GLU D 104 -33.77 -13.58 -9.63
C GLU D 104 -34.80 -12.89 -10.51
N LEU D 105 -35.44 -13.68 -11.37
CA LEU D 105 -36.56 -13.21 -12.19
C LEU D 105 -37.86 -13.62 -11.53
N SER D 106 -38.83 -12.71 -11.51
CA SER D 106 -40.13 -12.99 -10.91
C SER D 106 -41.15 -13.22 -12.01
N ASP D 107 -41.90 -14.32 -11.92
CA ASP D 107 -43.05 -14.51 -12.80
C ASP D 107 -44.33 -13.94 -12.19
N LYS D 108 -44.35 -13.65 -10.88
CA LYS D 108 -45.54 -13.14 -10.21
C LYS D 108 -45.95 -11.79 -10.78
N ILE D 109 -47.23 -11.49 -10.61
CA ILE D 109 -47.82 -10.24 -11.07
C ILE D 109 -48.35 -9.51 -9.84
N TYR D 110 -48.10 -8.20 -9.77
CA TYR D 110 -48.53 -7.34 -8.66
C TYR D 110 -49.45 -6.24 -9.20
N ILE D 111 -50.49 -5.91 -8.43
CA ILE D 111 -51.45 -4.89 -8.80
C ILE D 111 -51.38 -3.74 -7.81
N MET D 112 -51.23 -2.53 -8.35
CA MET D 112 -51.06 -1.31 -7.58
C MET D 112 -52.25 -0.39 -7.74
N SER D 113 -52.83 0.03 -6.62
CA SER D 113 -54.02 0.87 -6.61
C SER D 113 -53.98 1.77 -5.37
N VAL D 114 -54.60 2.95 -5.49
CA VAL D 114 -54.61 3.93 -4.40
C VAL D 114 -55.56 3.46 -3.32
N ALA D 115 -55.01 3.05 -2.17
CA ALA D 115 -55.84 2.48 -1.12
C ALA D 115 -56.56 3.56 -0.34
N CYS D 116 -55.84 4.61 -0.01
CA CYS D 116 -56.32 5.71 0.81
C CYS D 116 -55.53 6.94 0.39
N LYS D 117 -56.19 8.10 0.42
CA LYS D 117 -55.54 9.35 0.04
C LYS D 117 -55.84 10.38 1.13
N ASN D 118 -54.83 10.67 1.94
CA ASN D 118 -54.93 11.66 3.01
C ASN D 118 -54.03 12.85 2.72
N ASN D 119 -54.63 14.02 2.51
CA ASN D 119 -53.88 15.27 2.31
C ASN D 119 -52.79 15.12 1.25
N LYS D 120 -53.14 14.47 0.13
CA LYS D 120 -52.28 14.29 -1.05
C LYS D 120 -50.98 13.51 -0.77
N LYS D 121 -50.88 12.78 0.33
CA LYS D 121 -49.90 11.69 0.46
C LYS D 121 -50.70 10.39 0.55
N VAL D 122 -50.38 9.45 -0.31
CA VAL D 122 -51.28 8.33 -0.58
C VAL D 122 -50.72 7.05 0.01
N THR D 123 -51.62 6.23 0.52
CA THR D 123 -51.31 4.86 0.88
C THR D 123 -51.65 3.97 -0.30
N PHE D 124 -50.78 3.01 -0.59
CA PHE D 124 -51.00 2.12 -1.71
C PHE D 124 -51.53 0.77 -1.25
N ARG D 125 -52.26 0.11 -2.14
CA ARG D 125 -52.58 -1.29 -1.97
C ARG D 125 -51.79 -2.05 -3.00
N CYS D 126 -50.97 -2.99 -2.53
CA CYS D 126 -50.21 -3.86 -3.39
C CYS D 126 -50.68 -5.29 -3.16
N THR D 127 -51.51 -5.79 -4.07
CA THR D 127 -52.06 -7.14 -4.00
C THR D 127 -51.50 -7.92 -5.20
N GLU D 128 -51.03 -9.13 -4.93
CA GLU D 128 -50.49 -9.97 -5.99
C GLU D 128 -51.58 -10.92 -6.47
N LYS D 129 -51.70 -11.04 -7.79
CA LYS D 129 -52.70 -11.90 -8.40
C LYS D 129 -52.03 -13.22 -8.77
N ASP D 130 -52.61 -14.31 -8.31
CA ASP D 130 -52.07 -15.63 -8.63
C ASP D 130 -52.30 -15.90 -10.11
N LEU D 131 -51.43 -16.75 -10.66
CA LEU D 131 -51.45 -17.00 -12.09
C LEU D 131 -51.48 -18.51 -12.31
N VAL D 132 -52.47 -18.98 -13.07
CA VAL D 132 -52.60 -20.39 -13.38
C VAL D 132 -52.82 -20.54 -14.87
N GLY D 133 -52.51 -21.74 -15.36
CA GLY D 133 -52.69 -22.01 -16.77
C GLY D 133 -51.39 -22.16 -17.49
N ASP D 134 -51.19 -21.33 -18.52
CA ASP D 134 -49.94 -21.24 -19.25
C ASP D 134 -49.18 -20.04 -18.69
N VAL D 135 -48.59 -20.21 -17.51
CA VAL D 135 -47.95 -19.03 -16.92
C VAL D 135 -46.70 -18.71 -17.73
N PRO D 136 -46.44 -17.45 -18.08
CA PRO D 136 -45.22 -17.15 -18.82
C PRO D 136 -44.01 -17.38 -17.93
N GLU D 137 -42.94 -17.86 -18.53
CA GLU D 137 -41.75 -18.12 -17.75
C GLU D 137 -41.26 -16.79 -17.21
N PRO D 138 -40.64 -16.78 -16.02
CA PRO D 138 -40.14 -15.52 -15.47
C PRO D 138 -39.18 -14.87 -16.45
N ARG D 139 -39.40 -13.58 -16.71
CA ARG D 139 -38.76 -12.87 -17.80
C ARG D 139 -38.65 -11.40 -17.45
N TYR D 140 -37.81 -10.69 -18.20
CA TYR D 140 -37.78 -9.24 -18.10
C TYR D 140 -37.80 -8.61 -19.48
N GLY D 141 -38.01 -7.29 -19.48
CA GLY D 141 -37.89 -6.53 -20.70
C GLY D 141 -38.97 -6.84 -21.70
N HIS D 142 -40.19 -7.02 -21.23
CA HIS D 142 -41.29 -7.51 -22.03
C HIS D 142 -42.48 -6.59 -21.86
N SER D 143 -43.39 -6.64 -22.82
CA SER D 143 -44.52 -5.74 -22.80
C SER D 143 -45.80 -6.43 -22.35
N ILE D 144 -46.65 -5.67 -21.68
CA ILE D 144 -47.95 -6.15 -21.25
C ILE D 144 -48.93 -5.01 -21.42
N ASP D 145 -50.10 -5.28 -22.01
CA ASP D 145 -51.11 -4.24 -22.20
C ASP D 145 -52.49 -4.87 -22.08
N VAL D 146 -53.50 -4.05 -21.77
CA VAL D 146 -54.87 -4.52 -21.70
C VAL D 146 -55.62 -4.02 -22.93
N VAL D 147 -56.32 -4.92 -23.58
CA VAL D 147 -57.10 -4.66 -24.79
C VAL D 147 -58.58 -4.77 -24.48
N TYR D 148 -59.40 -4.11 -25.29
CA TYR D 148 -60.85 -4.09 -25.07
C TYR D 148 -61.59 -4.53 -26.32
N SER D 149 -62.39 -5.60 -26.18
CA SER D 149 -63.17 -6.17 -27.28
C SER D 149 -64.55 -6.56 -26.77
N ARG D 150 -65.59 -5.99 -27.38
CA ARG D 150 -66.98 -6.33 -27.09
C ARG D 150 -67.28 -6.28 -25.59
N GLY D 151 -66.85 -5.21 -24.94
CA GLY D 151 -67.15 -5.02 -23.53
C GLY D 151 -66.49 -5.96 -22.55
N LYS D 152 -65.39 -6.62 -22.93
CA LYS D 152 -64.63 -7.48 -22.03
C LYS D 152 -63.16 -7.05 -22.02
N SER D 153 -62.53 -7.22 -20.87
CA SER D 153 -61.13 -6.81 -20.67
C SER D 153 -60.23 -8.04 -20.58
N MET D 154 -59.11 -7.98 -21.29
CA MET D 154 -58.13 -9.04 -21.37
C MET D 154 -56.74 -8.42 -21.47
N GLY D 155 -55.76 -9.00 -20.79
CA GLY D 155 -54.40 -8.49 -20.81
C GLY D 155 -53.54 -9.27 -21.78
N VAL D 156 -52.72 -8.55 -22.53
CA VAL D 156 -51.83 -9.11 -23.55
C VAL D 156 -50.40 -8.97 -23.05
N LEU D 157 -49.57 -9.98 -23.32
CA LEU D 157 -48.19 -10.01 -22.84
C LEU D 157 -47.33 -10.67 -23.91
N PHE D 158 -46.31 -9.99 -24.38
CA PHE D 158 -45.50 -10.51 -25.46
C PHE D 158 -44.07 -10.57 -24.96
N GLY D 159 -43.38 -11.65 -25.27
CA GLY D 159 -42.16 -11.99 -24.56
C GLY D 159 -41.05 -10.98 -24.46
N GLY D 160 -40.13 -11.28 -23.55
CA GLY D 160 -38.93 -10.53 -23.26
C GLY D 160 -37.84 -11.56 -23.26
N ARG D 161 -36.97 -11.59 -22.24
CA ARG D 161 -35.90 -12.58 -22.19
C ARG D 161 -35.83 -13.12 -20.77
N SER D 162 -35.13 -14.24 -20.63
CA SER D 162 -35.01 -14.92 -19.35
C SER D 162 -33.73 -15.74 -19.33
N TYR D 163 -33.51 -16.45 -18.23
CA TYR D 163 -32.38 -17.36 -18.13
C TYR D 163 -32.68 -18.67 -18.87
N MET D 164 -31.66 -19.50 -19.01
CA MET D 164 -31.85 -20.83 -19.57
C MET D 164 -32.90 -21.62 -18.77
N PRO D 165 -33.58 -22.57 -19.41
CA PRO D 165 -34.47 -23.44 -18.65
C PRO D 165 -33.66 -24.40 -17.81
N SER D 166 -34.28 -24.87 -16.72
CA SER D 166 -33.54 -25.56 -15.66
C SER D 166 -32.66 -26.70 -16.14
N THR D 167 -32.97 -27.29 -17.31
CA THR D 167 -32.20 -28.42 -17.84
C THR D 167 -30.90 -28.01 -18.54
N GLN D 168 -30.88 -26.88 -19.25
CA GLN D 168 -29.69 -26.42 -19.97
C GLN D 168 -28.85 -25.41 -19.21
N ARG D 169 -29.40 -24.78 -18.18
CA ARG D 169 -28.65 -23.74 -17.48
C ARG D 169 -27.45 -24.33 -16.76
N THR D 170 -26.27 -23.72 -16.95
CA THR D 170 -25.06 -24.20 -16.30
C THR D 170 -24.40 -23.06 -15.53
N THR D 171 -23.82 -23.39 -14.39
CA THR D 171 -23.27 -22.34 -13.53
C THR D 171 -22.15 -21.59 -14.23
N GLU D 172 -21.36 -22.26 -15.07
CA GLU D 172 -20.30 -21.56 -15.79
C GLU D 172 -20.86 -20.43 -16.64
N LYS D 173 -22.11 -20.53 -17.08
CA LYS D 173 -22.84 -19.46 -17.76
C LYS D 173 -24.16 -19.19 -17.05
N TRP D 174 -24.12 -19.22 -15.72
CA TRP D 174 -25.32 -19.08 -14.91
C TRP D 174 -26.19 -17.88 -15.29
N ASN D 175 -25.57 -16.77 -15.64
CA ASN D 175 -26.32 -15.54 -15.92
C ASN D 175 -26.74 -15.42 -17.37
N SER D 176 -26.40 -16.41 -18.19
CA SER D 176 -26.72 -16.37 -19.62
C SER D 176 -28.22 -16.19 -19.84
N VAL D 177 -28.55 -15.38 -20.83
CA VAL D 177 -29.92 -14.99 -21.10
C VAL D 177 -30.25 -15.22 -22.56
N ALA D 178 -31.50 -15.60 -22.83
CA ALA D 178 -32.00 -15.80 -24.19
C ALA D 178 -33.43 -15.28 -24.28
N ASP D 179 -33.85 -14.97 -25.50
CA ASP D 179 -35.21 -14.48 -25.73
C ASP D 179 -36.27 -15.53 -25.43
N CYS D 180 -37.34 -15.10 -24.78
CA CYS D 180 -38.46 -16.00 -24.59
C CYS D 180 -39.07 -16.31 -25.95
N LEU D 181 -39.74 -17.46 -26.03
CA LEU D 181 -40.45 -17.80 -27.24
C LEU D 181 -41.59 -16.80 -27.45
N PRO D 182 -41.77 -16.30 -28.67
CA PRO D 182 -42.68 -15.16 -28.91
C PRO D 182 -44.14 -15.56 -28.97
N HIS D 183 -44.67 -16.00 -27.82
CA HIS D 183 -46.06 -16.42 -27.72
C HIS D 183 -46.82 -15.24 -27.15
N VAL D 184 -47.93 -14.91 -27.75
CA VAL D 184 -48.76 -13.87 -27.17
C VAL D 184 -49.54 -14.51 -26.02
N PHE D 185 -49.64 -13.83 -24.88
CA PHE D 185 -50.30 -14.40 -23.70
C PHE D 185 -51.51 -13.54 -23.40
N LEU D 186 -52.70 -14.12 -23.50
CA LEU D 186 -53.88 -13.45 -22.97
C LEU D 186 -54.03 -13.79 -21.48
N ILE D 187 -54.21 -12.77 -20.66
CA ILE D 187 -54.15 -12.92 -19.20
C ILE D 187 -55.38 -12.25 -18.59
N ASP D 188 -56.25 -13.06 -17.99
CA ASP D 188 -57.45 -12.54 -17.34
C ASP D 188 -57.10 -12.23 -15.90
N PHE D 189 -57.16 -10.95 -15.55
CA PHE D 189 -56.68 -10.47 -14.27
C PHE D 189 -57.61 -10.77 -13.11
N GLU D 190 -58.91 -10.94 -13.37
CA GLU D 190 -59.82 -11.25 -12.26
C GLU D 190 -59.54 -12.63 -11.69
N PHE D 191 -59.24 -13.61 -12.55
CA PHE D 191 -59.08 -14.98 -12.10
C PHE D 191 -57.64 -15.47 -12.12
N GLY D 192 -56.78 -14.89 -12.93
CA GLY D 192 -55.44 -15.38 -12.96
C GLY D 192 -55.20 -16.53 -13.91
N CYS D 193 -55.87 -16.55 -15.04
CA CYS D 193 -55.63 -17.61 -15.98
C CYS D 193 -54.90 -17.04 -17.19
N ALA D 194 -54.09 -17.89 -17.83
CA ALA D 194 -53.21 -17.47 -18.90
C ALA D 194 -53.30 -18.44 -20.06
N THR D 195 -53.52 -17.89 -21.24
CA THR D 195 -53.68 -18.68 -22.45
C THR D 195 -52.63 -18.23 -23.44
N SER D 196 -51.84 -19.18 -23.93
CA SER D 196 -50.73 -18.84 -24.80
C SER D 196 -51.09 -19.17 -26.24
N TYR D 197 -50.83 -18.25 -27.15
CA TYR D 197 -51.12 -18.42 -28.56
C TYR D 197 -49.84 -18.34 -29.36
N ILE D 198 -49.56 -19.36 -30.16
CA ILE D 198 -48.46 -19.29 -31.10
C ILE D 198 -48.97 -18.68 -32.38
N LEU D 199 -48.26 -17.69 -32.89
CA LEU D 199 -48.74 -17.08 -34.11
C LEU D 199 -47.74 -17.29 -35.22
N PRO D 200 -48.19 -17.48 -36.46
CA PRO D 200 -47.25 -17.73 -37.56
C PRO D 200 -46.34 -16.55 -37.87
N GLU D 201 -46.88 -15.34 -37.80
CA GLU D 201 -46.16 -14.12 -38.18
C GLU D 201 -45.04 -13.75 -37.20
N LEU D 202 -45.10 -14.23 -35.93
CA LEU D 202 -44.12 -13.87 -34.90
C LEU D 202 -43.10 -15.00 -34.78
N GLN D 203 -42.06 -14.90 -35.61
CA GLN D 203 -41.08 -15.97 -35.73
C GLN D 203 -40.01 -15.92 -34.66
N ASP D 204 -39.44 -14.74 -34.44
CA ASP D 204 -38.25 -14.62 -33.61
C ASP D 204 -38.55 -13.82 -32.34
N GLY D 205 -37.69 -14.02 -31.33
CA GLY D 205 -37.87 -13.40 -30.02
C GLY D 205 -37.47 -11.94 -29.97
N LEU D 206 -38.11 -11.21 -29.05
CA LEU D 206 -38.03 -9.75 -29.06
C LEU D 206 -38.06 -9.20 -27.65
N SER D 207 -37.14 -8.27 -27.35
CA SER D 207 -37.04 -7.66 -26.03
C SER D 207 -36.89 -6.16 -26.16
N PHE D 208 -37.25 -5.48 -25.07
CA PHE D 208 -37.07 -4.04 -24.92
C PHE D 208 -37.76 -3.28 -26.04
N HIS D 209 -38.82 -3.86 -26.57
CA HIS D 209 -39.60 -3.22 -27.63
C HIS D 209 -40.61 -2.24 -27.03
N VAL D 210 -41.23 -1.47 -27.91
CA VAL D 210 -42.31 -0.57 -27.54
C VAL D 210 -43.61 -1.27 -27.88
N SER D 211 -44.61 -1.10 -27.02
CA SER D 211 -45.94 -1.63 -27.28
C SER D 211 -46.95 -0.53 -27.05
N ILE D 212 -47.85 -0.34 -28.00
CA ILE D 212 -48.86 0.70 -27.92
C ILE D 212 -50.23 0.07 -28.17
N ALA D 213 -51.19 0.36 -27.28
CA ALA D 213 -52.45 -0.38 -27.20
C ALA D 213 -53.65 0.54 -27.43
N ARG D 214 -54.50 0.17 -28.39
CA ARG D 214 -55.76 0.88 -28.65
C ARG D 214 -56.86 -0.12 -28.98
N ASN D 215 -57.98 -0.04 -28.25
CA ASN D 215 -59.19 -0.87 -28.49
C ASN D 215 -58.78 -2.35 -28.54
N ASP D 216 -59.12 -3.08 -29.60
CA ASP D 216 -58.84 -4.50 -29.65
C ASP D 216 -57.45 -4.77 -30.23
N THR D 217 -56.61 -3.74 -30.35
CA THR D 217 -55.34 -3.87 -31.05
C THR D 217 -54.16 -3.51 -30.15
N VAL D 218 -53.04 -4.18 -30.38
CA VAL D 218 -51.76 -3.89 -29.75
C VAL D 218 -50.68 -3.88 -30.81
N TYR D 219 -49.97 -2.77 -30.96
CA TYR D 219 -48.87 -2.70 -31.91
C TYR D 219 -47.55 -2.93 -31.20
N ILE D 220 -46.64 -3.64 -31.84
CA ILE D 220 -45.32 -3.91 -31.28
C ILE D 220 -44.26 -3.25 -32.16
N LEU D 221 -43.41 -2.41 -31.54
CA LEU D 221 -42.47 -1.55 -32.26
C LEU D 221 -41.03 -1.85 -31.87
N GLY D 222 -40.17 -1.95 -32.86
CA GLY D 222 -38.76 -2.12 -32.61
C GLY D 222 -38.47 -3.28 -31.70
N GLY D 223 -37.53 -3.07 -30.78
CA GLY D 223 -36.99 -4.13 -29.95
C GLY D 223 -35.71 -4.73 -30.52
N HIS D 224 -35.15 -5.66 -29.74
CA HIS D 224 -33.86 -6.29 -30.00
C HIS D 224 -33.99 -7.80 -29.87
N SER D 225 -33.50 -8.50 -30.88
CA SER D 225 -33.57 -9.95 -30.98
C SER D 225 -32.19 -10.54 -30.72
N LEU D 226 -32.08 -11.30 -29.64
CA LEU D 226 -30.76 -11.74 -29.19
C LEU D 226 -30.09 -12.69 -30.18
N ALA D 227 -30.84 -13.62 -30.79
CA ALA D 227 -30.22 -14.67 -31.61
C ALA D 227 -29.52 -14.09 -32.83
N SER D 228 -30.24 -13.30 -33.62
CA SER D 228 -29.64 -12.63 -34.77
C SER D 228 -28.75 -11.47 -34.37
N ASN D 229 -29.00 -10.90 -33.19
CA ASN D 229 -28.41 -9.65 -32.72
C ASN D 229 -28.76 -8.51 -33.66
N ILE D 230 -30.04 -8.46 -34.03
CA ILE D 230 -30.60 -7.46 -34.93
C ILE D 230 -31.63 -6.67 -34.17
N ARG D 231 -31.70 -5.38 -34.42
CA ARG D 231 -32.76 -4.60 -33.83
C ARG D 231 -33.77 -4.43 -34.95
N PRO D 232 -34.71 -5.36 -35.09
CA PRO D 232 -35.47 -5.45 -36.35
C PRO D 232 -36.36 -4.25 -36.57
N ALA D 233 -36.45 -3.87 -37.85
CA ALA D 233 -37.26 -2.73 -38.25
C ALA D 233 -38.67 -3.12 -38.66
N ASN D 234 -39.25 -4.15 -38.05
CA ASN D 234 -40.61 -4.57 -38.39
C ASN D 234 -41.51 -4.11 -37.27
N LEU D 235 -42.76 -3.84 -37.63
CA LEU D 235 -43.78 -3.50 -36.66
C LEU D 235 -44.92 -4.48 -36.87
N TYR D 236 -45.46 -5.01 -35.78
CA TYR D 236 -46.49 -6.04 -35.84
C TYR D 236 -47.75 -5.51 -35.19
N ARG D 237 -48.87 -5.66 -35.89
CA ARG D 237 -50.18 -5.36 -35.35
C ARG D 237 -50.74 -6.65 -34.78
N ILE D 238 -51.41 -6.56 -33.63
CA ILE D 238 -52.03 -7.72 -32.99
C ILE D 238 -53.45 -7.34 -32.58
N ARG D 239 -54.43 -8.02 -33.20
CA ARG D 239 -55.85 -7.85 -32.91
C ARG D 239 -56.38 -9.05 -32.12
N VAL D 240 -57.18 -8.77 -31.10
CA VAL D 240 -57.82 -9.79 -30.27
C VAL D 240 -59.32 -9.62 -30.34
N ASP D 241 -60.03 -10.73 -30.52
CA ASP D 241 -61.47 -10.77 -30.44
C ASP D 241 -61.87 -11.53 -29.18
N LEU D 242 -62.82 -10.97 -28.44
CA LEU D 242 -63.31 -11.57 -27.20
C LEU D 242 -64.76 -12.03 -27.35
N PRO D 243 -64.99 -13.24 -27.91
CA PRO D 243 -66.35 -13.79 -27.97
C PRO D 243 -66.68 -14.47 -26.65
N LEU D 244 -67.84 -15.13 -26.57
CA LEU D 244 -68.19 -15.89 -25.37
C LEU D 244 -67.29 -17.13 -25.19
N GLY D 245 -66.78 -17.67 -26.31
CA GLY D 245 -65.90 -18.82 -26.30
C GLY D 245 -64.45 -18.42 -26.22
N THR D 246 -63.56 -19.38 -26.55
CA THR D 246 -62.13 -19.13 -26.54
C THR D 246 -61.81 -17.91 -27.38
N PRO D 247 -61.00 -16.98 -26.88
CA PRO D 247 -60.68 -15.76 -27.65
C PRO D 247 -59.81 -16.06 -28.86
N ALA D 248 -59.85 -15.13 -29.82
CA ALA D 248 -59.07 -15.25 -31.04
C ALA D 248 -58.11 -14.08 -31.12
N VAL D 249 -56.86 -14.38 -31.46
CA VAL D 249 -55.80 -13.39 -31.59
C VAL D 249 -55.26 -13.44 -33.01
N ASN D 250 -55.24 -12.30 -33.69
CA ASN D 250 -54.67 -12.23 -35.03
C ASN D 250 -53.65 -11.12 -35.13
N CYS D 251 -52.50 -11.44 -35.73
CA CYS D 251 -51.43 -10.47 -35.95
C CYS D 251 -51.09 -10.38 -37.43
N THR D 252 -50.75 -9.17 -37.88
CA THR D 252 -50.38 -8.92 -39.28
C THR D 252 -49.11 -8.06 -39.31
N VAL D 253 -48.12 -8.48 -40.12
CA VAL D 253 -46.87 -7.72 -40.27
C VAL D 253 -47.15 -6.42 -41.01
N LEU D 254 -46.45 -5.34 -40.63
CA LEU D 254 -46.72 -4.03 -41.20
C LEU D 254 -45.48 -3.32 -41.75
N PRO D 255 -45.62 -2.69 -42.91
CA PRO D 255 -44.52 -1.87 -43.42
C PRO D 255 -44.44 -0.58 -42.62
N GLY D 256 -43.28 0.07 -42.72
CA GLY D 256 -43.09 1.31 -41.96
C GLY D 256 -42.67 1.12 -40.52
N GLY D 257 -41.83 0.14 -40.23
CA GLY D 257 -41.41 -0.11 -38.87
C GLY D 257 -40.10 0.58 -38.55
N ILE D 258 -40.07 1.29 -37.40
CA ILE D 258 -38.84 1.86 -36.88
C ILE D 258 -38.01 0.76 -36.25
N SER D 259 -36.71 0.96 -36.22
CA SER D 259 -35.78 0.05 -35.55
C SER D 259 -35.25 0.76 -34.32
N VAL D 260 -35.77 0.41 -33.14
CA VAL D 260 -35.41 1.07 -31.89
C VAL D 260 -35.40 0.02 -30.77
N SER D 261 -34.36 0.05 -29.94
CA SER D 261 -34.36 -0.78 -28.74
C SER D 261 -34.43 0.11 -27.51
N SER D 262 -35.17 -0.35 -26.51
CA SER D 262 -35.33 0.34 -25.23
C SER D 262 -35.93 1.73 -25.35
N ALA D 263 -36.70 2.04 -26.38
CA ALA D 263 -37.31 3.36 -26.46
C ALA D 263 -38.37 3.57 -25.37
N ILE D 264 -38.66 4.85 -25.11
CA ILE D 264 -39.66 5.28 -24.14
C ILE D 264 -40.78 5.92 -24.90
N LEU D 265 -42.03 5.65 -24.50
CA LEU D 265 -43.21 6.15 -25.19
C LEU D 265 -44.09 6.95 -24.23
N THR D 266 -44.57 8.11 -24.69
CA THR D 266 -45.43 8.96 -23.89
C THR D 266 -46.60 9.49 -24.72
N GLN D 267 -47.66 9.91 -24.02
CA GLN D 267 -48.96 10.23 -24.63
C GLN D 267 -49.14 11.72 -24.86
N THR D 268 -49.10 12.10 -26.14
CA THR D 268 -49.37 13.47 -26.59
C THR D 268 -50.85 13.64 -26.87
N ASN D 269 -51.42 14.76 -26.40
CA ASN D 269 -52.80 15.08 -26.75
C ASN D 269 -53.73 13.91 -26.43
N ASN D 270 -54.36 13.36 -27.46
CA ASN D 270 -55.15 12.14 -27.34
C ASN D 270 -54.99 11.39 -28.65
N ASP D 271 -54.75 10.08 -28.57
CA ASP D 271 -54.61 9.20 -29.72
C ASP D 271 -53.35 9.50 -30.52
N GLU D 272 -52.47 10.34 -29.98
CA GLU D 272 -51.19 10.66 -30.59
C GLU D 272 -50.10 10.31 -29.59
N PHE D 273 -49.06 9.62 -30.04
CA PHE D 273 -47.93 9.29 -29.18
C PHE D 273 -46.62 9.65 -29.85
N VAL D 274 -45.65 10.04 -29.03
CA VAL D 274 -44.27 10.30 -29.43
C VAL D 274 -43.37 9.38 -28.64
N ILE D 275 -42.34 8.84 -29.29
CA ILE D 275 -41.37 7.99 -28.62
C ILE D 275 -39.97 8.61 -28.73
N VAL D 276 -39.40 8.95 -27.56
CA VAL D 276 -38.06 9.51 -27.46
C VAL D 276 -37.07 8.36 -27.57
N GLY D 277 -35.90 8.63 -28.09
CA GLY D 277 -35.02 7.53 -28.45
C GLY D 277 -34.61 6.52 -27.40
N GLY D 278 -33.88 5.51 -27.87
CA GLY D 278 -33.26 4.46 -27.10
C GLY D 278 -32.08 4.02 -27.95
N TYR D 279 -31.48 2.87 -27.72
CA TYR D 279 -30.28 2.56 -28.50
C TYR D 279 -30.69 2.08 -29.90
N GLN D 280 -30.02 2.59 -30.93
CA GLN D 280 -30.26 2.16 -32.30
C GLN D 280 -29.23 1.16 -32.80
N LEU D 281 -28.01 1.22 -32.30
CA LEU D 281 -27.02 0.18 -32.49
C LEU D 281 -26.23 0.06 -31.21
N GLU D 282 -25.41 -0.98 -31.11
CA GLU D 282 -24.66 -1.20 -29.89
C GLU D 282 -23.84 0.04 -29.53
N ASN D 283 -23.13 0.60 -30.52
CA ASN D 283 -22.29 1.79 -30.31
C ASN D 283 -23.01 3.09 -30.62
N GLN D 284 -24.17 3.04 -31.26
CA GLN D 284 -24.89 4.23 -31.67
C GLN D 284 -26.14 4.37 -30.80
N LYS D 285 -26.89 5.43 -31.02
CA LYS D 285 -28.01 5.75 -30.16
C LYS D 285 -29.06 6.46 -30.99
N ARG D 286 -30.32 6.31 -30.62
CA ARG D 286 -31.35 6.88 -31.46
C ARG D 286 -31.59 8.30 -30.98
N MET D 287 -30.97 9.27 -31.65
CA MET D 287 -31.08 10.63 -31.19
C MET D 287 -32.35 11.32 -31.69
N VAL D 288 -32.89 10.90 -32.83
CA VAL D 288 -34.15 11.46 -33.33
C VAL D 288 -35.36 11.01 -32.51
N CYS D 289 -36.50 11.66 -32.75
CA CYS D 289 -37.77 11.28 -32.16
C CYS D 289 -38.81 11.05 -33.24
N SER D 290 -39.74 10.17 -32.94
CA SER D 290 -40.75 9.73 -33.87
C SER D 290 -42.13 10.06 -33.34
N LEU D 291 -43.02 10.45 -34.24
CA LEU D 291 -44.41 10.73 -33.91
C LEU D 291 -45.28 9.65 -34.53
N VAL D 292 -46.06 8.98 -33.70
CA VAL D 292 -46.95 7.92 -34.13
C VAL D 292 -48.37 8.36 -33.85
N SER D 293 -49.20 8.34 -34.89
CA SER D 293 -50.61 8.66 -34.83
C SER D 293 -51.42 7.41 -35.13
N LEU D 294 -52.46 7.16 -34.35
CA LEU D 294 -53.21 5.92 -34.44
C LEU D 294 -54.40 6.05 -35.39
N GLY D 295 -54.57 5.03 -36.24
CA GLY D 295 -55.75 4.90 -37.06
C GLY D 295 -56.44 3.59 -36.75
N ASP D 296 -57.76 3.56 -36.99
CA ASP D 296 -58.55 2.38 -36.65
C ASP D 296 -58.01 1.11 -37.29
N ASN D 297 -57.50 1.21 -38.52
CA ASN D 297 -56.88 0.05 -39.13
C ASN D 297 -55.41 0.25 -39.49
N THR D 298 -54.88 1.47 -39.39
CA THR D 298 -53.49 1.73 -39.76
C THR D 298 -52.81 2.57 -38.68
N ILE D 299 -51.49 2.48 -38.69
CA ILE D 299 -50.60 3.22 -37.81
C ILE D 299 -49.62 3.96 -38.69
N GLU D 300 -49.48 5.28 -38.47
CA GLU D 300 -48.58 6.10 -39.27
C GLU D 300 -47.57 6.78 -38.35
N ILE D 301 -46.30 6.61 -38.68
CA ILE D 301 -45.20 7.13 -37.87
C ILE D 301 -44.51 8.23 -38.65
N SER D 302 -44.46 9.43 -38.05
CA SER D 302 -43.86 10.59 -38.69
C SER D 302 -42.70 11.05 -37.82
N GLU D 303 -41.54 11.23 -38.44
CA GLU D 303 -40.36 11.73 -37.75
C GLU D 303 -40.56 13.19 -37.34
N MET D 304 -40.00 13.57 -36.20
CA MET D 304 -40.12 14.95 -35.74
C MET D 304 -38.75 15.60 -35.64
N GLU D 305 -38.77 16.92 -35.42
CA GLU D 305 -37.55 17.68 -35.28
C GLU D 305 -36.83 17.22 -34.02
N THR D 306 -35.54 16.90 -34.15
CA THR D 306 -34.80 16.37 -33.02
C THR D 306 -34.70 17.44 -31.92
N PRO D 307 -34.74 17.05 -30.66
CA PRO D 307 -34.68 18.03 -29.58
C PRO D 307 -33.28 18.62 -29.43
N ASP D 308 -33.19 19.65 -28.58
CA ASP D 308 -31.94 20.36 -28.36
C ASP D 308 -31.10 19.59 -27.34
N TRP D 309 -30.54 18.48 -27.81
CA TRP D 309 -29.72 17.66 -26.94
C TRP D 309 -28.48 18.40 -26.49
N THR D 310 -28.05 18.13 -25.26
CA THR D 310 -26.81 18.69 -24.72
C THR D 310 -25.63 17.81 -25.14
N SER D 311 -24.43 18.36 -25.03
CA SER D 311 -23.27 17.58 -25.41
C SER D 311 -23.02 16.43 -24.44
N ASP D 312 -23.45 16.58 -23.18
CA ASP D 312 -23.31 15.50 -22.21
C ASP D 312 -24.06 14.27 -22.68
N ILE D 313 -25.33 14.46 -23.04
CA ILE D 313 -26.19 13.37 -23.46
C ILE D 313 -25.67 12.74 -24.75
N LYS D 314 -25.19 13.56 -25.68
CA LYS D 314 -24.83 13.06 -27.01
C LYS D 314 -23.67 12.07 -26.97
N HIS D 315 -22.72 12.23 -26.04
CA HIS D 315 -21.56 11.35 -26.10
C HIS D 315 -21.61 10.19 -25.11
N SER D 316 -22.62 10.14 -24.24
CA SER D 316 -22.77 8.97 -23.37
C SER D 316 -23.22 7.77 -24.17
N LYS D 317 -22.63 6.61 -23.85
CA LYS D 317 -23.03 5.34 -24.47
C LYS D 317 -24.37 4.88 -23.90
N ILE D 318 -24.66 5.24 -22.66
CA ILE D 318 -25.82 4.75 -21.95
C ILE D 318 -26.77 5.91 -21.73
N TRP D 319 -28.06 5.68 -21.91
CA TRP D 319 -29.05 6.57 -21.32
C TRP D 319 -30.28 5.75 -20.99
N PHE D 320 -30.99 6.19 -19.97
CA PHE D 320 -32.13 5.42 -19.54
C PHE D 320 -33.14 6.40 -18.99
N GLY D 321 -34.41 6.01 -19.03
CA GLY D 321 -35.44 6.89 -18.52
C GLY D 321 -36.76 6.17 -18.51
N SER D 322 -37.79 6.87 -18.04
CA SER D 322 -39.16 6.35 -18.04
C SER D 322 -40.09 7.48 -18.42
N ASN D 323 -41.35 7.13 -18.67
CA ASN D 323 -42.37 8.14 -18.96
C ASN D 323 -42.99 8.59 -17.65
N MET D 324 -43.12 9.91 -17.49
CA MET D 324 -43.78 10.47 -16.31
C MET D 324 -45.29 10.47 -16.43
N GLY D 325 -45.81 10.50 -17.66
CA GLY D 325 -47.25 10.39 -17.83
C GLY D 325 -47.84 11.64 -18.45
N ASN D 326 -47.42 12.80 -17.93
CA ASN D 326 -47.98 14.05 -18.41
C ASN D 326 -47.24 14.48 -19.67
N GLY D 327 -47.17 13.57 -20.64
CA GLY D 327 -46.49 13.80 -21.90
C GLY D 327 -45.06 14.25 -21.68
N THR D 328 -44.47 13.80 -20.57
CA THR D 328 -43.15 14.22 -20.14
C THR D 328 -42.30 13.01 -19.77
N ILE D 329 -41.09 12.96 -20.28
CA ILE D 329 -40.14 11.88 -20.07
C ILE D 329 -39.19 12.31 -18.96
N PHE D 330 -38.72 11.36 -18.17
CA PHE D 330 -37.66 11.61 -17.21
C PHE D 330 -36.48 10.72 -17.62
N LEU D 331 -35.43 11.31 -18.17
CA LEU D 331 -34.32 10.51 -18.68
C LEU D 331 -33.05 10.75 -17.89
N GLY D 332 -32.11 9.84 -18.05
CA GLY D 332 -30.93 9.80 -17.21
C GLY D 332 -29.67 9.47 -18.00
N ILE D 333 -28.56 10.03 -17.53
CA ILE D 333 -27.24 9.88 -18.13
C ILE D 333 -26.28 9.39 -17.07
N PRO D 334 -25.37 8.49 -17.42
CA PRO D 334 -24.36 8.08 -16.44
C PRO D 334 -23.52 9.29 -16.13
N GLY D 335 -23.28 9.52 -14.85
CA GLY D 335 -22.53 10.68 -14.42
C GLY D 335 -21.06 10.38 -14.19
N ASP D 336 -20.38 11.43 -13.74
CA ASP D 336 -18.99 11.34 -13.36
C ASP D 336 -18.82 10.54 -12.06
N ASN D 337 -17.71 9.80 -11.99
CA ASN D 337 -17.28 9.13 -10.75
C ASN D 337 -18.40 8.29 -10.12
N GLU D 343 -22.53 13.19 -8.39
CA GLU D 343 -23.64 12.28 -8.64
C GLU D 343 -23.28 11.18 -9.66
N ALA D 344 -23.81 9.98 -9.45
CA ALA D 344 -23.56 8.84 -10.32
C ALA D 344 -24.34 8.94 -11.63
N PHE D 345 -25.45 9.67 -11.63
CA PHE D 345 -26.26 9.87 -12.82
C PHE D 345 -26.67 11.33 -12.95
N TYR D 346 -26.84 11.75 -14.18
CA TYR D 346 -27.31 13.09 -14.52
C TYR D 346 -28.70 12.98 -15.10
N PHE D 347 -29.65 13.71 -14.55
CA PHE D 347 -31.05 13.56 -14.94
C PHE D 347 -31.58 14.79 -15.66
N TYR D 348 -32.45 14.54 -16.63
CA TYR D 348 -33.14 15.56 -17.39
C TYR D 348 -34.65 15.26 -17.42
N THR D 349 -35.45 16.29 -17.74
CA THR D 349 -36.88 16.11 -17.97
C THR D 349 -37.24 16.75 -19.31
N LEU D 350 -37.44 15.90 -20.32
CA LEU D 350 -37.71 16.32 -21.68
C LEU D 350 -39.20 16.23 -21.94
N ARG D 351 -39.81 17.35 -22.31
CA ARG D 351 -41.26 17.48 -22.41
C ARG D 351 -41.74 17.37 -23.85
N CYS D 352 -43.00 16.96 -24.00
CA CYS D 352 -43.69 16.90 -25.29
C CYS D 352 -45.09 17.43 -25.07
N SER D 353 -45.56 18.30 -25.96
CA SER D 353 -46.83 19.00 -25.78
C SER D 353 -46.88 19.77 -24.46
N GLY E 11 26.28 -63.41 5.62
CA GLY E 11 25.79 -64.20 4.51
C GLY E 11 25.39 -65.62 4.86
N LYS E 12 24.54 -66.21 4.01
CA LYS E 12 24.08 -67.58 4.13
C LYS E 12 24.56 -68.39 2.93
N MET E 13 25.06 -69.60 3.18
CA MET E 13 25.81 -70.36 2.18
C MET E 13 25.01 -71.58 1.73
N SER E 14 24.92 -71.76 0.41
CA SER E 14 24.25 -72.89 -0.20
C SER E 14 25.13 -74.14 -0.12
N SER E 15 24.56 -75.29 -0.52
CA SER E 15 25.30 -76.55 -0.47
C SER E 15 26.49 -76.53 -1.42
N TYR E 16 26.26 -76.09 -2.65
CA TYR E 16 27.34 -75.95 -3.62
C TYR E 16 28.46 -75.03 -3.10
N ALA E 17 28.10 -74.00 -2.33
CA ALA E 17 29.10 -73.04 -1.85
C ALA E 17 29.98 -73.64 -0.75
N PHE E 18 29.38 -74.40 0.15
CA PHE E 18 30.17 -75.18 1.11
C PHE E 18 31.08 -76.16 0.39
N PHE E 19 30.56 -76.82 -0.66
CA PHE E 19 31.38 -77.70 -1.49
C PHE E 19 32.63 -76.97 -1.97
N VAL E 20 32.44 -75.79 -2.57
CA VAL E 20 33.56 -75.05 -3.14
C VAL E 20 34.53 -74.59 -2.06
N GLN E 21 34.01 -74.21 -0.88
CA GLN E 21 34.91 -73.79 0.20
C GLN E 21 35.79 -74.94 0.65
N THR E 22 35.19 -76.11 0.90
CA THR E 22 35.98 -77.27 1.30
C THR E 22 37.01 -77.64 0.24
N CYS E 23 36.64 -77.53 -1.04
CA CYS E 23 37.62 -77.80 -2.10
C CYS E 23 38.78 -76.81 -2.04
N ARG E 24 38.49 -75.55 -1.77
CA ARG E 24 39.55 -74.55 -1.62
C ARG E 24 40.47 -74.90 -0.46
N GLU E 25 39.91 -75.39 0.64
CA GLU E 25 40.73 -75.80 1.79
C GLU E 25 41.65 -76.97 1.43
N GLU E 26 41.10 -77.99 0.76
CA GLU E 26 41.91 -79.13 0.31
C GLU E 26 43.04 -78.66 -0.61
N HIS E 27 42.72 -77.78 -1.56
CA HIS E 27 43.74 -77.26 -2.46
C HIS E 27 44.83 -76.52 -1.70
N LYS E 28 44.46 -75.74 -0.68
CA LYS E 28 45.48 -74.98 0.05
C LYS E 28 46.38 -75.89 0.87
N LYS E 29 45.83 -76.98 1.43
CA LYS E 29 46.67 -77.89 2.19
C LYS E 29 47.54 -78.78 1.30
N LYS E 30 47.07 -79.12 0.10
CA LYS E 30 47.88 -79.91 -0.82
C LYS E 30 48.97 -79.05 -1.47
N HIS E 31 48.66 -77.79 -1.78
CA HIS E 31 49.53 -76.89 -2.53
C HIS E 31 49.70 -75.58 -1.77
N PRO E 32 50.61 -75.53 -0.80
CA PRO E 32 50.73 -74.31 0.02
C PRO E 32 51.35 -73.12 -0.71
N ASP E 33 52.38 -73.33 -1.53
CA ASP E 33 53.03 -72.22 -2.20
C ASP E 33 52.31 -71.80 -3.49
N ALA E 34 51.08 -72.26 -3.71
CA ALA E 34 50.44 -72.23 -5.03
C ALA E 34 49.26 -71.28 -5.06
N SER E 35 49.27 -70.37 -6.03
CA SER E 35 48.23 -69.37 -6.21
C SER E 35 47.22 -69.85 -7.25
N VAL E 36 45.99 -70.08 -6.80
CA VAL E 36 44.97 -70.69 -7.65
C VAL E 36 44.41 -69.66 -8.63
N ASN E 37 44.03 -70.13 -9.82
CA ASN E 37 43.30 -69.32 -10.79
C ASN E 37 41.81 -69.53 -10.55
N PHE E 38 41.03 -68.46 -10.75
CA PHE E 38 39.62 -68.47 -10.35
C PHE E 38 38.73 -69.06 -11.44
N SER E 39 38.91 -68.64 -12.70
CA SER E 39 38.03 -69.09 -13.77
C SER E 39 38.22 -70.58 -14.06
N GLU E 40 39.43 -71.11 -13.82
CA GLU E 40 39.67 -72.54 -13.98
C GLU E 40 39.16 -73.34 -12.80
N PHE E 41 39.30 -72.79 -11.59
CA PHE E 41 38.83 -73.48 -10.40
C PHE E 41 37.32 -73.61 -10.39
N SER E 42 36.61 -72.60 -10.90
CA SER E 42 35.15 -72.73 -10.98
C SER E 42 34.75 -73.86 -11.93
N LYS E 43 35.48 -74.02 -13.05
CA LYS E 43 35.20 -75.12 -13.97
C LYS E 43 35.40 -76.48 -13.30
N LYS E 44 36.58 -76.69 -12.69
CA LYS E 44 36.86 -78.01 -12.11
C LYS E 44 35.94 -78.30 -10.92
N CYS E 45 35.63 -77.29 -10.10
CA CYS E 45 34.66 -77.49 -9.03
C CYS E 45 33.28 -77.81 -9.58
N SER E 46 32.90 -77.17 -10.69
CA SER E 46 31.58 -77.42 -11.26
C SER E 46 31.47 -78.83 -11.83
N GLU E 47 32.56 -79.35 -12.40
CA GLU E 47 32.53 -80.74 -12.86
C GLU E 47 32.47 -81.72 -11.69
N ARG E 48 33.23 -81.47 -10.61
CA ARG E 48 33.17 -82.34 -9.43
C ARG E 48 31.77 -82.36 -8.83
N TRP E 49 31.08 -81.22 -8.83
CA TRP E 49 29.69 -81.20 -8.36
C TRP E 49 28.76 -81.91 -9.36
N LYS E 50 29.04 -81.79 -10.66
CA LYS E 50 28.22 -82.47 -11.67
C LYS E 50 28.80 -83.84 -12.02
N ALA E 54 25.63 -88.33 -5.49
CA ALA E 54 24.41 -88.07 -4.74
C ALA E 54 24.61 -88.33 -3.24
N LYS E 55 25.71 -89.01 -2.91
CA LYS E 55 26.05 -89.31 -1.52
C LYS E 55 27.17 -88.42 -0.99
N GLU E 56 28.14 -88.08 -1.84
CA GLU E 56 29.15 -87.11 -1.46
C GLU E 56 28.50 -85.80 -1.01
N LYS E 57 27.49 -85.35 -1.75
CA LYS E 57 26.90 -84.03 -1.54
C LYS E 57 26.06 -83.94 -0.27
N GLY E 58 25.64 -85.08 0.30
CA GLY E 58 24.77 -85.04 1.47
C GLY E 58 25.40 -84.37 2.68
N LYS E 59 26.71 -84.52 2.86
CA LYS E 59 27.41 -83.86 3.97
C LYS E 59 27.28 -82.34 3.87
N PHE E 60 27.57 -81.79 2.69
CA PHE E 60 27.43 -80.36 2.46
C PHE E 60 25.97 -79.93 2.60
N GLU E 61 25.04 -80.77 2.13
CA GLU E 61 23.61 -80.46 2.22
C GLU E 61 23.20 -80.25 3.67
N ASP E 62 23.62 -81.16 4.56
CA ASP E 62 23.28 -81.02 5.97
C ASP E 62 24.04 -79.88 6.64
N MET E 63 25.26 -79.57 6.20
CA MET E 63 26.01 -78.42 6.70
C MET E 63 25.29 -77.09 6.44
N ALA E 64 24.61 -76.99 5.29
CA ALA E 64 23.99 -75.72 4.89
C ALA E 64 22.87 -75.28 5.83
N LYS E 65 22.10 -76.21 6.40
CA LYS E 65 21.03 -75.79 7.30
C LYS E 65 21.58 -75.26 8.63
N ALA E 66 22.72 -75.81 9.09
CA ALA E 66 23.40 -75.23 10.25
C ALA E 66 23.84 -73.80 9.96
N ASP E 67 24.37 -73.57 8.74
CA ASP E 67 24.70 -72.19 8.40
C ASP E 67 23.45 -71.29 8.35
N LYS E 68 22.30 -71.84 7.94
CA LYS E 68 21.06 -71.04 7.95
C LYS E 68 20.65 -70.63 9.37
N ALA E 69 20.78 -71.55 10.33
CA ALA E 69 20.51 -71.18 11.73
C ALA E 69 21.47 -70.08 12.21
N ARG E 70 22.75 -70.18 11.82
CA ARG E 70 23.72 -69.11 12.14
C ARG E 70 23.31 -67.76 11.55
N TYR E 71 22.79 -67.78 10.31
CA TYR E 71 22.28 -66.55 9.70
C TYR E 71 21.09 -65.98 10.49
N GLU E 72 20.23 -66.86 11.02
CA GLU E 72 19.13 -66.40 11.85
C GLU E 72 19.64 -65.63 13.07
N ARG E 73 20.59 -66.23 13.81
CA ARG E 73 21.16 -65.53 14.96
C ARG E 73 21.77 -64.19 14.55
N GLU E 74 22.52 -64.17 13.45
CA GLU E 74 23.19 -62.94 13.04
C GLU E 74 22.17 -61.86 12.63
N MET E 75 21.05 -62.26 12.03
CA MET E 75 20.00 -61.29 11.69
C MET E 75 19.45 -60.63 12.95
N LYS E 76 19.13 -61.44 13.96
CA LYS E 76 18.63 -60.84 15.21
C LYS E 76 19.77 -60.26 16.05
N ARG E 97 45.30 -21.00 1.66
CA ARG E 97 45.10 -20.83 3.10
C ARG E 97 46.31 -21.31 3.90
N PRO E 98 47.25 -20.39 4.17
CA PRO E 98 48.41 -20.77 4.97
C PRO E 98 47.99 -21.20 6.35
N PRO E 99 48.77 -22.08 6.99
CA PRO E 99 48.29 -22.79 8.17
C PRO E 99 48.41 -21.94 9.44
N SER E 100 47.73 -22.42 10.48
CA SER E 100 47.85 -21.82 11.79
C SER E 100 49.31 -21.81 12.24
N ALA E 101 49.64 -20.87 13.14
CA ALA E 101 50.97 -20.88 13.75
C ALA E 101 51.23 -22.19 14.49
N PHE E 102 50.18 -22.76 15.10
CA PHE E 102 50.30 -24.08 15.71
C PHE E 102 50.63 -25.14 14.68
N PHE E 103 50.06 -25.05 13.48
CA PHE E 103 50.40 -25.97 12.40
C PHE E 103 51.87 -25.83 11.96
N LEU E 104 52.33 -24.59 11.81
CA LEU E 104 53.73 -24.37 11.41
C LEU E 104 54.70 -24.95 12.43
N PHE E 105 54.42 -24.74 13.72
CA PHE E 105 55.24 -25.34 14.79
C PHE E 105 55.16 -26.87 14.76
N CYS E 106 53.94 -27.41 14.58
CA CYS E 106 53.70 -28.85 14.60
C CYS E 106 54.46 -29.57 13.50
N SER E 107 54.45 -29.00 12.30
CA SER E 107 55.08 -29.65 11.15
C SER E 107 56.58 -29.84 11.38
N GLU E 108 57.26 -28.83 11.93
CA GLU E 108 58.69 -28.95 12.18
C GLU E 108 58.97 -29.94 13.31
N TYR E 109 58.18 -29.90 14.38
CA TYR E 109 58.48 -30.85 15.46
C TYR E 109 58.09 -32.29 15.13
N ARG E 110 57.39 -32.54 14.02
CA ARG E 110 57.07 -33.93 13.63
C ARG E 110 58.26 -34.89 13.54
N PRO E 111 59.43 -34.51 12.98
CA PRO E 111 60.52 -35.50 12.85
C PRO E 111 61.08 -35.98 14.18
N LYS E 112 61.18 -35.08 15.17
CA LYS E 112 61.67 -35.46 16.49
C LYS E 112 60.73 -36.44 17.19
N ILE E 113 59.41 -36.24 17.06
CA ILE E 113 58.45 -37.17 17.65
C ILE E 113 58.53 -38.54 16.95
N LYS E 114 58.70 -38.55 15.63
CA LYS E 114 58.92 -39.83 14.94
C LYS E 114 60.16 -40.54 15.48
N GLY E 115 61.24 -39.77 15.72
CA GLY E 115 62.41 -40.35 16.38
C GLY E 115 62.10 -40.92 17.76
N GLU E 116 61.29 -40.21 18.53
CA GLU E 116 60.94 -40.65 19.89
C GLU E 116 60.29 -42.02 19.90
N ILE E 122 49.84 -41.15 14.32
CA ILE E 122 49.43 -39.80 13.99
C ILE E 122 48.67 -39.17 15.15
N GLY E 123 47.61 -39.84 15.61
CA GLY E 123 46.90 -39.33 16.77
C GLY E 123 47.79 -39.16 17.98
N ASP E 124 48.66 -40.15 18.22
CA ASP E 124 49.60 -40.06 19.32
C ASP E 124 50.62 -38.94 19.10
N VAL E 125 51.12 -38.81 17.86
CA VAL E 125 52.06 -37.73 17.54
C VAL E 125 51.44 -36.37 17.79
N ALA E 126 50.18 -36.19 17.39
CA ALA E 126 49.53 -34.89 17.56
C ALA E 126 49.22 -34.59 19.02
N LYS E 127 48.87 -35.62 19.80
CA LYS E 127 48.74 -35.41 21.25
C LYS E 127 50.03 -34.87 21.83
N LYS E 128 51.16 -35.50 21.50
CA LYS E 128 52.46 -35.02 22.01
C LYS E 128 52.76 -33.60 21.52
N LEU E 129 52.49 -33.34 20.23
CA LEU E 129 52.74 -32.02 19.66
C LEU E 129 51.94 -30.94 20.37
N GLY E 130 50.65 -31.19 20.62
CA GLY E 130 49.82 -30.21 21.29
C GLY E 130 50.23 -29.96 22.73
N GLU E 131 50.57 -31.02 23.46
CA GLU E 131 51.03 -30.83 24.83
C GLU E 131 52.29 -29.95 24.87
N MET E 132 53.26 -30.24 24.01
CA MET E 132 54.50 -29.46 24.06
C MET E 132 54.30 -28.03 23.57
N TRP E 133 53.45 -27.83 22.56
CA TRP E 133 53.14 -26.46 22.13
C TRP E 133 52.44 -25.68 23.23
N ASN E 134 51.51 -26.31 23.95
CA ASN E 134 50.82 -25.63 25.05
C ASN E 134 51.80 -25.24 26.15
N ASN E 135 52.77 -26.12 26.45
CA ASN E 135 53.73 -25.79 27.50
C ASN E 135 54.62 -24.62 27.09
N THR E 136 55.03 -24.55 25.82
CA THR E 136 55.81 -23.39 25.38
C THR E 136 55.03 -22.10 25.61
N ASP E 139 56.55 -15.24 24.17
CA ASP E 139 57.59 -14.92 23.19
C ASP E 139 58.02 -16.18 22.46
N ASP E 140 57.57 -17.33 22.95
CA ASP E 140 57.94 -18.60 22.31
C ASP E 140 57.33 -18.74 20.93
N LYS E 141 56.04 -18.42 20.78
CA LYS E 141 55.33 -18.57 19.52
C LYS E 141 55.21 -17.25 18.75
N GLN E 142 55.89 -16.20 19.20
CA GLN E 142 55.88 -14.95 18.45
C GLN E 142 56.47 -15.06 17.04
N PRO E 143 57.58 -15.79 16.81
CA PRO E 143 58.10 -15.87 15.43
C PRO E 143 57.21 -16.65 14.48
N TYR E 144 56.62 -17.76 14.91
CA TYR E 144 55.69 -18.51 14.06
C TYR E 144 54.47 -17.66 13.71
N GLU E 145 54.01 -16.83 14.66
CA GLU E 145 52.89 -15.93 14.37
C GLU E 145 53.30 -14.76 13.48
N LYS E 146 54.57 -14.34 13.52
CA LYS E 146 55.03 -13.34 12.55
C LYS E 146 55.06 -13.92 11.13
N LYS E 147 55.51 -15.17 10.99
CA LYS E 147 55.43 -15.86 9.70
C LYS E 147 53.99 -15.99 9.21
N ALA E 148 53.08 -16.36 10.13
CA ALA E 148 51.66 -16.43 9.78
C ALA E 148 51.08 -15.05 9.45
N ALA E 149 51.59 -13.97 10.08
CA ALA E 149 51.12 -12.62 9.77
C ALA E 149 51.55 -12.19 8.37
N LYS E 150 52.77 -12.56 7.97
CA LYS E 150 53.19 -12.32 6.58
C LYS E 150 52.34 -13.14 5.60
N LEU E 151 52.00 -14.38 5.96
CA LEU E 151 51.21 -15.23 5.06
C LEU E 151 49.73 -14.85 4.98
N LYS E 152 49.20 -14.17 6.00
CA LYS E 152 47.77 -13.81 6.02
C LYS E 152 47.43 -12.82 4.90
N GLU E 153 48.27 -11.81 4.69
CA GLU E 153 48.03 -10.86 3.60
C GLU E 153 48.10 -11.55 2.24
N LYS E 154 49.01 -12.52 2.09
CA LYS E 154 49.12 -13.25 0.84
C LYS E 154 47.89 -14.11 0.58
N TYR E 155 47.34 -14.74 1.62
CA TYR E 155 46.07 -15.44 1.45
C TYR E 155 44.97 -14.47 1.02
N GLU E 156 44.89 -13.31 1.69
CA GLU E 156 43.82 -12.36 1.39
C GLU E 156 43.87 -11.90 -0.06
N LYS E 157 45.06 -11.55 -0.55
CA LYS E 157 45.20 -11.17 -1.95
C LYS E 157 45.24 -12.40 -2.85
#